data_2IMN
# 
_entry.id   2IMN 
# 
_audit_conform.dict_name       mmcif_pdbx.dic 
_audit_conform.dict_version    5.399 
_audit_conform.dict_location   http://mmcif.pdb.org/dictionaries/ascii/mmcif_pdbx.dic 
# 
loop_
_database_2.database_id 
_database_2.database_code 
_database_2.pdbx_database_accession 
_database_2.pdbx_DOI 
PDB   2IMN         pdb_00002imn 10.2210/pdb2imn/pdb 
WWPDB D_1000178258 ?            ?                   
# 
loop_
_pdbx_audit_revision_history.ordinal 
_pdbx_audit_revision_history.data_content_type 
_pdbx_audit_revision_history.major_revision 
_pdbx_audit_revision_history.minor_revision 
_pdbx_audit_revision_history.revision_date 
1 'Structure model' 1 0 1993-07-15 
2 'Structure model' 1 1 2008-03-24 
3 'Structure model' 1 2 2011-07-13 
4 'Structure model' 1 3 2024-06-05 
5 'Structure model' 1 4 2024-12-25 
# 
_pdbx_audit_revision_details.ordinal             1 
_pdbx_audit_revision_details.revision_ordinal    1 
_pdbx_audit_revision_details.data_content_type   'Structure model' 
_pdbx_audit_revision_details.provider            repository 
_pdbx_audit_revision_details.type                'Initial release' 
_pdbx_audit_revision_details.description         ? 
_pdbx_audit_revision_details.details             ? 
# 
loop_
_pdbx_audit_revision_group.ordinal 
_pdbx_audit_revision_group.revision_ordinal 
_pdbx_audit_revision_group.data_content_type 
_pdbx_audit_revision_group.group 
1  2 'Structure model' 'Version format compliance' 
2  3 'Structure model' 'Derived calculations'      
3  3 'Structure model' 'Version format compliance' 
4  4 'Structure model' 'Data collection'           
5  4 'Structure model' 'Database references'       
6  4 'Structure model' 'Derived calculations'      
7  4 'Structure model' Other                       
8  5 'Structure model' Advisory                    
9  5 'Structure model' 'Derived calculations'      
10 5 'Structure model' 'Structure summary'         
# 
loop_
_pdbx_audit_revision_category.ordinal 
_pdbx_audit_revision_category.revision_ordinal 
_pdbx_audit_revision_category.data_content_type 
_pdbx_audit_revision_category.category 
1  4 'Structure model' chem_comp_atom               
2  4 'Structure model' chem_comp_bond               
3  4 'Structure model' database_2                   
4  4 'Structure model' pdbx_database_status         
5  4 'Structure model' pdbx_struct_special_symmetry 
6  4 'Structure model' struct_conn                  
7  4 'Structure model' struct_ref_seq_dif           
8  4 'Structure model' struct_sheet                 
9  4 'Structure model' struct_site                  
10 5 'Structure model' pdbx_entry_details           
11 5 'Structure model' pdbx_modification_feature    
12 5 'Structure model' pdbx_validate_symm_contact   
13 5 'Structure model' struct_conn                  
14 5 'Structure model' struct_conn_type             
# 
loop_
_pdbx_audit_revision_item.ordinal 
_pdbx_audit_revision_item.revision_ordinal 
_pdbx_audit_revision_item.data_content_type 
_pdbx_audit_revision_item.item 
1 4 'Structure model' '_database_2.pdbx_DOI'                
2 4 'Structure model' '_database_2.pdbx_database_accession' 
3 4 'Structure model' '_pdbx_database_status.process_site'  
4 4 'Structure model' '_struct_conn.pdbx_leaving_atom_flag' 
5 4 'Structure model' '_struct_ref_seq_dif.details'         
6 4 'Structure model' '_struct_sheet.number_strands'        
7 4 'Structure model' '_struct_site.pdbx_auth_asym_id'      
8 4 'Structure model' '_struct_site.pdbx_auth_comp_id'      
9 4 'Structure model' '_struct_site.pdbx_auth_seq_id'       
# 
_pdbx_database_status.status_code                     REL 
_pdbx_database_status.entry_id                        2IMN 
_pdbx_database_status.recvd_initial_deposition_date   1992-03-30 
_pdbx_database_status.deposit_site                    ? 
_pdbx_database_status.process_site                    BNL 
_pdbx_database_status.SG_entry                        . 
_pdbx_database_status.pdb_format_compatible           Y 
_pdbx_database_status.status_code_mr                  ? 
_pdbx_database_status.status_code_sf                  ? 
_pdbx_database_status.status_code_cs                  ? 
_pdbx_database_status.status_code_nmr_data            ? 
_pdbx_database_status.methods_development_category    ? 
# 
loop_
_audit_author.name 
_audit_author.pdbx_ordinal 
'Steipe, B.' 1 
'Huber, R.'  2 
# 
_citation.id                        primary 
_citation.title                     
'Refined crystal structure of a recombinant immunoglobulin domain and a complementarity-determining region 1-grafted mutant.' 
_citation.journal_abbrev            J.Mol.Biol. 
_citation.journal_volume            225 
_citation.page_first                739 
_citation.page_last                 753 
_citation.year                      1992 
_citation.journal_id_ASTM           JMOBAK 
_citation.country                   UK 
_citation.journal_id_ISSN           0022-2836 
_citation.journal_id_CSD            0070 
_citation.book_publisher            ? 
_citation.pdbx_database_id_PubMed   1602480 
_citation.pdbx_database_id_DOI      '10.1016/0022-2836(92)90398-4' 
# 
loop_
_citation_author.citation_id 
_citation_author.name 
_citation_author.ordinal 
_citation_author.identifier_ORCID 
primary 'Steipe, B.'    1 ? 
primary 'Pluckthun, A.' 2 ? 
primary 'Huber, R.'     3 ? 
# 
loop_
_entity.id 
_entity.type 
_entity.src_method 
_entity.pdbx_description 
_entity.formula_weight 
_entity.pdbx_number_of_molecules 
_entity.pdbx_ec 
_entity.pdbx_mutation 
_entity.pdbx_fragment 
_entity.details 
1 polymer     man 'IGA-KAPPA MCPC603 FV (LIGHT CHAIN)' 12305.757 1   ? ? ? ? 
2 non-polymer syn 'SULFATE ION'                        96.063    1   ? ? ? ? 
3 non-polymer syn 'ACETATE ION'                        59.044    1   ? ? ? ? 
4 water       nat water                                18.015    120 ? ? ? ? 
# 
_entity_poly.entity_id                      1 
_entity_poly.type                           'polypeptide(L)' 
_entity_poly.nstd_linkage                   no 
_entity_poly.nstd_monomer                   no 
_entity_poly.pdbx_seq_one_letter_code       
;DIVMTQSPSSLSVSAGERVTMSCKSSQSLLYKDGKNFLAWYQQKPGQPPKLLIYGASTRESGVPDRFTGSGSGTDFTLTI
SSVQAEDLAVYYCQNDHSYPLTFGAGTKLELKR
;
_entity_poly.pdbx_seq_one_letter_code_can   
;DIVMTQSPSSLSVSAGERVTMSCKSSQSLLYKDGKNFLAWYQQKPGQPPKLLIYGASTRESGVPDRFTGSGSGTDFTLTI
SSVQAEDLAVYYCQNDHSYPLTFGAGTKLELKR
;
_entity_poly.pdbx_strand_id                 A 
_entity_poly.pdbx_target_identifier         ? 
# 
loop_
_pdbx_entity_nonpoly.entity_id 
_pdbx_entity_nonpoly.name 
_pdbx_entity_nonpoly.comp_id 
2 'SULFATE ION' SO4 
3 'ACETATE ION' ACT 
4 water         HOH 
# 
loop_
_entity_poly_seq.entity_id 
_entity_poly_seq.num 
_entity_poly_seq.mon_id 
_entity_poly_seq.hetero 
1 1   ASP n 
1 2   ILE n 
1 3   VAL n 
1 4   MET n 
1 5   THR n 
1 6   GLN n 
1 7   SER n 
1 8   PRO n 
1 9   SER n 
1 10  SER n 
1 11  LEU n 
1 12  SER n 
1 13  VAL n 
1 14  SER n 
1 15  ALA n 
1 16  GLY n 
1 17  GLU n 
1 18  ARG n 
1 19  VAL n 
1 20  THR n 
1 21  MET n 
1 22  SER n 
1 23  CYS n 
1 24  LYS n 
1 25  SER n 
1 26  SER n 
1 27  GLN n 
1 28  SER n 
1 29  LEU n 
1 30  LEU n 
1 31  TYR n 
1 32  LYS n 
1 33  ASP n 
1 34  GLY n 
1 35  LYS n 
1 36  ASN n 
1 37  PHE n 
1 38  LEU n 
1 39  ALA n 
1 40  TRP n 
1 41  TYR n 
1 42  GLN n 
1 43  GLN n 
1 44  LYS n 
1 45  PRO n 
1 46  GLY n 
1 47  GLN n 
1 48  PRO n 
1 49  PRO n 
1 50  LYS n 
1 51  LEU n 
1 52  LEU n 
1 53  ILE n 
1 54  TYR n 
1 55  GLY n 
1 56  ALA n 
1 57  SER n 
1 58  THR n 
1 59  ARG n 
1 60  GLU n 
1 61  SER n 
1 62  GLY n 
1 63  VAL n 
1 64  PRO n 
1 65  ASP n 
1 66  ARG n 
1 67  PHE n 
1 68  THR n 
1 69  GLY n 
1 70  SER n 
1 71  GLY n 
1 72  SER n 
1 73  GLY n 
1 74  THR n 
1 75  ASP n 
1 76  PHE n 
1 77  THR n 
1 78  LEU n 
1 79  THR n 
1 80  ILE n 
1 81  SER n 
1 82  SER n 
1 83  VAL n 
1 84  GLN n 
1 85  ALA n 
1 86  GLU n 
1 87  ASP n 
1 88  LEU n 
1 89  ALA n 
1 90  VAL n 
1 91  TYR n 
1 92  TYR n 
1 93  CYS n 
1 94  GLN n 
1 95  ASN n 
1 96  ASP n 
1 97  HIS n 
1 98  SER n 
1 99  TYR n 
1 100 PRO n 
1 101 LEU n 
1 102 THR n 
1 103 PHE n 
1 104 GLY n 
1 105 ALA n 
1 106 GLY n 
1 107 THR n 
1 108 LYS n 
1 109 LEU n 
1 110 GLU n 
1 111 LEU n 
1 112 LYS n 
1 113 ARG n 
# 
_entity_src_gen.entity_id                          1 
_entity_src_gen.pdbx_src_id                        1 
_entity_src_gen.pdbx_alt_source_flag               sample 
_entity_src_gen.pdbx_seq_type                      ? 
_entity_src_gen.pdbx_beg_seq_num                   ? 
_entity_src_gen.pdbx_end_seq_num                   ? 
_entity_src_gen.gene_src_common_name               'house mouse' 
_entity_src_gen.gene_src_genus                     Mus 
_entity_src_gen.pdbx_gene_src_gene                 ? 
_entity_src_gen.gene_src_species                   ? 
_entity_src_gen.gene_src_strain                    ? 
_entity_src_gen.gene_src_tissue                    ? 
_entity_src_gen.gene_src_tissue_fraction           ? 
_entity_src_gen.gene_src_details                   ? 
_entity_src_gen.pdbx_gene_src_fragment             ? 
_entity_src_gen.pdbx_gene_src_scientific_name      'Mus musculus' 
_entity_src_gen.pdbx_gene_src_ncbi_taxonomy_id     10090 
_entity_src_gen.pdbx_gene_src_variant              ? 
_entity_src_gen.pdbx_gene_src_cell_line            ? 
_entity_src_gen.pdbx_gene_src_atcc                 ? 
_entity_src_gen.pdbx_gene_src_organ                ? 
_entity_src_gen.pdbx_gene_src_organelle            ? 
_entity_src_gen.pdbx_gene_src_cell                 ? 
_entity_src_gen.pdbx_gene_src_cellular_location    ? 
_entity_src_gen.host_org_common_name               ? 
_entity_src_gen.pdbx_host_org_scientific_name      ? 
_entity_src_gen.pdbx_host_org_ncbi_taxonomy_id     ? 
_entity_src_gen.host_org_genus                     ? 
_entity_src_gen.pdbx_host_org_gene                 ? 
_entity_src_gen.pdbx_host_org_organ                ? 
_entity_src_gen.host_org_species                   ? 
_entity_src_gen.pdbx_host_org_tissue               ? 
_entity_src_gen.pdbx_host_org_tissue_fraction      ? 
_entity_src_gen.pdbx_host_org_strain               ? 
_entity_src_gen.pdbx_host_org_variant              ? 
_entity_src_gen.pdbx_host_org_cell_line            ? 
_entity_src_gen.pdbx_host_org_atcc                 ? 
_entity_src_gen.pdbx_host_org_culture_collection   ? 
_entity_src_gen.pdbx_host_org_cell                 ? 
_entity_src_gen.pdbx_host_org_organelle            ? 
_entity_src_gen.pdbx_host_org_cellular_location    ? 
_entity_src_gen.pdbx_host_org_vector_type          ? 
_entity_src_gen.pdbx_host_org_vector               ? 
_entity_src_gen.host_org_details                   ? 
_entity_src_gen.expression_system_id               ? 
_entity_src_gen.plasmid_name                       ? 
_entity_src_gen.plasmid_details                    ? 
_entity_src_gen.pdbx_description                   ? 
# 
loop_
_chem_comp.id 
_chem_comp.type 
_chem_comp.mon_nstd_flag 
_chem_comp.name 
_chem_comp.pdbx_synonyms 
_chem_comp.formula 
_chem_comp.formula_weight 
ACT non-polymer         . 'ACETATE ION'   ? 'C2 H3 O2 -1'    59.044  
ALA 'L-peptide linking' y ALANINE         ? 'C3 H7 N O2'     89.093  
ARG 'L-peptide linking' y ARGININE        ? 'C6 H15 N4 O2 1' 175.209 
ASN 'L-peptide linking' y ASPARAGINE      ? 'C4 H8 N2 O3'    132.118 
ASP 'L-peptide linking' y 'ASPARTIC ACID' ? 'C4 H7 N O4'     133.103 
CYS 'L-peptide linking' y CYSTEINE        ? 'C3 H7 N O2 S'   121.158 
GLN 'L-peptide linking' y GLUTAMINE       ? 'C5 H10 N2 O3'   146.144 
GLU 'L-peptide linking' y 'GLUTAMIC ACID' ? 'C5 H9 N O4'     147.129 
GLY 'peptide linking'   y GLYCINE         ? 'C2 H5 N O2'     75.067  
HIS 'L-peptide linking' y HISTIDINE       ? 'C6 H10 N3 O2 1' 156.162 
HOH non-polymer         . WATER           ? 'H2 O'           18.015  
ILE 'L-peptide linking' y ISOLEUCINE      ? 'C6 H13 N O2'    131.173 
LEU 'L-peptide linking' y LEUCINE         ? 'C6 H13 N O2'    131.173 
LYS 'L-peptide linking' y LYSINE          ? 'C6 H15 N2 O2 1' 147.195 
MET 'L-peptide linking' y METHIONINE      ? 'C5 H11 N O2 S'  149.211 
PHE 'L-peptide linking' y PHENYLALANINE   ? 'C9 H11 N O2'    165.189 
PRO 'L-peptide linking' y PROLINE         ? 'C5 H9 N O2'     115.130 
SER 'L-peptide linking' y SERINE          ? 'C3 H7 N O3'     105.093 
SO4 non-polymer         . 'SULFATE ION'   ? 'O4 S -2'        96.063  
THR 'L-peptide linking' y THREONINE       ? 'C4 H9 N O3'     119.119 
TRP 'L-peptide linking' y TRYPTOPHAN      ? 'C11 H12 N2 O2'  204.225 
TYR 'L-peptide linking' y TYROSINE        ? 'C9 H11 N O3'    181.189 
VAL 'L-peptide linking' y VALINE          ? 'C5 H11 N O2'    117.146 
# 
loop_
_pdbx_poly_seq_scheme.asym_id 
_pdbx_poly_seq_scheme.entity_id 
_pdbx_poly_seq_scheme.seq_id 
_pdbx_poly_seq_scheme.mon_id 
_pdbx_poly_seq_scheme.ndb_seq_num 
_pdbx_poly_seq_scheme.pdb_seq_num 
_pdbx_poly_seq_scheme.auth_seq_num 
_pdbx_poly_seq_scheme.pdb_mon_id 
_pdbx_poly_seq_scheme.auth_mon_id 
_pdbx_poly_seq_scheme.pdb_strand_id 
_pdbx_poly_seq_scheme.pdb_ins_code 
_pdbx_poly_seq_scheme.hetero 
A 1 1   ASP 1   1   1   ASP ASP A . n 
A 1 2   ILE 2   2   2   ILE ILE A . n 
A 1 3   VAL 3   3   3   VAL VAL A . n 
A 1 4   MET 4   4   4   MET MET A . n 
A 1 5   THR 5   5   5   THR THR A . n 
A 1 6   GLN 6   6   6   GLN GLN A . n 
A 1 7   SER 7   7   7   SER SER A . n 
A 1 8   PRO 8   8   8   PRO PRO A . n 
A 1 9   SER 9   9   9   SER SER A . n 
A 1 10  SER 10  10  10  SER SER A . n 
A 1 11  LEU 11  11  11  LEU LEU A . n 
A 1 12  SER 12  12  12  SER SER A . n 
A 1 13  VAL 13  13  13  VAL VAL A . n 
A 1 14  SER 14  14  14  SER SER A . n 
A 1 15  ALA 15  15  15  ALA ALA A . n 
A 1 16  GLY 16  16  16  GLY GLY A . n 
A 1 17  GLU 17  17  17  GLU GLU A . n 
A 1 18  ARG 18  18  18  ARG ARG A . n 
A 1 19  VAL 19  19  19  VAL VAL A . n 
A 1 20  THR 20  20  20  THR THR A . n 
A 1 21  MET 21  21  21  MET MET A . n 
A 1 22  SER 22  22  22  SER SER A . n 
A 1 23  CYS 23  23  23  CYS CYS A . n 
A 1 24  LYS 24  24  24  LYS LYS A . n 
A 1 25  SER 25  25  25  SER SER A . n 
A 1 26  SER 26  26  26  SER SER A . n 
A 1 27  GLN 27  27  27  GLN GLN A . n 
A 1 28  SER 28  28  28  SER SER A . n 
A 1 29  LEU 29  29  29  LEU LEU A . n 
A 1 30  LEU 30  30  30  LEU LEU A . n 
A 1 31  TYR 31  31  31  TYR TYR A . n 
A 1 32  LYS 32  31  31  LYS LYS A A n 
A 1 33  ASP 33  31  31  ASP ASP A C n 
A 1 34  GLY 34  31  31  GLY GLY A D n 
A 1 35  LYS 35  31  31  LYS LYS A E n 
A 1 36  ASN 36  31  31  ASN ASN A F n 
A 1 37  PHE 37  32  32  PHE PHE A . n 
A 1 38  LEU 38  33  33  LEU LEU A . n 
A 1 39  ALA 39  34  34  ALA ALA A . n 
A 1 40  TRP 40  35  35  TRP TRP A . n 
A 1 41  TYR 41  36  36  TYR TYR A . n 
A 1 42  GLN 42  37  37  GLN GLN A . n 
A 1 43  GLN 43  38  38  GLN GLN A . n 
A 1 44  LYS 44  39  39  LYS LYS A . n 
A 1 45  PRO 45  40  40  PRO PRO A . n 
A 1 46  GLY 46  41  41  GLY GLY A . n 
A 1 47  GLN 47  42  42  GLN GLN A . n 
A 1 48  PRO 48  43  43  PRO PRO A . n 
A 1 49  PRO 49  44  44  PRO PRO A . n 
A 1 50  LYS 50  45  45  LYS LYS A . n 
A 1 51  LEU 51  46  46  LEU LEU A . n 
A 1 52  LEU 52  47  47  LEU LEU A . n 
A 1 53  ILE 53  48  48  ILE ILE A . n 
A 1 54  TYR 54  49  49  TYR TYR A . n 
A 1 55  GLY 55  50  50  GLY GLY A . n 
A 1 56  ALA 56  51  51  ALA ALA A . n 
A 1 57  SER 57  52  52  SER SER A . n 
A 1 58  THR 58  53  53  THR THR A . n 
A 1 59  ARG 59  54  54  ARG ARG A . n 
A 1 60  GLU 60  55  55  GLU GLU A . n 
A 1 61  SER 61  56  56  SER SER A . n 
A 1 62  GLY 62  57  57  GLY GLY A . n 
A 1 63  VAL 63  58  58  VAL VAL A . n 
A 1 64  PRO 64  59  59  PRO PRO A . n 
A 1 65  ASP 65  60  60  ASP ASP A . n 
A 1 66  ARG 66  61  61  ARG ARG A . n 
A 1 67  PHE 67  62  62  PHE PHE A . n 
A 1 68  THR 68  63  63  THR THR A . n 
A 1 69  GLY 69  64  64  GLY GLY A . n 
A 1 70  SER 70  65  65  SER SER A . n 
A 1 71  GLY 71  66  66  GLY GLY A . n 
A 1 72  SER 72  67  67  SER SER A . n 
A 1 73  GLY 73  68  68  GLY GLY A . n 
A 1 74  THR 74  69  69  THR THR A . n 
A 1 75  ASP 75  70  70  ASP ASP A . n 
A 1 76  PHE 76  71  71  PHE PHE A . n 
A 1 77  THR 77  72  72  THR THR A . n 
A 1 78  LEU 78  73  73  LEU LEU A . n 
A 1 79  THR 79  74  74  THR THR A . n 
A 1 80  ILE 80  75  75  ILE ILE A . n 
A 1 81  SER 81  76  76  SER SER A . n 
A 1 82  SER 82  77  77  SER SER A . n 
A 1 83  VAL 83  78  78  VAL VAL A . n 
A 1 84  GLN 84  79  79  GLN GLN A . n 
A 1 85  ALA 85  80  80  ALA ALA A . n 
A 1 86  GLU 86  81  81  GLU GLU A . n 
A 1 87  ASP 87  82  82  ASP ASP A . n 
A 1 88  LEU 88  83  83  LEU LEU A . n 
A 1 89  ALA 89  84  84  ALA ALA A . n 
A 1 90  VAL 90  85  85  VAL VAL A . n 
A 1 91  TYR 91  86  86  TYR TYR A . n 
A 1 92  TYR 92  87  87  TYR TYR A . n 
A 1 93  CYS 93  88  88  CYS CYS A . n 
A 1 94  GLN 94  89  89  GLN GLN A . n 
A 1 95  ASN 95  90  90  ASN ASN A . n 
A 1 96  ASP 96  91  91  ASP ASP A . n 
A 1 97  HIS 97  92  92  HIS HIS A . n 
A 1 98  SER 98  93  93  SER SER A . n 
A 1 99  TYR 99  94  94  TYR TYR A . n 
A 1 100 PRO 100 95  95  PRO PRO A . n 
A 1 101 LEU 101 96  96  LEU LEU A . n 
A 1 102 THR 102 97  97  THR THR A . n 
A 1 103 PHE 103 98  98  PHE PHE A . n 
A 1 104 GLY 104 99  99  GLY GLY A . n 
A 1 105 ALA 105 100 100 ALA ALA A . n 
A 1 106 GLY 106 101 101 GLY GLY A . n 
A 1 107 THR 107 102 102 THR THR A . n 
A 1 108 LYS 108 103 103 LYS LYS A . n 
A 1 109 LEU 109 104 104 LEU LEU A . n 
A 1 110 GLU 110 105 105 GLU GLU A . n 
A 1 111 LEU 111 106 106 LEU LEU A . n 
A 1 112 LYS 112 107 107 LYS LYS A . n 
A 1 113 ARG 113 108 108 ARG ARG A . n 
# 
loop_
_pdbx_nonpoly_scheme.asym_id 
_pdbx_nonpoly_scheme.entity_id 
_pdbx_nonpoly_scheme.mon_id 
_pdbx_nonpoly_scheme.ndb_seq_num 
_pdbx_nonpoly_scheme.pdb_seq_num 
_pdbx_nonpoly_scheme.auth_seq_num 
_pdbx_nonpoly_scheme.pdb_mon_id 
_pdbx_nonpoly_scheme.auth_mon_id 
_pdbx_nonpoly_scheme.pdb_strand_id 
_pdbx_nonpoly_scheme.pdb_ins_code 
B 2 SO4 1   318 318 SO4 SO4 A . 
C 3 ACT 1   319 319 ACT ACT A . 
D 4 HOH 1   320 1   HOH HOH A . 
D 4 HOH 2   321 2   HOH HOH A . 
D 4 HOH 3   322 200 HOH HOH A . 
D 4 HOH 4   323 201 HOH HOH A . 
D 4 HOH 5   324 202 HOH HOH A . 
D 4 HOH 6   325 203 HOH HOH A . 
D 4 HOH 7   326 204 HOH HOH A . 
D 4 HOH 8   327 205 HOH HOH A . 
D 4 HOH 9   328 206 HOH HOH A . 
D 4 HOH 10  329 207 HOH HOH A . 
D 4 HOH 11  330 208 HOH HOH A . 
D 4 HOH 12  331 209 HOH HOH A . 
D 4 HOH 13  332 210 HOH HOH A . 
D 4 HOH 14  333 211 HOH HOH A . 
D 4 HOH 15  334 212 HOH HOH A . 
D 4 HOH 16  335 213 HOH HOH A . 
D 4 HOH 17  336 214 HOH HOH A . 
D 4 HOH 18  337 215 HOH HOH A . 
D 4 HOH 19  338 216 HOH HOH A . 
D 4 HOH 20  339 217 HOH HOH A . 
D 4 HOH 21  340 218 HOH HOH A . 
D 4 HOH 22  341 219 HOH HOH A . 
D 4 HOH 23  342 220 HOH HOH A . 
D 4 HOH 24  343 221 HOH HOH A . 
D 4 HOH 25  344 222 HOH HOH A . 
D 4 HOH 26  345 223 HOH HOH A . 
D 4 HOH 27  346 224 HOH HOH A . 
D 4 HOH 28  347 225 HOH HOH A . 
D 4 HOH 29  348 226 HOH HOH A . 
D 4 HOH 30  349 227 HOH HOH A . 
D 4 HOH 31  350 228 HOH HOH A . 
D 4 HOH 32  351 229 HOH HOH A . 
D 4 HOH 33  352 230 HOH HOH A . 
D 4 HOH 34  353 231 HOH HOH A . 
D 4 HOH 35  354 232 HOH HOH A . 
D 4 HOH 36  355 233 HOH HOH A . 
D 4 HOH 37  356 234 HOH HOH A . 
D 4 HOH 38  357 235 HOH HOH A . 
D 4 HOH 39  358 236 HOH HOH A . 
D 4 HOH 40  359 237 HOH HOH A . 
D 4 HOH 41  360 238 HOH HOH A . 
D 4 HOH 42  361 239 HOH HOH A . 
D 4 HOH 43  362 240 HOH HOH A . 
D 4 HOH 44  363 241 HOH HOH A . 
D 4 HOH 45  364 242 HOH HOH A . 
D 4 HOH 46  365 243 HOH HOH A . 
D 4 HOH 47  366 244 HOH HOH A . 
D 4 HOH 48  367 245 HOH HOH A . 
D 4 HOH 49  368 246 HOH HOH A . 
D 4 HOH 50  369 247 HOH HOH A . 
D 4 HOH 51  370 248 HOH HOH A . 
D 4 HOH 52  371 249 HOH HOH A . 
D 4 HOH 53  372 250 HOH HOH A . 
D 4 HOH 54  373 251 HOH HOH A . 
D 4 HOH 55  374 252 HOH HOH A . 
D 4 HOH 56  375 253 HOH HOH A . 
D 4 HOH 57  376 254 HOH HOH A . 
D 4 HOH 58  377 255 HOH HOH A . 
D 4 HOH 59  378 256 HOH HOH A . 
D 4 HOH 60  379 257 HOH HOH A . 
D 4 HOH 61  380 258 HOH HOH A . 
D 4 HOH 62  381 259 HOH HOH A . 
D 4 HOH 63  382 260 HOH HOH A . 
D 4 HOH 64  383 261 HOH HOH A . 
D 4 HOH 65  384 262 HOH HOH A . 
D 4 HOH 66  385 263 HOH HOH A . 
D 4 HOH 67  386 264 HOH HOH A . 
D 4 HOH 68  387 265 HOH HOH A . 
D 4 HOH 69  388 266 HOH HOH A . 
D 4 HOH 70  389 267 HOH HOH A . 
D 4 HOH 71  390 268 HOH HOH A . 
D 4 HOH 72  391 269 HOH HOH A . 
D 4 HOH 73  392 270 HOH HOH A . 
D 4 HOH 74  393 271 HOH HOH A . 
D 4 HOH 75  394 272 HOH HOH A . 
D 4 HOH 76  395 273 HOH HOH A . 
D 4 HOH 77  396 274 HOH HOH A . 
D 4 HOH 78  397 275 HOH HOH A . 
D 4 HOH 79  398 276 HOH HOH A . 
D 4 HOH 80  399 277 HOH HOH A . 
D 4 HOH 81  400 278 HOH HOH A . 
D 4 HOH 82  401 279 HOH HOH A . 
D 4 HOH 83  402 280 HOH HOH A . 
D 4 HOH 84  403 281 HOH HOH A . 
D 4 HOH 85  404 282 HOH HOH A . 
D 4 HOH 86  405 283 HOH HOH A . 
D 4 HOH 87  406 284 HOH HOH A . 
D 4 HOH 88  407 285 HOH HOH A . 
D 4 HOH 89  408 286 HOH HOH A . 
D 4 HOH 90  409 287 HOH HOH A . 
D 4 HOH 91  410 288 HOH HOH A . 
D 4 HOH 92  411 289 HOH HOH A . 
D 4 HOH 93  412 290 HOH HOH A . 
D 4 HOH 94  413 291 HOH HOH A . 
D 4 HOH 95  414 292 HOH HOH A . 
D 4 HOH 96  415 293 HOH HOH A . 
D 4 HOH 97  416 294 HOH HOH A . 
D 4 HOH 98  417 295 HOH HOH A . 
D 4 HOH 99  418 296 HOH HOH A . 
D 4 HOH 100 419 297 HOH HOH A . 
D 4 HOH 101 420 298 HOH HOH A . 
D 4 HOH 102 421 299 HOH HOH A . 
D 4 HOH 103 422 300 HOH HOH A . 
D 4 HOH 104 423 301 HOH HOH A . 
D 4 HOH 105 424 302 HOH HOH A . 
D 4 HOH 106 425 303 HOH HOH A . 
D 4 HOH 107 426 304 HOH HOH A . 
D 4 HOH 108 427 305 HOH HOH A . 
D 4 HOH 109 428 306 HOH HOH A . 
D 4 HOH 110 429 307 HOH HOH A . 
D 4 HOH 111 430 308 HOH HOH A . 
D 4 HOH 112 431 309 HOH HOH A . 
D 4 HOH 113 432 310 HOH HOH A . 
D 4 HOH 114 433 311 HOH HOH A . 
D 4 HOH 115 434 312 HOH HOH A . 
D 4 HOH 116 435 313 HOH HOH A . 
D 4 HOH 117 436 314 HOH HOH A . 
D 4 HOH 118 437 315 HOH HOH A . 
D 4 HOH 119 438 316 HOH HOH A . 
D 4 HOH 120 439 317 HOH HOH A . 
# 
loop_
_pdbx_unobs_or_zero_occ_atoms.id 
_pdbx_unobs_or_zero_occ_atoms.PDB_model_num 
_pdbx_unobs_or_zero_occ_atoms.polymer_flag 
_pdbx_unobs_or_zero_occ_atoms.occupancy_flag 
_pdbx_unobs_or_zero_occ_atoms.auth_asym_id 
_pdbx_unobs_or_zero_occ_atoms.auth_comp_id 
_pdbx_unobs_or_zero_occ_atoms.auth_seq_id 
_pdbx_unobs_or_zero_occ_atoms.PDB_ins_code 
_pdbx_unobs_or_zero_occ_atoms.auth_atom_id 
_pdbx_unobs_or_zero_occ_atoms.label_alt_id 
_pdbx_unobs_or_zero_occ_atoms.label_asym_id 
_pdbx_unobs_or_zero_occ_atoms.label_comp_id 
_pdbx_unobs_or_zero_occ_atoms.label_seq_id 
_pdbx_unobs_or_zero_occ_atoms.label_atom_id 
1  1 Y 0 A TYR 31  ? CD1 ? A TYR 31  CD1 
2  1 Y 0 A TYR 31  ? CD2 ? A TYR 31  CD2 
3  1 Y 0 A TYR 31  ? CE1 ? A TYR 31  CE1 
4  1 Y 0 A TYR 31  ? CE2 ? A TYR 31  CE2 
5  1 Y 0 A TYR 31  ? CZ  ? A TYR 31  CZ  
6  1 Y 0 A TYR 31  ? OH  ? A TYR 31  OH  
7  1 Y 0 A LYS 31  A CB  ? A LYS 32  CB  
8  1 Y 0 A LYS 31  A CG  ? A LYS 32  CG  
9  1 Y 0 A LYS 31  A CD  ? A LYS 32  CD  
10 1 Y 0 A LYS 31  A CE  ? A LYS 32  CE  
11 1 Y 0 A LYS 31  A NZ  ? A LYS 32  NZ  
12 1 Y 0 A LYS 103 ? CE  ? A LYS 108 CE  
13 1 Y 0 A LYS 103 ? NZ  ? A LYS 108 NZ  
14 1 Y 0 A ARG 108 ? CA  ? A ARG 113 CA  
15 1 Y 0 A ARG 108 ? C   ? A ARG 113 C   
16 1 Y 0 A ARG 108 ? O   ? A ARG 113 O   
17 1 Y 0 A ARG 108 ? CB  ? A ARG 113 CB  
18 1 Y 0 A ARG 108 ? CG  ? A ARG 113 CG  
19 1 Y 0 A ARG 108 ? CD  ? A ARG 113 CD  
20 1 Y 0 A ARG 108 ? NE  ? A ARG 113 NE  
21 1 Y 0 A ARG 108 ? CZ  ? A ARG 113 CZ  
22 1 Y 0 A ARG 108 ? NH1 ? A ARG 113 NH1 
23 1 Y 0 A ARG 108 ? NH2 ? A ARG 113 NH2 
24 1 Y 0 A ARG 108 ? OXT ? A ARG 113 OXT 
# 
_software.name             EREF 
_software.classification   refinement 
_software.version          . 
_software.citation_id      ? 
_software.pdbx_ordinal     1 
# 
_cell.entry_id           2IMN 
_cell.length_a           86.500 
_cell.length_b           86.500 
_cell.length_c           74.600 
_cell.angle_alpha        90.00 
_cell.angle_beta         90.00 
_cell.angle_gamma        120.00 
_cell.Z_PDB              12 
_cell.pdbx_unique_axis   ? 
# 
_symmetry.entry_id                         2IMN 
_symmetry.space_group_name_H-M             'P 61 2 2' 
_symmetry.pdbx_full_space_group_name_H-M   ? 
_symmetry.cell_setting                     ? 
_symmetry.Int_Tables_number                178 
# 
_exptl.entry_id          2IMN 
_exptl.method            'X-RAY DIFFRACTION' 
_exptl.crystals_number   ? 
# 
_exptl_crystal.id                    1 
_exptl_crystal.density_meas          ? 
_exptl_crystal.density_Matthews      3.27 
_exptl_crystal.density_percent_sol   62.41 
_exptl_crystal.description           ? 
# 
_diffrn.id                     1 
_diffrn.crystal_id             1 
_diffrn.ambient_temp           ? 
_diffrn.ambient_temp_details   ? 
# 
_refine.entry_id                                 2IMN 
_refine.ls_number_reflns_obs                     ? 
_refine.ls_number_reflns_all                     ? 
_refine.pdbx_ls_sigma_I                          ? 
_refine.pdbx_ls_sigma_F                          ? 
_refine.pdbx_data_cutoff_high_absF               ? 
_refine.pdbx_data_cutoff_low_absF                ? 
_refine.pdbx_data_cutoff_high_rms_absF           ? 
_refine.ls_d_res_low                             . 
_refine.ls_d_res_high                            1.97 
_refine.ls_percent_reflns_obs                    ? 
_refine.ls_R_factor_obs                          ? 
_refine.ls_R_factor_all                          ? 
_refine.ls_R_factor_R_work                       0.149 
_refine.ls_R_factor_R_free                       ? 
_refine.ls_R_factor_R_free_error                 ? 
_refine.ls_R_factor_R_free_error_details         ? 
_refine.ls_percent_reflns_R_free                 ? 
_refine.ls_number_reflns_R_free                  ? 
_refine.ls_number_parameters                     ? 
_refine.ls_number_restraints                     ? 
_refine.occupancy_min                            ? 
_refine.occupancy_max                            ? 
_refine.B_iso_mean                               ? 
_refine.aniso_B[1][1]                            ? 
_refine.aniso_B[2][2]                            ? 
_refine.aniso_B[3][3]                            ? 
_refine.aniso_B[1][2]                            ? 
_refine.aniso_B[1][3]                            ? 
_refine.aniso_B[2][3]                            ? 
_refine.solvent_model_details                    ? 
_refine.solvent_model_param_ksol                 ? 
_refine.solvent_model_param_bsol                 ? 
_refine.pdbx_ls_cross_valid_method               ? 
_refine.details                                  
'RESIDUES TYR 31, LYS 31A, LYS 103, AND ARG 108 ARE PARTIALLY DISORDERED IN THE ELECTRON DENSITY.' 
_refine.pdbx_starting_model                      ? 
_refine.pdbx_method_to_determine_struct          ? 
_refine.pdbx_isotropic_thermal_model             ? 
_refine.pdbx_stereochemistry_target_values       ? 
_refine.pdbx_stereochem_target_val_spec_case     ? 
_refine.pdbx_R_Free_selection_details            ? 
_refine.pdbx_overall_ESU_R                       ? 
_refine.pdbx_overall_ESU_R_Free                  ? 
_refine.overall_SU_ML                            ? 
_refine.overall_SU_B                             ? 
_refine.pdbx_refine_id                           'X-RAY DIFFRACTION' 
_refine.pdbx_diffrn_id                           1 
_refine.pdbx_TLS_residual_ADP_flag               ? 
_refine.correlation_coeff_Fo_to_Fc               ? 
_refine.correlation_coeff_Fo_to_Fc_free          ? 
_refine.pdbx_solvent_vdw_probe_radii             ? 
_refine.pdbx_solvent_ion_probe_radii             ? 
_refine.pdbx_solvent_shrinkage_radii             ? 
_refine.pdbx_overall_phase_error                 ? 
_refine.overall_SU_R_Cruickshank_DPI             ? 
_refine.pdbx_overall_SU_R_free_Cruickshank_DPI   ? 
_refine.pdbx_overall_SU_R_Blow_DPI               ? 
_refine.pdbx_overall_SU_R_free_Blow_DPI          ? 
# 
_refine_hist.pdbx_refine_id                   'X-RAY DIFFRACTION' 
_refine_hist.cycle_id                         LAST 
_refine_hist.pdbx_number_atoms_protein        864 
_refine_hist.pdbx_number_atoms_nucleic_acid   0 
_refine_hist.pdbx_number_atoms_ligand         9 
_refine_hist.number_atoms_solvent             120 
_refine_hist.number_atoms_total               993 
_refine_hist.d_res_high                       1.97 
_refine_hist.d_res_low                        . 
# 
loop_
_refine_ls_restr.type 
_refine_ls_restr.dev_ideal 
_refine_ls_restr.dev_ideal_target 
_refine_ls_restr.weight 
_refine_ls_restr.number 
_refine_ls_restr.pdbx_refine_id 
_refine_ls_restr.pdbx_restraint_function 
o_bond_d                0.015 ? ? ? 'X-RAY DIFFRACTION' ? 
o_bond_d_na             ?     ? ? ? 'X-RAY DIFFRACTION' ? 
o_bond_d_prot           ?     ? ? ? 'X-RAY DIFFRACTION' ? 
o_angle_d               ?     ? ? ? 'X-RAY DIFFRACTION' ? 
o_angle_d_na            ?     ? ? ? 'X-RAY DIFFRACTION' ? 
o_angle_d_prot          ?     ? ? ? 'X-RAY DIFFRACTION' ? 
o_angle_deg             2.23  ? ? ? 'X-RAY DIFFRACTION' ? 
o_angle_deg_na          ?     ? ? ? 'X-RAY DIFFRACTION' ? 
o_angle_deg_prot        ?     ? ? ? 'X-RAY DIFFRACTION' ? 
o_dihedral_angle_d      ?     ? ? ? 'X-RAY DIFFRACTION' ? 
o_dihedral_angle_d_na   ?     ? ? ? 'X-RAY DIFFRACTION' ? 
o_dihedral_angle_d_prot ?     ? ? ? 'X-RAY DIFFRACTION' ? 
o_improper_angle_d      ?     ? ? ? 'X-RAY DIFFRACTION' ? 
o_improper_angle_d_na   ?     ? ? ? 'X-RAY DIFFRACTION' ? 
o_improper_angle_d_prot ?     ? ? ? 'X-RAY DIFFRACTION' ? 
o_mcbond_it             ?     ? ? ? 'X-RAY DIFFRACTION' ? 
o_mcangle_it            ?     ? ? ? 'X-RAY DIFFRACTION' ? 
o_scbond_it             ?     ? ? ? 'X-RAY DIFFRACTION' ? 
o_scangle_it            ?     ? ? ? 'X-RAY DIFFRACTION' ? 
# 
_struct.entry_id                  2IMN 
_struct.title                     
'Refined crystal structure of a recombinant immunoglobulin domain and a complementarity-determining region 1-grafted mutant' 
_struct.pdbx_model_details        ? 
_struct.pdbx_CASP_flag            ? 
_struct.pdbx_model_type_details   ? 
# 
_struct_keywords.entry_id        2IMN 
_struct_keywords.pdbx_keywords   IMMUNOGLOBULIN 
_struct_keywords.text            IMMUNOGLOBULIN 
# 
loop_
_struct_asym.id 
_struct_asym.pdbx_blank_PDB_chainid_flag 
_struct_asym.pdbx_modified 
_struct_asym.entity_id 
_struct_asym.details 
A N N 1 ? 
B N N 2 ? 
C N N 3 ? 
D N N 4 ? 
# 
_struct_ref.id                         1 
_struct_ref.db_name                    GB 
_struct_ref.db_code                    AAA72671 
_struct_ref.entity_id                  1 
_struct_ref.pdbx_db_accession          208622 
_struct_ref.pdbx_align_begin           1 
_struct_ref.pdbx_seq_one_letter_code   
;MDIVMTQSPSSLSVSAGERVTMSCKSSQSLLNSGNQKNFLAWYQQKPGQPPKLLIYGASTRESGVPDRFTGSGSGTDFTL
TISSVQAEDLAVYYCQNDHSYPLTFGAGTKLELKRADAAPTVSIFPPSSEQLTSGGASVVCFLNNFYPKDINVKWKIDGS
ERQNGVLNSWTDQDSKDSTYSMSSTLTLTKDEYERHNSYTCEATHKTSTSPIVKSFNRNEC
;
_struct_ref.pdbx_db_isoform            ? 
# 
_struct_ref_seq.align_id                      1 
_struct_ref_seq.ref_id                        1 
_struct_ref_seq.pdbx_PDB_id_code              2IMN 
_struct_ref_seq.pdbx_strand_id                A 
_struct_ref_seq.seq_align_beg                 1 
_struct_ref_seq.pdbx_seq_align_beg_ins_code   ? 
_struct_ref_seq.seq_align_end                 113 
_struct_ref_seq.pdbx_seq_align_end_ins_code   ? 
_struct_ref_seq.pdbx_db_accession             208622 
_struct_ref_seq.db_align_beg                  2 
_struct_ref_seq.pdbx_db_align_beg_ins_code    ? 
_struct_ref_seq.db_align_end                  115 
_struct_ref_seq.pdbx_db_align_end_ins_code    ? 
_struct_ref_seq.pdbx_auth_seq_align_beg       1 
_struct_ref_seq.pdbx_auth_seq_align_end       108 
# 
loop_
_struct_ref_seq_dif.align_id 
_struct_ref_seq_dif.pdbx_pdb_id_code 
_struct_ref_seq_dif.mon_id 
_struct_ref_seq_dif.pdbx_pdb_strand_id 
_struct_ref_seq_dif.seq_num 
_struct_ref_seq_dif.pdbx_pdb_ins_code 
_struct_ref_seq_dif.pdbx_seq_db_name 
_struct_ref_seq_dif.pdbx_seq_db_accession_code 
_struct_ref_seq_dif.db_mon_id 
_struct_ref_seq_dif.pdbx_seq_db_seq_num 
_struct_ref_seq_dif.details 
_struct_ref_seq_dif.pdbx_auth_seq_num 
_struct_ref_seq_dif.pdbx_ordinal 
1 2IMN TYR A 31 ? GB 208622 ?   ?  insertion 31 1 
1 2IMN LYS A 32 A GB 208622 ASN 32 conflict  31 2 
1 2IMN ASP A 33 C GB 208622 SER 33 conflict  31 3 
1 2IMN ?   A ?  ? GB 208622 ASN 35 deletion  ?  4 
1 2IMN ?   A ?  ? GB 208622 GLN 36 deletion  ?  5 
# 
loop_
_pdbx_struct_assembly.id 
_pdbx_struct_assembly.details 
_pdbx_struct_assembly.method_details 
_pdbx_struct_assembly.oligomeric_details 
_pdbx_struct_assembly.oligomeric_count 
1 author_and_software_defined_assembly PISA,PQS dimeric 2 
2 software_defined_assembly            PISA     dimeric 2 
# 
loop_
_pdbx_struct_assembly_prop.biol_id 
_pdbx_struct_assembly_prop.type 
_pdbx_struct_assembly_prop.value 
_pdbx_struct_assembly_prop.details 
1 'ABSA (A^2)' 1980  ? 
1 MORE         -23   ? 
1 'SSA (A^2)'  11010 ? 
2 'ABSA (A^2)' 1170  ? 
2 MORE         -40   ? 
2 'SSA (A^2)'  11820 ? 
# 
loop_
_pdbx_struct_assembly_gen.assembly_id 
_pdbx_struct_assembly_gen.oper_expression 
_pdbx_struct_assembly_gen.asym_id_list 
1 1,2 A,B,C,D 
2 1,3 A,B,C,D 
# 
loop_
_pdbx_struct_oper_list.id 
_pdbx_struct_oper_list.type 
_pdbx_struct_oper_list.name 
_pdbx_struct_oper_list.symmetry_operation 
_pdbx_struct_oper_list.matrix[1][1] 
_pdbx_struct_oper_list.matrix[1][2] 
_pdbx_struct_oper_list.matrix[1][3] 
_pdbx_struct_oper_list.vector[1] 
_pdbx_struct_oper_list.matrix[2][1] 
_pdbx_struct_oper_list.matrix[2][2] 
_pdbx_struct_oper_list.matrix[2][3] 
_pdbx_struct_oper_list.vector[2] 
_pdbx_struct_oper_list.matrix[3][1] 
_pdbx_struct_oper_list.matrix[3][2] 
_pdbx_struct_oper_list.matrix[3][3] 
_pdbx_struct_oper_list.vector[3] 
1 'identity operation'         1_555  x,y,z            1.0000000000  0.0000000000 0.0000000000  0.0000000000  0.0000000000 1.0000000000 0.0000000000  0.0000000000  0.0000000000  0.0000000000  1.0000000000  0.0000000000   
2 'crystal symmetry operation' 8_676  x-y+1,-y+2,-z+1  -0.7733391356 0.6335280059 -0.0242661698 -8.1343341591 0.6335280059 0.7707412147 -0.0678251105 2.0701041420  -0.0242661698 -0.0678251105 -0.9974020791 -21.9344983912 
3 'crystal symmetry operation' 10_665 -y+1,-x+1,-z+5/6 -0.9349806761 0.3014774825 -0.1868755280 -5.6268597878 0.3014774825 0.3978716932 -0.8664926101 15.7286938109 -0.1868755280 -0.8664926101 -0.4628910171 23.4166155463 
# 
_struct_biol.id   1 
# 
_struct_conf.conf_type_id            HELX_P 
_struct_conf.id                      HELX_P1 
_struct_conf.pdbx_PDB_helix_id       1 
_struct_conf.beg_label_comp_id       GLN 
_struct_conf.beg_label_asym_id       A 
_struct_conf.beg_label_seq_id        84 
_struct_conf.pdbx_beg_PDB_ins_code   ? 
_struct_conf.end_label_comp_id       LEU 
_struct_conf.end_label_asym_id       A 
_struct_conf.end_label_seq_id        88 
_struct_conf.pdbx_end_PDB_ins_code   ? 
_struct_conf.beg_auth_comp_id        GLN 
_struct_conf.beg_auth_asym_id        A 
_struct_conf.beg_auth_seq_id         79 
_struct_conf.end_auth_comp_id        LEU 
_struct_conf.end_auth_asym_id        A 
_struct_conf.end_auth_seq_id         83 
_struct_conf.pdbx_PDB_helix_class    5 
_struct_conf.details                 ? 
_struct_conf.pdbx_PDB_helix_length   5 
# 
_struct_conf_type.id          HELX_P 
_struct_conf_type.criteria    ? 
_struct_conf_type.reference   ? 
# 
_struct_conn.id                            disulf1 
_struct_conn.conn_type_id                  disulf 
_struct_conn.pdbx_leaving_atom_flag        ? 
_struct_conn.pdbx_PDB_id                   ? 
_struct_conn.ptnr1_label_asym_id           A 
_struct_conn.ptnr1_label_comp_id           CYS 
_struct_conn.ptnr1_label_seq_id            23 
_struct_conn.ptnr1_label_atom_id           SG 
_struct_conn.pdbx_ptnr1_label_alt_id       ? 
_struct_conn.pdbx_ptnr1_PDB_ins_code       ? 
_struct_conn.pdbx_ptnr1_standard_comp_id   ? 
_struct_conn.ptnr1_symmetry                1_555 
_struct_conn.ptnr2_label_asym_id           A 
_struct_conn.ptnr2_label_comp_id           CYS 
_struct_conn.ptnr2_label_seq_id            93 
_struct_conn.ptnr2_label_atom_id           SG 
_struct_conn.pdbx_ptnr2_label_alt_id       ? 
_struct_conn.pdbx_ptnr2_PDB_ins_code       ? 
_struct_conn.ptnr1_auth_asym_id            A 
_struct_conn.ptnr1_auth_comp_id            CYS 
_struct_conn.ptnr1_auth_seq_id             23 
_struct_conn.ptnr2_auth_asym_id            A 
_struct_conn.ptnr2_auth_comp_id            CYS 
_struct_conn.ptnr2_auth_seq_id             88 
_struct_conn.ptnr2_symmetry                1_555 
_struct_conn.pdbx_ptnr3_label_atom_id      ? 
_struct_conn.pdbx_ptnr3_label_seq_id       ? 
_struct_conn.pdbx_ptnr3_label_comp_id      ? 
_struct_conn.pdbx_ptnr3_label_asym_id      ? 
_struct_conn.pdbx_ptnr3_label_alt_id       ? 
_struct_conn.pdbx_ptnr3_PDB_ins_code       ? 
_struct_conn.details                       ? 
_struct_conn.pdbx_dist_value               2.042 
_struct_conn.pdbx_value_order              ? 
_struct_conn.pdbx_role                     ? 
# 
_struct_conn_type.id          disulf 
_struct_conn_type.criteria    ? 
_struct_conn_type.reference   ? 
# 
_pdbx_modification_feature.ordinal                            1 
_pdbx_modification_feature.label_comp_id                      CYS 
_pdbx_modification_feature.label_asym_id                      A 
_pdbx_modification_feature.label_seq_id                       23 
_pdbx_modification_feature.label_alt_id                       ? 
_pdbx_modification_feature.modified_residue_label_comp_id     CYS 
_pdbx_modification_feature.modified_residue_label_asym_id     A 
_pdbx_modification_feature.modified_residue_label_seq_id      93 
_pdbx_modification_feature.modified_residue_label_alt_id      ? 
_pdbx_modification_feature.auth_comp_id                       CYS 
_pdbx_modification_feature.auth_asym_id                       A 
_pdbx_modification_feature.auth_seq_id                        23 
_pdbx_modification_feature.PDB_ins_code                       ? 
_pdbx_modification_feature.symmetry                           1_555 
_pdbx_modification_feature.modified_residue_auth_comp_id      CYS 
_pdbx_modification_feature.modified_residue_auth_asym_id      A 
_pdbx_modification_feature.modified_residue_auth_seq_id       88 
_pdbx_modification_feature.modified_residue_PDB_ins_code      ? 
_pdbx_modification_feature.modified_residue_symmetry          1_555 
_pdbx_modification_feature.comp_id_linking_atom               SG 
_pdbx_modification_feature.modified_residue_id_linking_atom   SG 
_pdbx_modification_feature.modified_residue_id                . 
_pdbx_modification_feature.ref_pcm_id                         . 
_pdbx_modification_feature.ref_comp_id                        . 
_pdbx_modification_feature.type                               None 
_pdbx_modification_feature.category                           'Disulfide bridge' 
# 
loop_
_struct_mon_prot_cis.pdbx_id 
_struct_mon_prot_cis.label_comp_id 
_struct_mon_prot_cis.label_seq_id 
_struct_mon_prot_cis.label_asym_id 
_struct_mon_prot_cis.label_alt_id 
_struct_mon_prot_cis.pdbx_PDB_ins_code 
_struct_mon_prot_cis.auth_comp_id 
_struct_mon_prot_cis.auth_seq_id 
_struct_mon_prot_cis.auth_asym_id 
_struct_mon_prot_cis.pdbx_label_comp_id_2 
_struct_mon_prot_cis.pdbx_label_seq_id_2 
_struct_mon_prot_cis.pdbx_label_asym_id_2 
_struct_mon_prot_cis.pdbx_PDB_ins_code_2 
_struct_mon_prot_cis.pdbx_auth_comp_id_2 
_struct_mon_prot_cis.pdbx_auth_seq_id_2 
_struct_mon_prot_cis.pdbx_auth_asym_id_2 
_struct_mon_prot_cis.pdbx_PDB_model_num 
_struct_mon_prot_cis.pdbx_omega_angle 
1 SER 7  A . ? SER 7  A PRO 8   A ? PRO 8  A 1 -4.68 
2 TYR 99 A . ? TYR 94 A PRO 100 A ? PRO 95 A 1 -2.11 
# 
loop_
_struct_sheet.id 
_struct_sheet.type 
_struct_sheet.number_strands 
_struct_sheet.details 
A ? 4 ? 
B ? 5 ? 
C ? 6 ? 
D ? 1 ? 
# 
loop_
_struct_sheet_order.sheet_id 
_struct_sheet_order.range_id_1 
_struct_sheet_order.range_id_2 
_struct_sheet_order.offset 
_struct_sheet_order.sense 
A 1 2 ? anti-parallel 
A 2 3 ? anti-parallel 
A 3 4 ? anti-parallel 
B 1 2 ? anti-parallel 
B 2 3 ? anti-parallel 
B 3 4 ? anti-parallel 
B 4 5 ? anti-parallel 
C 1 2 ? anti-parallel 
C 2 3 ? anti-parallel 
C 3 4 ? anti-parallel 
C 4 5 ? anti-parallel 
C 5 6 ? parallel      
# 
loop_
_struct_sheet_range.sheet_id 
_struct_sheet_range.id 
_struct_sheet_range.beg_label_comp_id 
_struct_sheet_range.beg_label_asym_id 
_struct_sheet_range.beg_label_seq_id 
_struct_sheet_range.pdbx_beg_PDB_ins_code 
_struct_sheet_range.end_label_comp_id 
_struct_sheet_range.end_label_asym_id 
_struct_sheet_range.end_label_seq_id 
_struct_sheet_range.pdbx_end_PDB_ins_code 
_struct_sheet_range.beg_auth_comp_id 
_struct_sheet_range.beg_auth_asym_id 
_struct_sheet_range.beg_auth_seq_id 
_struct_sheet_range.end_auth_comp_id 
_struct_sheet_range.end_auth_asym_id 
_struct_sheet_range.end_auth_seq_id 
A 1 MET A 4   ? SER A 7   ? MET A 4   SER A 7   
A 2 VAL A 19  ? SER A 25  ? VAL A 19  SER A 25  
A 3 ASP A 75  ? ILE A 80  ? ASP A 70  ILE A 75  
A 4 PHE A 67  ? SER A 72  ? PHE A 62  SER A 67  
B 1 THR A 58  ? ARG A 59  ? THR A 53  ARG A 54  
B 2 LYS A 50  ? TYR A 54  ? LYS A 45  TYR A 49  
B 3 LEU A 38  ? GLN A 43  ? LEU A 33  GLN A 38  
B 4 ALA A 89  ? ASN A 95  ? ALA A 84  ASN A 90  
B 5 THR A 102 ? PHE A 103 ? THR A 97  PHE A 98  
C 1 THR A 58  ? ARG A 59  ? THR A 53  ARG A 54  
C 2 LYS A 50  ? TYR A 54  ? LYS A 45  TYR A 49  
C 3 LEU A 38  ? GLN A 43  ? LEU A 33  GLN A 38  
C 4 ALA A 89  ? ASN A 95  ? ALA A 84  ASN A 90  
C 5 THR A 107 ? LEU A 111 ? THR A 102 LEU A 106 
C 6 SER A 10  ? VAL A 13  ? SER A 10  VAL A 13  
D 1 LEU A 30  ? TYR A 31  ? LEU A 30  TYR A 31  
# 
loop_
_pdbx_struct_sheet_hbond.sheet_id 
_pdbx_struct_sheet_hbond.range_id_1 
_pdbx_struct_sheet_hbond.range_id_2 
_pdbx_struct_sheet_hbond.range_1_label_atom_id 
_pdbx_struct_sheet_hbond.range_1_label_comp_id 
_pdbx_struct_sheet_hbond.range_1_label_asym_id 
_pdbx_struct_sheet_hbond.range_1_label_seq_id 
_pdbx_struct_sheet_hbond.range_1_PDB_ins_code 
_pdbx_struct_sheet_hbond.range_1_auth_atom_id 
_pdbx_struct_sheet_hbond.range_1_auth_comp_id 
_pdbx_struct_sheet_hbond.range_1_auth_asym_id 
_pdbx_struct_sheet_hbond.range_1_auth_seq_id 
_pdbx_struct_sheet_hbond.range_2_label_atom_id 
_pdbx_struct_sheet_hbond.range_2_label_comp_id 
_pdbx_struct_sheet_hbond.range_2_label_asym_id 
_pdbx_struct_sheet_hbond.range_2_label_seq_id 
_pdbx_struct_sheet_hbond.range_2_PDB_ins_code 
_pdbx_struct_sheet_hbond.range_2_auth_atom_id 
_pdbx_struct_sheet_hbond.range_2_auth_comp_id 
_pdbx_struct_sheet_hbond.range_2_auth_asym_id 
_pdbx_struct_sheet_hbond.range_2_auth_seq_id 
A 1 2 O SER A 7   ? O SER A 7   N SER A 22  ? N SER A 22  
A 2 3 O CYS A 23  ? O CYS A 23  N PHE A 76  ? N PHE A 71  
A 3 4 O THR A 79  ? O THR A 74  N THR A 68  ? N THR A 63  
B 1 2 N THR A 58  ? N THR A 53  O TYR A 54  ? O TYR A 49  
B 2 3 N LEU A 52  ? N LEU A 47  O TRP A 40  ? O TRP A 35  
B 3 4 N GLN A 43  ? N GLN A 38  O VAL A 90  ? O VAL A 85  
B 4 5 N ASN A 95  ? N ASN A 90  O THR A 102 ? O THR A 97  
C 1 2 N THR A 58  ? N THR A 53  O TYR A 54  ? O TYR A 49  
C 2 3 N LEU A 52  ? N LEU A 47  O TRP A 40  ? O TRP A 35  
C 3 4 N GLN A 43  ? N GLN A 38  O VAL A 90  ? O VAL A 85  
C 4 5 N TYR A 91  ? N TYR A 86  O THR A 107 ? O THR A 102 
C 5 6 N GLU A 110 ? N GLU A 105 O LEU A 11  ? O LEU A 11  
# 
loop_
_struct_site.id 
_struct_site.pdbx_evidence_code 
_struct_site.pdbx_auth_asym_id 
_struct_site.pdbx_auth_comp_id 
_struct_site.pdbx_auth_seq_id 
_struct_site.pdbx_auth_ins_code 
_struct_site.pdbx_num_residues 
_struct_site.details 
AC1 Software A SO4 318 ? 4 'BINDING SITE FOR RESIDUE SO4 A 318' 
AC2 Software A ACT 319 ? 6 'BINDING SITE FOR RESIDUE ACT A 319' 
# 
loop_
_struct_site_gen.id 
_struct_site_gen.site_id 
_struct_site_gen.pdbx_num_res 
_struct_site_gen.label_comp_id 
_struct_site_gen.label_asym_id 
_struct_site_gen.label_seq_id 
_struct_site_gen.pdbx_auth_ins_code 
_struct_site_gen.auth_comp_id 
_struct_site_gen.auth_asym_id 
_struct_site_gen.auth_seq_id 
_struct_site_gen.label_atom_id 
_struct_site_gen.label_alt_id 
_struct_site_gen.symmetry 
_struct_site_gen.details 
1  AC1 4 ARG A 59 ? ARG A 54  . ? 10_665 ? 
2  AC1 4 ARG A 59 ? ARG A 54  . ? 1_555  ? 
3  AC1 4 HOH D .  ? HOH A 416 . ? 1_555  ? 
4  AC1 4 HOH D .  ? HOH A 416 . ? 10_665 ? 
5  AC2 6 LYS A 35 E LYS A 31  . ? 1_555  ? 
6  AC2 6 PHE A 37 ? PHE A 32  . ? 1_555  ? 
7  AC2 6 LEU A 38 ? LEU A 33  . ? 1_555  ? 
8  AC2 6 GLY A 55 ? GLY A 50  . ? 1_555  ? 
9  AC2 6 ASP A 96 ? ASP A 91  . ? 1_555  ? 
10 AC2 6 TYR A 99 ? TYR A 94  . ? 8_676  ? 
# 
_pdbx_entry_details.entry_id                   2IMN 
_pdbx_entry_details.compound_details           ? 
_pdbx_entry_details.source_details             ? 
_pdbx_entry_details.nonpolymer_details         ? 
_pdbx_entry_details.sequence_details           ? 
_pdbx_entry_details.has_ligand_of_interest     ? 
_pdbx_entry_details.has_protein_modification   Y 
# 
_pdbx_validate_symm_contact.id                1 
_pdbx_validate_symm_contact.PDB_model_num     1 
_pdbx_validate_symm_contact.auth_atom_id_1    NH1 
_pdbx_validate_symm_contact.auth_asym_id_1    A 
_pdbx_validate_symm_contact.auth_comp_id_1    ARG 
_pdbx_validate_symm_contact.auth_seq_id_1     54 
_pdbx_validate_symm_contact.PDB_ins_code_1    ? 
_pdbx_validate_symm_contact.label_alt_id_1    ? 
_pdbx_validate_symm_contact.site_symmetry_1   1_555 
_pdbx_validate_symm_contact.auth_atom_id_2    O4 
_pdbx_validate_symm_contact.auth_asym_id_2    A 
_pdbx_validate_symm_contact.auth_comp_id_2    SO4 
_pdbx_validate_symm_contact.auth_seq_id_2     318 
_pdbx_validate_symm_contact.PDB_ins_code_2    ? 
_pdbx_validate_symm_contact.label_alt_id_2    ? 
_pdbx_validate_symm_contact.site_symmetry_2   10_665 
_pdbx_validate_symm_contact.dist              1.84 
# 
loop_
_pdbx_validate_rmsd_angle.id 
_pdbx_validate_rmsd_angle.PDB_model_num 
_pdbx_validate_rmsd_angle.auth_atom_id_1 
_pdbx_validate_rmsd_angle.auth_asym_id_1 
_pdbx_validate_rmsd_angle.auth_comp_id_1 
_pdbx_validate_rmsd_angle.auth_seq_id_1 
_pdbx_validate_rmsd_angle.PDB_ins_code_1 
_pdbx_validate_rmsd_angle.label_alt_id_1 
_pdbx_validate_rmsd_angle.auth_atom_id_2 
_pdbx_validate_rmsd_angle.auth_asym_id_2 
_pdbx_validate_rmsd_angle.auth_comp_id_2 
_pdbx_validate_rmsd_angle.auth_seq_id_2 
_pdbx_validate_rmsd_angle.PDB_ins_code_2 
_pdbx_validate_rmsd_angle.label_alt_id_2 
_pdbx_validate_rmsd_angle.auth_atom_id_3 
_pdbx_validate_rmsd_angle.auth_asym_id_3 
_pdbx_validate_rmsd_angle.auth_comp_id_3 
_pdbx_validate_rmsd_angle.auth_seq_id_3 
_pdbx_validate_rmsd_angle.PDB_ins_code_3 
_pdbx_validate_rmsd_angle.label_alt_id_3 
_pdbx_validate_rmsd_angle.angle_value 
_pdbx_validate_rmsd_angle.angle_target_value 
_pdbx_validate_rmsd_angle.angle_deviation 
_pdbx_validate_rmsd_angle.angle_standard_deviation 
_pdbx_validate_rmsd_angle.linker_flag 
1 1 NE A ARG 18 ? ? CZ A ARG 18 ? ? NH2 A ARG 18 ? ? 114.75 120.30 -5.55 0.50 N 
2 1 NE A ARG 54 ? ? CZ A ARG 54 ? ? NH1 A ARG 54 ? ? 125.85 120.30 5.55  0.50 N 
3 1 NE A ARG 54 ? ? CZ A ARG 54 ? ? NH2 A ARG 54 ? ? 113.24 120.30 -7.06 0.50 N 
4 1 CB A ASP 60 ? ? CG A ASP 60 ? ? OD1 A ASP 60 ? ? 124.43 118.30 6.13  0.90 N 
# 
_pdbx_validate_torsion.id              1 
_pdbx_validate_torsion.PDB_model_num   1 
_pdbx_validate_torsion.auth_comp_id    ALA 
_pdbx_validate_torsion.auth_asym_id    A 
_pdbx_validate_torsion.auth_seq_id     51 
_pdbx_validate_torsion.PDB_ins_code    ? 
_pdbx_validate_torsion.label_alt_id    ? 
_pdbx_validate_torsion.phi             66.50 
_pdbx_validate_torsion.psi             -35.28 
# 
_pdbx_validate_main_chain_plane.id                       1 
_pdbx_validate_main_chain_plane.PDB_model_num            1 
_pdbx_validate_main_chain_plane.auth_comp_id             GLN 
_pdbx_validate_main_chain_plane.auth_asym_id             A 
_pdbx_validate_main_chain_plane.auth_seq_id              6 
_pdbx_validate_main_chain_plane.PDB_ins_code             ? 
_pdbx_validate_main_chain_plane.label_alt_id             ? 
_pdbx_validate_main_chain_plane.improper_torsion_angle   -11.20 
# 
_pdbx_struct_special_symmetry.id              1 
_pdbx_struct_special_symmetry.PDB_model_num   1 
_pdbx_struct_special_symmetry.auth_asym_id    A 
_pdbx_struct_special_symmetry.auth_comp_id    SO4 
_pdbx_struct_special_symmetry.auth_seq_id     318 
_pdbx_struct_special_symmetry.PDB_ins_code    ? 
_pdbx_struct_special_symmetry.label_asym_id   B 
_pdbx_struct_special_symmetry.label_comp_id   SO4 
_pdbx_struct_special_symmetry.label_seq_id    . 
# 
loop_
_chem_comp_atom.comp_id 
_chem_comp_atom.atom_id 
_chem_comp_atom.type_symbol 
_chem_comp_atom.pdbx_aromatic_flag 
_chem_comp_atom.pdbx_stereo_config 
_chem_comp_atom.pdbx_ordinal 
ACT C    C N N 1   
ACT O    O N N 2   
ACT OXT  O N N 3   
ACT CH3  C N N 4   
ACT H1   H N N 5   
ACT H2   H N N 6   
ACT H3   H N N 7   
ALA N    N N N 8   
ALA CA   C N S 9   
ALA C    C N N 10  
ALA O    O N N 11  
ALA CB   C N N 12  
ALA OXT  O N N 13  
ALA H    H N N 14  
ALA H2   H N N 15  
ALA HA   H N N 16  
ALA HB1  H N N 17  
ALA HB2  H N N 18  
ALA HB3  H N N 19  
ALA HXT  H N N 20  
ARG N    N N N 21  
ARG CA   C N S 22  
ARG C    C N N 23  
ARG O    O N N 24  
ARG CB   C N N 25  
ARG CG   C N N 26  
ARG CD   C N N 27  
ARG NE   N N N 28  
ARG CZ   C N N 29  
ARG NH1  N N N 30  
ARG NH2  N N N 31  
ARG OXT  O N N 32  
ARG H    H N N 33  
ARG H2   H N N 34  
ARG HA   H N N 35  
ARG HB2  H N N 36  
ARG HB3  H N N 37  
ARG HG2  H N N 38  
ARG HG3  H N N 39  
ARG HD2  H N N 40  
ARG HD3  H N N 41  
ARG HE   H N N 42  
ARG HH11 H N N 43  
ARG HH12 H N N 44  
ARG HH21 H N N 45  
ARG HH22 H N N 46  
ARG HXT  H N N 47  
ASN N    N N N 48  
ASN CA   C N S 49  
ASN C    C N N 50  
ASN O    O N N 51  
ASN CB   C N N 52  
ASN CG   C N N 53  
ASN OD1  O N N 54  
ASN ND2  N N N 55  
ASN OXT  O N N 56  
ASN H    H N N 57  
ASN H2   H N N 58  
ASN HA   H N N 59  
ASN HB2  H N N 60  
ASN HB3  H N N 61  
ASN HD21 H N N 62  
ASN HD22 H N N 63  
ASN HXT  H N N 64  
ASP N    N N N 65  
ASP CA   C N S 66  
ASP C    C N N 67  
ASP O    O N N 68  
ASP CB   C N N 69  
ASP CG   C N N 70  
ASP OD1  O N N 71  
ASP OD2  O N N 72  
ASP OXT  O N N 73  
ASP H    H N N 74  
ASP H2   H N N 75  
ASP HA   H N N 76  
ASP HB2  H N N 77  
ASP HB3  H N N 78  
ASP HD2  H N N 79  
ASP HXT  H N N 80  
CYS N    N N N 81  
CYS CA   C N R 82  
CYS C    C N N 83  
CYS O    O N N 84  
CYS CB   C N N 85  
CYS SG   S N N 86  
CYS OXT  O N N 87  
CYS H    H N N 88  
CYS H2   H N N 89  
CYS HA   H N N 90  
CYS HB2  H N N 91  
CYS HB3  H N N 92  
CYS HG   H N N 93  
CYS HXT  H N N 94  
GLN N    N N N 95  
GLN CA   C N S 96  
GLN C    C N N 97  
GLN O    O N N 98  
GLN CB   C N N 99  
GLN CG   C N N 100 
GLN CD   C N N 101 
GLN OE1  O N N 102 
GLN NE2  N N N 103 
GLN OXT  O N N 104 
GLN H    H N N 105 
GLN H2   H N N 106 
GLN HA   H N N 107 
GLN HB2  H N N 108 
GLN HB3  H N N 109 
GLN HG2  H N N 110 
GLN HG3  H N N 111 
GLN HE21 H N N 112 
GLN HE22 H N N 113 
GLN HXT  H N N 114 
GLU N    N N N 115 
GLU CA   C N S 116 
GLU C    C N N 117 
GLU O    O N N 118 
GLU CB   C N N 119 
GLU CG   C N N 120 
GLU CD   C N N 121 
GLU OE1  O N N 122 
GLU OE2  O N N 123 
GLU OXT  O N N 124 
GLU H    H N N 125 
GLU H2   H N N 126 
GLU HA   H N N 127 
GLU HB2  H N N 128 
GLU HB3  H N N 129 
GLU HG2  H N N 130 
GLU HG3  H N N 131 
GLU HE2  H N N 132 
GLU HXT  H N N 133 
GLY N    N N N 134 
GLY CA   C N N 135 
GLY C    C N N 136 
GLY O    O N N 137 
GLY OXT  O N N 138 
GLY H    H N N 139 
GLY H2   H N N 140 
GLY HA2  H N N 141 
GLY HA3  H N N 142 
GLY HXT  H N N 143 
HIS N    N N N 144 
HIS CA   C N S 145 
HIS C    C N N 146 
HIS O    O N N 147 
HIS CB   C N N 148 
HIS CG   C Y N 149 
HIS ND1  N Y N 150 
HIS CD2  C Y N 151 
HIS CE1  C Y N 152 
HIS NE2  N Y N 153 
HIS OXT  O N N 154 
HIS H    H N N 155 
HIS H2   H N N 156 
HIS HA   H N N 157 
HIS HB2  H N N 158 
HIS HB3  H N N 159 
HIS HD1  H N N 160 
HIS HD2  H N N 161 
HIS HE1  H N N 162 
HIS HE2  H N N 163 
HIS HXT  H N N 164 
HOH O    O N N 165 
HOH H1   H N N 166 
HOH H2   H N N 167 
ILE N    N N N 168 
ILE CA   C N S 169 
ILE C    C N N 170 
ILE O    O N N 171 
ILE CB   C N S 172 
ILE CG1  C N N 173 
ILE CG2  C N N 174 
ILE CD1  C N N 175 
ILE OXT  O N N 176 
ILE H    H N N 177 
ILE H2   H N N 178 
ILE HA   H N N 179 
ILE HB   H N N 180 
ILE HG12 H N N 181 
ILE HG13 H N N 182 
ILE HG21 H N N 183 
ILE HG22 H N N 184 
ILE HG23 H N N 185 
ILE HD11 H N N 186 
ILE HD12 H N N 187 
ILE HD13 H N N 188 
ILE HXT  H N N 189 
LEU N    N N N 190 
LEU CA   C N S 191 
LEU C    C N N 192 
LEU O    O N N 193 
LEU CB   C N N 194 
LEU CG   C N N 195 
LEU CD1  C N N 196 
LEU CD2  C N N 197 
LEU OXT  O N N 198 
LEU H    H N N 199 
LEU H2   H N N 200 
LEU HA   H N N 201 
LEU HB2  H N N 202 
LEU HB3  H N N 203 
LEU HG   H N N 204 
LEU HD11 H N N 205 
LEU HD12 H N N 206 
LEU HD13 H N N 207 
LEU HD21 H N N 208 
LEU HD22 H N N 209 
LEU HD23 H N N 210 
LEU HXT  H N N 211 
LYS N    N N N 212 
LYS CA   C N S 213 
LYS C    C N N 214 
LYS O    O N N 215 
LYS CB   C N N 216 
LYS CG   C N N 217 
LYS CD   C N N 218 
LYS CE   C N N 219 
LYS NZ   N N N 220 
LYS OXT  O N N 221 
LYS H    H N N 222 
LYS H2   H N N 223 
LYS HA   H N N 224 
LYS HB2  H N N 225 
LYS HB3  H N N 226 
LYS HG2  H N N 227 
LYS HG3  H N N 228 
LYS HD2  H N N 229 
LYS HD3  H N N 230 
LYS HE2  H N N 231 
LYS HE3  H N N 232 
LYS HZ1  H N N 233 
LYS HZ2  H N N 234 
LYS HZ3  H N N 235 
LYS HXT  H N N 236 
MET N    N N N 237 
MET CA   C N S 238 
MET C    C N N 239 
MET O    O N N 240 
MET CB   C N N 241 
MET CG   C N N 242 
MET SD   S N N 243 
MET CE   C N N 244 
MET OXT  O N N 245 
MET H    H N N 246 
MET H2   H N N 247 
MET HA   H N N 248 
MET HB2  H N N 249 
MET HB3  H N N 250 
MET HG2  H N N 251 
MET HG3  H N N 252 
MET HE1  H N N 253 
MET HE2  H N N 254 
MET HE3  H N N 255 
MET HXT  H N N 256 
PHE N    N N N 257 
PHE CA   C N S 258 
PHE C    C N N 259 
PHE O    O N N 260 
PHE CB   C N N 261 
PHE CG   C Y N 262 
PHE CD1  C Y N 263 
PHE CD2  C Y N 264 
PHE CE1  C Y N 265 
PHE CE2  C Y N 266 
PHE CZ   C Y N 267 
PHE OXT  O N N 268 
PHE H    H N N 269 
PHE H2   H N N 270 
PHE HA   H N N 271 
PHE HB2  H N N 272 
PHE HB3  H N N 273 
PHE HD1  H N N 274 
PHE HD2  H N N 275 
PHE HE1  H N N 276 
PHE HE2  H N N 277 
PHE HZ   H N N 278 
PHE HXT  H N N 279 
PRO N    N N N 280 
PRO CA   C N S 281 
PRO C    C N N 282 
PRO O    O N N 283 
PRO CB   C N N 284 
PRO CG   C N N 285 
PRO CD   C N N 286 
PRO OXT  O N N 287 
PRO H    H N N 288 
PRO HA   H N N 289 
PRO HB2  H N N 290 
PRO HB3  H N N 291 
PRO HG2  H N N 292 
PRO HG3  H N N 293 
PRO HD2  H N N 294 
PRO HD3  H N N 295 
PRO HXT  H N N 296 
SER N    N N N 297 
SER CA   C N S 298 
SER C    C N N 299 
SER O    O N N 300 
SER CB   C N N 301 
SER OG   O N N 302 
SER OXT  O N N 303 
SER H    H N N 304 
SER H2   H N N 305 
SER HA   H N N 306 
SER HB2  H N N 307 
SER HB3  H N N 308 
SER HG   H N N 309 
SER HXT  H N N 310 
SO4 S    S N N 311 
SO4 O1   O N N 312 
SO4 O2   O N N 313 
SO4 O3   O N N 314 
SO4 O4   O N N 315 
THR N    N N N 316 
THR CA   C N S 317 
THR C    C N N 318 
THR O    O N N 319 
THR CB   C N R 320 
THR OG1  O N N 321 
THR CG2  C N N 322 
THR OXT  O N N 323 
THR H    H N N 324 
THR H2   H N N 325 
THR HA   H N N 326 
THR HB   H N N 327 
THR HG1  H N N 328 
THR HG21 H N N 329 
THR HG22 H N N 330 
THR HG23 H N N 331 
THR HXT  H N N 332 
TRP N    N N N 333 
TRP CA   C N S 334 
TRP C    C N N 335 
TRP O    O N N 336 
TRP CB   C N N 337 
TRP CG   C Y N 338 
TRP CD1  C Y N 339 
TRP CD2  C Y N 340 
TRP NE1  N Y N 341 
TRP CE2  C Y N 342 
TRP CE3  C Y N 343 
TRP CZ2  C Y N 344 
TRP CZ3  C Y N 345 
TRP CH2  C Y N 346 
TRP OXT  O N N 347 
TRP H    H N N 348 
TRP H2   H N N 349 
TRP HA   H N N 350 
TRP HB2  H N N 351 
TRP HB3  H N N 352 
TRP HD1  H N N 353 
TRP HE1  H N N 354 
TRP HE3  H N N 355 
TRP HZ2  H N N 356 
TRP HZ3  H N N 357 
TRP HH2  H N N 358 
TRP HXT  H N N 359 
TYR N    N N N 360 
TYR CA   C N S 361 
TYR C    C N N 362 
TYR O    O N N 363 
TYR CB   C N N 364 
TYR CG   C Y N 365 
TYR CD1  C Y N 366 
TYR CD2  C Y N 367 
TYR CE1  C Y N 368 
TYR CE2  C Y N 369 
TYR CZ   C Y N 370 
TYR OH   O N N 371 
TYR OXT  O N N 372 
TYR H    H N N 373 
TYR H2   H N N 374 
TYR HA   H N N 375 
TYR HB2  H N N 376 
TYR HB3  H N N 377 
TYR HD1  H N N 378 
TYR HD2  H N N 379 
TYR HE1  H N N 380 
TYR HE2  H N N 381 
TYR HH   H N N 382 
TYR HXT  H N N 383 
VAL N    N N N 384 
VAL CA   C N S 385 
VAL C    C N N 386 
VAL O    O N N 387 
VAL CB   C N N 388 
VAL CG1  C N N 389 
VAL CG2  C N N 390 
VAL OXT  O N N 391 
VAL H    H N N 392 
VAL H2   H N N 393 
VAL HA   H N N 394 
VAL HB   H N N 395 
VAL HG11 H N N 396 
VAL HG12 H N N 397 
VAL HG13 H N N 398 
VAL HG21 H N N 399 
VAL HG22 H N N 400 
VAL HG23 H N N 401 
VAL HXT  H N N 402 
# 
loop_
_chem_comp_bond.comp_id 
_chem_comp_bond.atom_id_1 
_chem_comp_bond.atom_id_2 
_chem_comp_bond.value_order 
_chem_comp_bond.pdbx_aromatic_flag 
_chem_comp_bond.pdbx_stereo_config 
_chem_comp_bond.pdbx_ordinal 
ACT C   O    doub N N 1   
ACT C   OXT  sing N N 2   
ACT C   CH3  sing N N 3   
ACT CH3 H1   sing N N 4   
ACT CH3 H2   sing N N 5   
ACT CH3 H3   sing N N 6   
ALA N   CA   sing N N 7   
ALA N   H    sing N N 8   
ALA N   H2   sing N N 9   
ALA CA  C    sing N N 10  
ALA CA  CB   sing N N 11  
ALA CA  HA   sing N N 12  
ALA C   O    doub N N 13  
ALA C   OXT  sing N N 14  
ALA CB  HB1  sing N N 15  
ALA CB  HB2  sing N N 16  
ALA CB  HB3  sing N N 17  
ALA OXT HXT  sing N N 18  
ARG N   CA   sing N N 19  
ARG N   H    sing N N 20  
ARG N   H2   sing N N 21  
ARG CA  C    sing N N 22  
ARG CA  CB   sing N N 23  
ARG CA  HA   sing N N 24  
ARG C   O    doub N N 25  
ARG C   OXT  sing N N 26  
ARG CB  CG   sing N N 27  
ARG CB  HB2  sing N N 28  
ARG CB  HB3  sing N N 29  
ARG CG  CD   sing N N 30  
ARG CG  HG2  sing N N 31  
ARG CG  HG3  sing N N 32  
ARG CD  NE   sing N N 33  
ARG CD  HD2  sing N N 34  
ARG CD  HD3  sing N N 35  
ARG NE  CZ   sing N N 36  
ARG NE  HE   sing N N 37  
ARG CZ  NH1  sing N N 38  
ARG CZ  NH2  doub N N 39  
ARG NH1 HH11 sing N N 40  
ARG NH1 HH12 sing N N 41  
ARG NH2 HH21 sing N N 42  
ARG NH2 HH22 sing N N 43  
ARG OXT HXT  sing N N 44  
ASN N   CA   sing N N 45  
ASN N   H    sing N N 46  
ASN N   H2   sing N N 47  
ASN CA  C    sing N N 48  
ASN CA  CB   sing N N 49  
ASN CA  HA   sing N N 50  
ASN C   O    doub N N 51  
ASN C   OXT  sing N N 52  
ASN CB  CG   sing N N 53  
ASN CB  HB2  sing N N 54  
ASN CB  HB3  sing N N 55  
ASN CG  OD1  doub N N 56  
ASN CG  ND2  sing N N 57  
ASN ND2 HD21 sing N N 58  
ASN ND2 HD22 sing N N 59  
ASN OXT HXT  sing N N 60  
ASP N   CA   sing N N 61  
ASP N   H    sing N N 62  
ASP N   H2   sing N N 63  
ASP CA  C    sing N N 64  
ASP CA  CB   sing N N 65  
ASP CA  HA   sing N N 66  
ASP C   O    doub N N 67  
ASP C   OXT  sing N N 68  
ASP CB  CG   sing N N 69  
ASP CB  HB2  sing N N 70  
ASP CB  HB3  sing N N 71  
ASP CG  OD1  doub N N 72  
ASP CG  OD2  sing N N 73  
ASP OD2 HD2  sing N N 74  
ASP OXT HXT  sing N N 75  
CYS N   CA   sing N N 76  
CYS N   H    sing N N 77  
CYS N   H2   sing N N 78  
CYS CA  C    sing N N 79  
CYS CA  CB   sing N N 80  
CYS CA  HA   sing N N 81  
CYS C   O    doub N N 82  
CYS C   OXT  sing N N 83  
CYS CB  SG   sing N N 84  
CYS CB  HB2  sing N N 85  
CYS CB  HB3  sing N N 86  
CYS SG  HG   sing N N 87  
CYS OXT HXT  sing N N 88  
GLN N   CA   sing N N 89  
GLN N   H    sing N N 90  
GLN N   H2   sing N N 91  
GLN CA  C    sing N N 92  
GLN CA  CB   sing N N 93  
GLN CA  HA   sing N N 94  
GLN C   O    doub N N 95  
GLN C   OXT  sing N N 96  
GLN CB  CG   sing N N 97  
GLN CB  HB2  sing N N 98  
GLN CB  HB3  sing N N 99  
GLN CG  CD   sing N N 100 
GLN CG  HG2  sing N N 101 
GLN CG  HG3  sing N N 102 
GLN CD  OE1  doub N N 103 
GLN CD  NE2  sing N N 104 
GLN NE2 HE21 sing N N 105 
GLN NE2 HE22 sing N N 106 
GLN OXT HXT  sing N N 107 
GLU N   CA   sing N N 108 
GLU N   H    sing N N 109 
GLU N   H2   sing N N 110 
GLU CA  C    sing N N 111 
GLU CA  CB   sing N N 112 
GLU CA  HA   sing N N 113 
GLU C   O    doub N N 114 
GLU C   OXT  sing N N 115 
GLU CB  CG   sing N N 116 
GLU CB  HB2  sing N N 117 
GLU CB  HB3  sing N N 118 
GLU CG  CD   sing N N 119 
GLU CG  HG2  sing N N 120 
GLU CG  HG3  sing N N 121 
GLU CD  OE1  doub N N 122 
GLU CD  OE2  sing N N 123 
GLU OE2 HE2  sing N N 124 
GLU OXT HXT  sing N N 125 
GLY N   CA   sing N N 126 
GLY N   H    sing N N 127 
GLY N   H2   sing N N 128 
GLY CA  C    sing N N 129 
GLY CA  HA2  sing N N 130 
GLY CA  HA3  sing N N 131 
GLY C   O    doub N N 132 
GLY C   OXT  sing N N 133 
GLY OXT HXT  sing N N 134 
HIS N   CA   sing N N 135 
HIS N   H    sing N N 136 
HIS N   H2   sing N N 137 
HIS CA  C    sing N N 138 
HIS CA  CB   sing N N 139 
HIS CA  HA   sing N N 140 
HIS C   O    doub N N 141 
HIS C   OXT  sing N N 142 
HIS CB  CG   sing N N 143 
HIS CB  HB2  sing N N 144 
HIS CB  HB3  sing N N 145 
HIS CG  ND1  sing Y N 146 
HIS CG  CD2  doub Y N 147 
HIS ND1 CE1  doub Y N 148 
HIS ND1 HD1  sing N N 149 
HIS CD2 NE2  sing Y N 150 
HIS CD2 HD2  sing N N 151 
HIS CE1 NE2  sing Y N 152 
HIS CE1 HE1  sing N N 153 
HIS NE2 HE2  sing N N 154 
HIS OXT HXT  sing N N 155 
HOH O   H1   sing N N 156 
HOH O   H2   sing N N 157 
ILE N   CA   sing N N 158 
ILE N   H    sing N N 159 
ILE N   H2   sing N N 160 
ILE CA  C    sing N N 161 
ILE CA  CB   sing N N 162 
ILE CA  HA   sing N N 163 
ILE C   O    doub N N 164 
ILE C   OXT  sing N N 165 
ILE CB  CG1  sing N N 166 
ILE CB  CG2  sing N N 167 
ILE CB  HB   sing N N 168 
ILE CG1 CD1  sing N N 169 
ILE CG1 HG12 sing N N 170 
ILE CG1 HG13 sing N N 171 
ILE CG2 HG21 sing N N 172 
ILE CG2 HG22 sing N N 173 
ILE CG2 HG23 sing N N 174 
ILE CD1 HD11 sing N N 175 
ILE CD1 HD12 sing N N 176 
ILE CD1 HD13 sing N N 177 
ILE OXT HXT  sing N N 178 
LEU N   CA   sing N N 179 
LEU N   H    sing N N 180 
LEU N   H2   sing N N 181 
LEU CA  C    sing N N 182 
LEU CA  CB   sing N N 183 
LEU CA  HA   sing N N 184 
LEU C   O    doub N N 185 
LEU C   OXT  sing N N 186 
LEU CB  CG   sing N N 187 
LEU CB  HB2  sing N N 188 
LEU CB  HB3  sing N N 189 
LEU CG  CD1  sing N N 190 
LEU CG  CD2  sing N N 191 
LEU CG  HG   sing N N 192 
LEU CD1 HD11 sing N N 193 
LEU CD1 HD12 sing N N 194 
LEU CD1 HD13 sing N N 195 
LEU CD2 HD21 sing N N 196 
LEU CD2 HD22 sing N N 197 
LEU CD2 HD23 sing N N 198 
LEU OXT HXT  sing N N 199 
LYS N   CA   sing N N 200 
LYS N   H    sing N N 201 
LYS N   H2   sing N N 202 
LYS CA  C    sing N N 203 
LYS CA  CB   sing N N 204 
LYS CA  HA   sing N N 205 
LYS C   O    doub N N 206 
LYS C   OXT  sing N N 207 
LYS CB  CG   sing N N 208 
LYS CB  HB2  sing N N 209 
LYS CB  HB3  sing N N 210 
LYS CG  CD   sing N N 211 
LYS CG  HG2  sing N N 212 
LYS CG  HG3  sing N N 213 
LYS CD  CE   sing N N 214 
LYS CD  HD2  sing N N 215 
LYS CD  HD3  sing N N 216 
LYS CE  NZ   sing N N 217 
LYS CE  HE2  sing N N 218 
LYS CE  HE3  sing N N 219 
LYS NZ  HZ1  sing N N 220 
LYS NZ  HZ2  sing N N 221 
LYS NZ  HZ3  sing N N 222 
LYS OXT HXT  sing N N 223 
MET N   CA   sing N N 224 
MET N   H    sing N N 225 
MET N   H2   sing N N 226 
MET CA  C    sing N N 227 
MET CA  CB   sing N N 228 
MET CA  HA   sing N N 229 
MET C   O    doub N N 230 
MET C   OXT  sing N N 231 
MET CB  CG   sing N N 232 
MET CB  HB2  sing N N 233 
MET CB  HB3  sing N N 234 
MET CG  SD   sing N N 235 
MET CG  HG2  sing N N 236 
MET CG  HG3  sing N N 237 
MET SD  CE   sing N N 238 
MET CE  HE1  sing N N 239 
MET CE  HE2  sing N N 240 
MET CE  HE3  sing N N 241 
MET OXT HXT  sing N N 242 
PHE N   CA   sing N N 243 
PHE N   H    sing N N 244 
PHE N   H2   sing N N 245 
PHE CA  C    sing N N 246 
PHE CA  CB   sing N N 247 
PHE CA  HA   sing N N 248 
PHE C   O    doub N N 249 
PHE C   OXT  sing N N 250 
PHE CB  CG   sing N N 251 
PHE CB  HB2  sing N N 252 
PHE CB  HB3  sing N N 253 
PHE CG  CD1  doub Y N 254 
PHE CG  CD2  sing Y N 255 
PHE CD1 CE1  sing Y N 256 
PHE CD1 HD1  sing N N 257 
PHE CD2 CE2  doub Y N 258 
PHE CD2 HD2  sing N N 259 
PHE CE1 CZ   doub Y N 260 
PHE CE1 HE1  sing N N 261 
PHE CE2 CZ   sing Y N 262 
PHE CE2 HE2  sing N N 263 
PHE CZ  HZ   sing N N 264 
PHE OXT HXT  sing N N 265 
PRO N   CA   sing N N 266 
PRO N   CD   sing N N 267 
PRO N   H    sing N N 268 
PRO CA  C    sing N N 269 
PRO CA  CB   sing N N 270 
PRO CA  HA   sing N N 271 
PRO C   O    doub N N 272 
PRO C   OXT  sing N N 273 
PRO CB  CG   sing N N 274 
PRO CB  HB2  sing N N 275 
PRO CB  HB3  sing N N 276 
PRO CG  CD   sing N N 277 
PRO CG  HG2  sing N N 278 
PRO CG  HG3  sing N N 279 
PRO CD  HD2  sing N N 280 
PRO CD  HD3  sing N N 281 
PRO OXT HXT  sing N N 282 
SER N   CA   sing N N 283 
SER N   H    sing N N 284 
SER N   H2   sing N N 285 
SER CA  C    sing N N 286 
SER CA  CB   sing N N 287 
SER CA  HA   sing N N 288 
SER C   O    doub N N 289 
SER C   OXT  sing N N 290 
SER CB  OG   sing N N 291 
SER CB  HB2  sing N N 292 
SER CB  HB3  sing N N 293 
SER OG  HG   sing N N 294 
SER OXT HXT  sing N N 295 
SO4 S   O1   doub N N 296 
SO4 S   O2   doub N N 297 
SO4 S   O3   sing N N 298 
SO4 S   O4   sing N N 299 
THR N   CA   sing N N 300 
THR N   H    sing N N 301 
THR N   H2   sing N N 302 
THR CA  C    sing N N 303 
THR CA  CB   sing N N 304 
THR CA  HA   sing N N 305 
THR C   O    doub N N 306 
THR C   OXT  sing N N 307 
THR CB  OG1  sing N N 308 
THR CB  CG2  sing N N 309 
THR CB  HB   sing N N 310 
THR OG1 HG1  sing N N 311 
THR CG2 HG21 sing N N 312 
THR CG2 HG22 sing N N 313 
THR CG2 HG23 sing N N 314 
THR OXT HXT  sing N N 315 
TRP N   CA   sing N N 316 
TRP N   H    sing N N 317 
TRP N   H2   sing N N 318 
TRP CA  C    sing N N 319 
TRP CA  CB   sing N N 320 
TRP CA  HA   sing N N 321 
TRP C   O    doub N N 322 
TRP C   OXT  sing N N 323 
TRP CB  CG   sing N N 324 
TRP CB  HB2  sing N N 325 
TRP CB  HB3  sing N N 326 
TRP CG  CD1  doub Y N 327 
TRP CG  CD2  sing Y N 328 
TRP CD1 NE1  sing Y N 329 
TRP CD1 HD1  sing N N 330 
TRP CD2 CE2  doub Y N 331 
TRP CD2 CE3  sing Y N 332 
TRP NE1 CE2  sing Y N 333 
TRP NE1 HE1  sing N N 334 
TRP CE2 CZ2  sing Y N 335 
TRP CE3 CZ3  doub Y N 336 
TRP CE3 HE3  sing N N 337 
TRP CZ2 CH2  doub Y N 338 
TRP CZ2 HZ2  sing N N 339 
TRP CZ3 CH2  sing Y N 340 
TRP CZ3 HZ3  sing N N 341 
TRP CH2 HH2  sing N N 342 
TRP OXT HXT  sing N N 343 
TYR N   CA   sing N N 344 
TYR N   H    sing N N 345 
TYR N   H2   sing N N 346 
TYR CA  C    sing N N 347 
TYR CA  CB   sing N N 348 
TYR CA  HA   sing N N 349 
TYR C   O    doub N N 350 
TYR C   OXT  sing N N 351 
TYR CB  CG   sing N N 352 
TYR CB  HB2  sing N N 353 
TYR CB  HB3  sing N N 354 
TYR CG  CD1  doub Y N 355 
TYR CG  CD2  sing Y N 356 
TYR CD1 CE1  sing Y N 357 
TYR CD1 HD1  sing N N 358 
TYR CD2 CE2  doub Y N 359 
TYR CD2 HD2  sing N N 360 
TYR CE1 CZ   doub Y N 361 
TYR CE1 HE1  sing N N 362 
TYR CE2 CZ   sing Y N 363 
TYR CE2 HE2  sing N N 364 
TYR CZ  OH   sing N N 365 
TYR OH  HH   sing N N 366 
TYR OXT HXT  sing N N 367 
VAL N   CA   sing N N 368 
VAL N   H    sing N N 369 
VAL N   H2   sing N N 370 
VAL CA  C    sing N N 371 
VAL CA  CB   sing N N 372 
VAL CA  HA   sing N N 373 
VAL C   O    doub N N 374 
VAL C   OXT  sing N N 375 
VAL CB  CG1  sing N N 376 
VAL CB  CG2  sing N N 377 
VAL CB  HB   sing N N 378 
VAL CG1 HG11 sing N N 379 
VAL CG1 HG12 sing N N 380 
VAL CG1 HG13 sing N N 381 
VAL CG2 HG21 sing N N 382 
VAL CG2 HG22 sing N N 383 
VAL CG2 HG23 sing N N 384 
VAL OXT HXT  sing N N 385 
# 
_atom_sites.entry_id                    2IMN 
_atom_sites.fract_transf_matrix[1][1]   -0.00537701 
_atom_sites.fract_transf_matrix[1][2]   -0.01059594 
_atom_sites.fract_transf_matrix[1][3]   -0.00608491 
_atom_sites.fract_transf_matrix[2][1]   -0.00296987 
_atom_sites.fract_transf_matrix[2][2]   0.00056452 
_atom_sites.fract_transf_matrix[2][3]   -0.01300219 
_atom_sites.fract_transf_matrix[3][1]   0.01226519 
_atom_sites.fract_transf_matrix[3][2]   -0.00450298 
_atom_sites.fract_transf_matrix[3][3]   -0.00299704 
_atom_sites.fract_transf_vector[1]      0.434171 
_atom_sites.fract_transf_vector[2]      0.844728 
_atom_sites.fract_transf_vector[3]      0.521683 
# 
loop_
_atom_sites_footnote.id 
_atom_sites_footnote.text 
1 'RESIDUES PRO 8 AND PRO 95 ARE CIS-PROLINES.'                                                      
2 'RESIDUES TYR 31, LYS 31A, LYS 103, AND ARG 108 ARE PARTIALLY DISORDERED IN THE ELECTRON DENSITY.' 
# 
loop_
_atom_type.symbol 
C 
N 
O 
S 
# 
loop_
_atom_site.group_PDB 
_atom_site.id 
_atom_site.type_symbol 
_atom_site.label_atom_id 
_atom_site.label_alt_id 
_atom_site.label_comp_id 
_atom_site.label_asym_id 
_atom_site.label_entity_id 
_atom_site.label_seq_id 
_atom_site.pdbx_PDB_ins_code 
_atom_site.Cartn_x 
_atom_site.Cartn_y 
_atom_site.Cartn_z 
_atom_site.occupancy 
_atom_site.B_iso_or_equiv 
_atom_site.pdbx_formal_charge 
_atom_site.auth_seq_id 
_atom_site.auth_comp_id 
_atom_site.auth_asym_id 
_atom_site.auth_atom_id 
_atom_site.pdbx_PDB_model_num 
ATOM   1   N N   . ASP A 1 1   ? 13.066  2.467   -15.656 1.00 39.35 ? 1   ASP A N   1 
ATOM   2   C CA  . ASP A 1 1   ? 11.827  2.421   -14.847 1.00 41.58 ? 1   ASP A CA  1 
ATOM   3   C C   . ASP A 1 1   ? 12.133  2.203   -13.355 1.00 30.13 ? 1   ASP A C   1 
ATOM   4   O O   . ASP A 1 1   ? 13.057  1.462   -12.990 1.00 22.21 ? 1   ASP A O   1 
ATOM   5   C CB  . ASP A 1 1   ? 10.882  1.282   -15.275 1.00 33.79 ? 1   ASP A CB  1 
ATOM   6   C CG  . ASP A 1 1   ? 10.422  1.392   -16.717 1.00 55.09 ? 1   ASP A CG  1 
ATOM   7   O OD1 . ASP A 1 1   ? 10.892  2.247   -17.479 1.00 53.06 ? 1   ASP A OD1 1 
ATOM   8   O OD2 . ASP A 1 1   ? 9.578   0.577   -17.113 1.00 56.90 ? 1   ASP A OD2 1 
ATOM   9   N N   . ILE A 1 2   ? 11.221  2.704   -12.542 1.00 15.83 ? 2   ILE A N   1 
ATOM   10  C CA  . ILE A 1 2   ? 11.288  2.400   -11.119 1.00 7.62  ? 2   ILE A CA  1 
ATOM   11  C C   . ILE A 1 2   ? 10.610  1.072   -10.743 1.00 17.13 ? 2   ILE A C   1 
ATOM   12  O O   . ILE A 1 2   ? 9.468   0.855   -11.117 1.00 14.06 ? 2   ILE A O   1 
ATOM   13  C CB  . ILE A 1 2   ? 10.809  3.585   -10.325 1.00 7.60  ? 2   ILE A CB  1 
ATOM   14  C CG1 . ILE A 1 2   ? 11.639  4.825   -10.688 1.00 3.03  ? 2   ILE A CG1 1 
ATOM   15  C CG2 . ILE A 1 2   ? 10.832  3.305   -8.814  1.00 5.16  ? 2   ILE A CG2 1 
ATOM   16  C CD1 . ILE A 1 2   ? 11.016  6.047   -10.007 1.00 6.23  ? 2   ILE A CD1 1 
ATOM   17  N N   . VAL A 1 3   ? 11.371  0.110   -10.196 1.00 7.77  ? 3   VAL A N   1 
ATOM   18  C CA  . VAL A 1 3   ? 10.788  -1.188  -9.811  1.00 4.71  ? 3   VAL A CA  1 
ATOM   19  C C   . VAL A 1 3   ? 10.349  -1.120  -8.363  1.00 4.85  ? 3   VAL A C   1 
ATOM   20  O O   . VAL A 1 3   ? 11.104  -0.562  -7.550  1.00 5.66  ? 3   VAL A O   1 
ATOM   21  C CB  . VAL A 1 3   ? 11.933  -2.218  -9.890  1.00 8.11  ? 3   VAL A CB  1 
ATOM   22  C CG1 . VAL A 1 3   ? 11.389  -3.591  -9.448  1.00 11.05 ? 3   VAL A CG1 1 
ATOM   23  C CG2 . VAL A 1 3   ? 12.369  -2.210  -11.404 1.00 14.32 ? 3   VAL A CG2 1 
ATOM   24  N N   . MET A 1 4   ? 9.064   -1.514  -8.132  1.00 4.09  ? 4   MET A N   1 
ATOM   25  C CA  . MET A 1 4   ? 8.511   -1.468  -6.774  1.00 3.00  ? 4   MET A CA  1 
ATOM   26  C C   . MET A 1 4   ? 8.448   -2.939  -6.351  1.00 9.52  ? 4   MET A C   1 
ATOM   27  O O   . MET A 1 4   ? 7.868   -3.760  -7.068  1.00 7.35  ? 4   MET A O   1 
ATOM   28  C CB  . MET A 1 4   ? 7.079   -0.880  -6.814  1.00 5.57  ? 4   MET A CB  1 
ATOM   29  C CG  . MET A 1 4   ? 7.010   0.496   -7.516  1.00 3.57  ? 4   MET A CG  1 
ATOM   30  S SD  . MET A 1 4   ? 7.956   1.805   -6.711  1.00 8.04  ? 4   MET A SD  1 
ATOM   31  C CE  . MET A 1 4   ? 6.901   1.919   -5.280  1.00 7.05  ? 4   MET A CE  1 
ATOM   32  N N   . THR A 1 5   ? 9.161   -3.254  -5.296  1.00 4.02  ? 5   THR A N   1 
ATOM   33  C CA  . THR A 1 5   ? 9.152   -4.610  -4.705  1.00 3.63  ? 5   THR A CA  1 
ATOM   34  C C   . THR A 1 5   ? 8.264   -4.694  -3.471  1.00 8.39  ? 5   THR A C   1 
ATOM   35  O O   . THR A 1 5   ? 8.567   -4.090  -2.430  1.00 4.43  ? 5   THR A O   1 
ATOM   36  C CB  . THR A 1 5   ? 10.624  -4.979  -4.333  1.00 11.99 ? 5   THR A CB  1 
ATOM   37  O OG1 . THR A 1 5   ? 11.290  -4.906  -5.591  1.00 9.10  ? 5   THR A OG1 1 
ATOM   38  C CG2 . THR A 1 5   ? 10.743  -6.445  -3.833  1.00 3.00  ? 5   THR A CG2 1 
ATOM   39  N N   . GLN A 1 6   ? 7.208   -5.454  -3.621  1.00 3.00  ? 6   GLN A N   1 
ATOM   40  C CA  . GLN A 1 6   ? 6.271   -5.677  -2.551  1.00 6.30  ? 6   GLN A CA  1 
ATOM   41  C C   . GLN A 1 6   ? 6.526   -6.991  -1.847  1.00 10.67 ? 6   GLN A C   1 
ATOM   42  O O   . GLN A 1 6   ? 6.531   -8.023  -2.506  1.00 7.39  ? 6   GLN A O   1 
ATOM   43  C CB  . GLN A 1 6   ? 4.791   -5.577  -3.019  1.00 3.00  ? 6   GLN A CB  1 
ATOM   44  C CG  . GLN A 1 6   ? 4.484   -4.105  -3.269  1.00 4.53  ? 6   GLN A CG  1 
ATOM   45  C CD  . GLN A 1 6   ? 2.988   -3.938  -3.437  1.00 9.12  ? 6   GLN A CD  1 
ATOM   46  O OE1 . GLN A 1 6   ? 2.598   -3.660  -4.561  1.00 12.11 ? 6   GLN A OE1 1 
ATOM   47  N NE2 . GLN A 1 6   ? 2.180   -4.122  -2.385  1.00 5.23  ? 6   GLN A NE2 1 
ATOM   48  N N   . SER A 1 7   ? 6.301   -6.972  -0.548  1.00 7.33  ? 7   SER A N   1 
ATOM   49  C CA  . SER A 1 7   ? 6.273   -8.253  0.208   1.00 6.04  ? 7   SER A CA  1 
ATOM   50  C C   . SER A 1 7   ? 5.454   -8.095  1.496   1.00 10.14 ? 7   SER A C   1 
ATOM   51  O O   . SER A 1 7   ? 5.226   -6.976  1.935   1.00 10.07 ? 7   SER A O   1 
ATOM   52  C CB  . SER A 1 7   ? 7.732   -8.694  0.547   1.00 7.25  ? 7   SER A CB  1 
ATOM   53  O OG  . SER A 1 7   ? 8.402   -7.669  1.331   1.00 5.45  ? 7   SER A OG  1 
ATOM   54  N N   . PRO A 1 8   ? 4.887   -9.181  2.001   1.00 6.09  ? 8   PRO A N   1 
ATOM   55  C CA  . PRO A 1 8   ? 4.926   -10.522 1.315   1.00 6.23  ? 8   PRO A CA  1 
ATOM   56  C C   . PRO A 1 8   ? 3.967   -10.559 0.116   1.00 3.71  ? 8   PRO A C   1 
ATOM   57  O O   . PRO A 1 8   ? 3.222   -9.596  -0.069  1.00 6.22  ? 8   PRO A O   1 
ATOM   58  C CB  . PRO A 1 8   ? 4.418   -11.457 2.443   1.00 3.00  ? 8   PRO A CB  1 
ATOM   59  C CG  . PRO A 1 8   ? 3.430   -10.582 3.170   1.00 6.80  ? 8   PRO A CG  1 
ATOM   60  C CD  . PRO A 1 8   ? 4.131   -9.217  3.235   1.00 4.60  ? 8   PRO A CD  1 
ATOM   61  N N   . SER A 1 9   ? 3.990   -11.624 -0.692  1.00 3.00  ? 9   SER A N   1 
ATOM   62  C CA  . SER A 1 9   ? 3.030   -11.715 -1.823  1.00 8.54  ? 9   SER A CA  1 
ATOM   63  C C   . SER A 1 9   ? 1.597   -12.048 -1.399  1.00 13.97 ? 9   SER A C   1 
ATOM   64  O O   . SER A 1 9   ? 0.636   -11.526 -1.972  1.00 9.99  ? 9   SER A O   1 
ATOM   65  C CB  . SER A 1 9   ? 3.453   -12.827 -2.853  1.00 6.37  ? 9   SER A CB  1 
ATOM   66  O OG  . SER A 1 9   ? 4.791   -12.527 -3.226  1.00 36.93 ? 9   SER A OG  1 
ATOM   67  N N   . SER A 1 10  ? 1.465   -12.811 -0.301  1.00 7.15  ? 10  SER A N   1 
ATOM   68  C CA  . SER A 1 10  ? 0.156   -13.064 0.251   1.00 9.72  ? 10  SER A CA  1 
ATOM   69  C C   . SER A 1 10  ? 0.294   -13.332 1.744   1.00 8.26  ? 10  SER A C   1 
ATOM   70  O O   . SER A 1 10  ? 1.384   -13.686 2.217   1.00 5.02  ? 10  SER A O   1 
ATOM   71  C CB  . SER A 1 10  ? -0.622  -14.230 -0.461  1.00 8.35  ? 10  SER A CB  1 
ATOM   72  O OG  . SER A 1 10  ? 0.080   -15.432 -0.219  1.00 20.05 ? 10  SER A OG  1 
ATOM   73  N N   . LEU A 1 11  ? -0.789  -13.056 2.408   1.00 4.13  ? 11  LEU A N   1 
ATOM   74  C CA  . LEU A 1 11  ? -0.848  -13.389 3.869   1.00 7.05  ? 11  LEU A CA  1 
ATOM   75  C C   . LEU A 1 11  ? -2.267  -13.734 4.314   1.00 14.36 ? 11  LEU A C   1 
ATOM   76  O O   . LEU A 1 11  ? -3.247  -13.335 3.670   1.00 12.59 ? 11  LEU A O   1 
ATOM   77  C CB  . LEU A 1 11  ? -0.300  -12.213 4.685   1.00 14.09 ? 11  LEU A CB  1 
ATOM   78  C CG  . LEU A 1 11  ? -1.006  -10.868 4.438   1.00 9.93  ? 11  LEU A CG  1 
ATOM   79  C CD1 . LEU A 1 11  ? -2.212  -10.767 5.411   1.00 21.05 ? 11  LEU A CD1 1 
ATOM   80  C CD2 . LEU A 1 11  ? -0.007  -9.796  4.840   1.00 7.62  ? 11  LEU A CD2 1 
ATOM   81  N N   . SER A 1 12  ? -2.362  -14.512 5.373   1.00 5.35  ? 12  SER A N   1 
ATOM   82  C CA  . SER A 1 12  ? -3.709  -14.897 5.849   1.00 4.05  ? 12  SER A CA  1 
ATOM   83  C C   . SER A 1 12  ? -3.828  -14.547 7.340   1.00 7.56  ? 12  SER A C   1 
ATOM   84  O O   . SER A 1 12  ? -2.838  -14.678 8.056   1.00 9.22  ? 12  SER A O   1 
ATOM   85  C CB  . SER A 1 12  ? -3.846  -16.435 5.651   1.00 3.00  ? 12  SER A CB  1 
ATOM   86  O OG  . SER A 1 12  ? -4.997  -16.763 6.415   1.00 55.10 ? 12  SER A OG  1 
ATOM   87  N N   . VAL A 1 13  ? -4.870  -13.821 7.704   1.00 6.43  ? 13  VAL A N   1 
ATOM   88  C CA  . VAL A 1 13  ? -4.926  -13.262 9.067   1.00 5.23  ? 13  VAL A CA  1 
ATOM   89  C C   . VAL A 1 13  ? -6.359  -13.391 9.606   1.00 10.75 ? 13  VAL A C   1 
ATOM   90  O O   . VAL A 1 13  ? -7.297  -13.420 8.812   1.00 7.32  ? 13  VAL A O   1 
ATOM   91  C CB  . VAL A 1 13  ? -4.476  -11.804 8.947   1.00 3.23  ? 13  VAL A CB  1 
ATOM   92  C CG1 . VAL A 1 13  ? -5.338  -11.049 7.919   1.00 9.88  ? 13  VAL A CG1 1 
ATOM   93  C CG2 . VAL A 1 13  ? -4.413  -11.048 10.321  1.00 4.60  ? 13  VAL A CG2 1 
ATOM   94  N N   . SER A 1 14  ? -6.546  -13.440 10.908  1.00 7.80  ? 14  SER A N   1 
ATOM   95  C CA  . SER A 1 14  ? -7.929  -13.505 11.484  1.00 11.51 ? 14  SER A CA  1 
ATOM   96  C C   . SER A 1 14  ? -8.373  -12.083 11.760  1.00 8.23  ? 14  SER A C   1 
ATOM   97  O O   . SER A 1 14  ? -7.514  -11.229 11.987  1.00 9.22  ? 14  SER A O   1 
ATOM   98  C CB  . SER A 1 14  ? -7.928  -14.189 12.890  1.00 9.69  ? 14  SER A CB  1 
ATOM   99  O OG  . SER A 1 14  ? -7.248  -15.433 12.777  1.00 38.95 ? 14  SER A OG  1 
ATOM   100 N N   . ALA A 1 15  ? -9.679  -11.894 11.789  1.00 9.01  ? 15  ALA A N   1 
ATOM   101 C CA  . ALA A 1 15  ? -10.242 -10.556 11.960  1.00 7.18  ? 15  ALA A CA  1 
ATOM   102 C C   . ALA A 1 15  ? -9.777  -9.889  13.260  1.00 10.35 ? 15  ALA A C   1 
ATOM   103 O O   . ALA A 1 15  ? -9.693  -10.550 14.307  1.00 9.21  ? 15  ALA A O   1 
ATOM   104 C CB  . ALA A 1 15  ? -11.772 -10.667 11.930  1.00 7.68  ? 15  ALA A CB  1 
ATOM   105 N N   . GLY A 1 16  ? -9.603  -8.588  13.182  1.00 3.00  ? 16  GLY A N   1 
ATOM   106 C CA  . GLY A 1 16  ? -9.274  -7.771  14.371  1.00 3.00  ? 16  GLY A CA  1 
ATOM   107 C C   . GLY A 1 16  ? -7.772  -7.713  14.638  1.00 6.56  ? 16  GLY A C   1 
ATOM   108 O O   . GLY A 1 16  ? -7.347  -7.043  15.590  1.00 6.77  ? 16  GLY A O   1 
ATOM   109 N N   . GLU A 1 17  ? -6.993  -8.446  13.840  1.00 3.59  ? 17  GLU A N   1 
ATOM   110 C CA  . GLU A 1 17  ? -5.513  -8.451  14.094  1.00 3.90  ? 17  GLU A CA  1 
ATOM   111 C C   . GLU A 1 17  ? -4.700  -7.620  13.111  1.00 13.03 ? 17  GLU A C   1 
ATOM   112 O O   . GLU A 1 17  ? -5.271  -7.077  12.177  1.00 11.96 ? 17  GLU A O   1 
ATOM   113 C CB  . GLU A 1 17  ? -4.978  -9.877  14.012  1.00 4.91  ? 17  GLU A CB  1 
ATOM   114 C CG  . GLU A 1 17  ? -5.675  -10.658 15.159  1.00 6.75  ? 17  GLU A CG  1 
ATOM   115 C CD  . GLU A 1 17  ? -5.281  -12.126 15.123  1.00 20.04 ? 17  GLU A CD  1 
ATOM   116 O OE1 . GLU A 1 17  ? -4.422  -12.500 14.337  1.00 22.08 ? 17  GLU A OE1 1 
ATOM   117 O OE2 . GLU A 1 17  ? -5.839  -12.941 15.863  1.00 20.72 ? 17  GLU A OE2 1 
ATOM   118 N N   . ARG A 1 18  ? -3.471  -7.340  13.525  1.00 8.62  ? 18  ARG A N   1 
ATOM   119 C CA  . ARG A 1 18  ? -2.580  -6.348  12.833  1.00 6.48  ? 18  ARG A CA  1 
ATOM   120 C C   . ARG A 1 18  ? -1.761  -7.001  11.699  1.00 8.92  ? 18  ARG A C   1 
ATOM   121 O O   . ARG A 1 18  ? -1.246  -8.120  11.838  1.00 10.32 ? 18  ARG A O   1 
ATOM   122 C CB  . ARG A 1 18  ? -1.712  -5.633  13.905  1.00 4.15  ? 18  ARG A CB  1 
ATOM   123 C CG  . ARG A 1 18  ? -0.439  -5.017  13.314  1.00 8.63  ? 18  ARG A CG  1 
ATOM   124 C CD  . ARG A 1 18  ? 0.531   -4.486  14.415  1.00 13.78 ? 18  ARG A CD  1 
ATOM   125 N NE  . ARG A 1 18  ? -0.191  -3.388  14.927  1.00 38.09 ? 18  ARG A NE  1 
ATOM   126 C CZ  . ARG A 1 18  ? 0.153   -2.167  14.608  1.00 39.47 ? 18  ARG A CZ  1 
ATOM   127 N NH1 . ARG A 1 18  ? 1.310   -1.938  13.992  1.00 28.78 ? 18  ARG A NH1 1 
ATOM   128 N NH2 . ARG A 1 18  ? -0.726  -1.234  14.953  1.00 35.20 ? 18  ARG A NH2 1 
ATOM   129 N N   . VAL A 1 19  ? -1.595  -6.284  10.598  1.00 3.25  ? 19  VAL A N   1 
ATOM   130 C CA  . VAL A 1 19  ? -0.680  -6.768  9.536   1.00 3.62  ? 19  VAL A CA  1 
ATOM   131 C C   . VAL A 1 19  ? 0.094   -5.595  8.957   1.00 5.31  ? 19  VAL A C   1 
ATOM   132 O O   . VAL A 1 19  ? -0.386  -4.467  8.997   1.00 3.00  ? 19  VAL A O   1 
ATOM   133 C CB  . VAL A 1 19  ? -1.381  -7.510  8.352   1.00 10.27 ? 19  VAL A CB  1 
ATOM   134 C CG1 . VAL A 1 19  ? -2.105  -8.780  8.826   1.00 15.28 ? 19  VAL A CG1 1 
ATOM   135 C CG2 . VAL A 1 19  ? -2.334  -6.627  7.507   1.00 7.61  ? 19  VAL A CG2 1 
ATOM   136 N N   . THR A 1 20  ? 1.274   -5.926  8.529   1.00 3.00  ? 20  THR A N   1 
ATOM   137 C CA  . THR A 1 20  ? 2.214   -4.968  7.934   1.00 8.59  ? 20  THR A CA  1 
ATOM   138 C C   . THR A 1 20  ? 2.680   -5.474  6.578   1.00 13.28 ? 20  THR A C   1 
ATOM   139 O O   . THR A 1 20  ? 3.102   -6.623  6.431   1.00 14.66 ? 20  THR A O   1 
ATOM   140 C CB  . THR A 1 20  ? 3.463   -4.891  8.883   1.00 13.70 ? 20  THR A CB  1 
ATOM   141 O OG1 . THR A 1 20  ? 2.896   -4.383  10.091  1.00 21.66 ? 20  THR A OG1 1 
ATOM   142 C CG2 . THR A 1 20  ? 4.395   -3.806  8.325   1.00 11.95 ? 20  THR A CG2 1 
ATOM   143 N N   . MET A 1 21  ? 2.668   -4.586  5.635   1.00 3.76  ? 21  MET A N   1 
ATOM   144 C CA  . MET A 1 21  ? 3.266   -5.005  4.349   1.00 5.46  ? 21  MET A CA  1 
ATOM   145 C C   . MET A 1 21  ? 4.178   -3.931  3.756   1.00 8.88  ? 21  MET A C   1 
ATOM   146 O O   . MET A 1 21  ? 4.127   -2.803  4.233   1.00 5.19  ? 21  MET A O   1 
ATOM   147 C CB  . MET A 1 21  ? 2.142   -5.333  3.380   1.00 7.87  ? 21  MET A CB  1 
ATOM   148 C CG  . MET A 1 21  ? 1.226   -4.181  3.116   1.00 10.64 ? 21  MET A CG  1 
ATOM   149 S SD  . MET A 1 21  ? -0.301  -4.788  2.279   1.00 22.09 ? 21  MET A SD  1 
ATOM   150 C CE  . MET A 1 21  ? -1.349  -5.215  3.567   1.00 6.45  ? 21  MET A CE  1 
ATOM   151 N N   . SER A 1 22  ? 5.197   -4.409  3.043   1.00 6.16  ? 22  SER A N   1 
ATOM   152 C CA  . SER A 1 22  ? 6.366   -3.628  2.688   1.00 3.00  ? 22  SER A CA  1 
ATOM   153 C C   . SER A 1 22  ? 6.364   -3.337  1.215   1.00 4.53  ? 22  SER A C   1 
ATOM   154 O O   . SER A 1 22  ? 5.947   -4.156  0.390   1.00 4.91  ? 22  SER A O   1 
ATOM   155 C CB  . SER A 1 22  ? 7.665   -4.422  2.998   1.00 3.00  ? 22  SER A CB  1 
ATOM   156 O OG  . SER A 1 22  ? 7.626   -4.649  4.447   1.00 23.64 ? 22  SER A OG  1 
ATOM   157 N N   . CYS A 1 23  ? 6.910   -2.218  0.941   1.00 4.81  ? 23  CYS A N   1 
ATOM   158 C CA  . CYS A 1 23  ? 7.086   -1.831  -0.486  1.00 3.00  ? 23  CYS A CA  1 
ATOM   159 C C   . CYS A 1 23  ? 8.392   -1.063  -0.597  1.00 8.67  ? 23  CYS A C   1 
ATOM   160 O O   . CYS A 1 23  ? 8.599   -0.074  0.134   1.00 7.99  ? 23  CYS A O   1 
ATOM   161 C CB  . CYS A 1 23  ? 5.944   -0.894  -0.860  1.00 4.63  ? 23  CYS A CB  1 
ATOM   162 S SG  . CYS A 1 23  ? 6.158   -0.081  -2.476  1.00 9.10  ? 23  CYS A SG  1 
ATOM   163 N N   . LYS A 1 24  ? 9.287   -1.620  -1.389  1.00 6.45  ? 24  LYS A N   1 
ATOM   164 C CA  . LYS A 1 24  ? 10.593  -0.932  -1.581  1.00 5.37  ? 24  LYS A CA  1 
ATOM   165 C C   . LYS A 1 24  ? 10.755  -0.434  -3.032  1.00 10.40 ? 24  LYS A C   1 
ATOM   166 O O   . LYS A 1 24  ? 10.497  -1.220  -3.938  1.00 6.32  ? 24  LYS A O   1 
ATOM   167 C CB  . LYS A 1 24  ? 11.697  -1.949  -1.242  1.00 3.47  ? 24  LYS A CB  1 
ATOM   168 C CG  . LYS A 1 24  ? 13.035  -1.200  -1.099  1.00 9.71  ? 24  LYS A CG  1 
ATOM   169 C CD  . LYS A 1 24  ? 14.177  -2.135  -0.737  1.00 20.18 ? 24  LYS A CD  1 
ATOM   170 C CE  . LYS A 1 24  ? 15.553  -1.429  -0.781  1.00 13.23 ? 24  LYS A CE  1 
ATOM   171 N NZ  . LYS A 1 24  ? 15.715  -0.763  0.474   1.00 10.91 ? 24  LYS A NZ  1 
ATOM   172 N N   . SER A 1 25  ? 11.216  0.816   -3.278  1.00 4.66  ? 25  SER A N   1 
ATOM   173 C CA  . SER A 1 25  ? 11.437  1.265   -4.655  1.00 6.24  ? 25  SER A CA  1 
ATOM   174 C C   . SER A 1 25  ? 12.925  1.263   -4.986  1.00 7.11  ? 25  SER A C   1 
ATOM   175 O O   . SER A 1 25  ? 13.786  1.378   -4.102  1.00 7.97  ? 25  SER A O   1 
ATOM   176 C CB  . SER A 1 25  ? 10.824  2.652   -5.024  1.00 3.00  ? 25  SER A CB  1 
ATOM   177 O OG  . SER A 1 25  ? 11.345  3.517   -4.052  1.00 14.22 ? 25  SER A OG  1 
ATOM   178 N N   . SER A 1 26  ? 13.199  1.062   -6.254  1.00 5.39  ? 26  SER A N   1 
ATOM   179 C CA  . SER A 1 26  ? 14.608  0.843   -6.623  1.00 3.94  ? 26  SER A CA  1 
ATOM   180 C C   . SER A 1 26  ? 15.225  2.261   -6.719  1.00 12.90 ? 26  SER A C   1 
ATOM   181 O O   . SER A 1 26  ? 16.418  2.423   -6.877  1.00 7.81  ? 26  SER A O   1 
ATOM   182 C CB  . SER A 1 26  ? 14.653  0.128   -8.000  1.00 3.68  ? 26  SER A CB  1 
ATOM   183 O OG  . SER A 1 26  ? 13.997  1.000   -8.968  1.00 6.10  ? 26  SER A OG  1 
ATOM   184 N N   . GLN A 1 27  ? 14.431  3.309   -6.672  1.00 3.19  ? 27  GLN A N   1 
ATOM   185 C CA  . GLN A 1 27  ? 14.952  4.694   -6.706  1.00 7.06  ? 27  GLN A CA  1 
ATOM   186 C C   . GLN A 1 27  ? 14.256  5.487   -5.629  1.00 9.38  ? 27  GLN A C   1 
ATOM   187 O O   . GLN A 1 27  ? 13.095  5.200   -5.373  1.00 8.00  ? 27  GLN A O   1 
ATOM   188 C CB  . GLN A 1 27  ? 14.645  5.457   -8.036  1.00 11.58 ? 27  GLN A CB  1 
ATOM   189 C CG  . GLN A 1 27  ? 15.425  4.793   -9.195  1.00 29.90 ? 27  GLN A CG  1 
ATOM   190 C CD  . GLN A 1 27  ? 15.277  5.674   -10.446 1.00 48.84 ? 27  GLN A CD  1 
ATOM   191 O OE1 . GLN A 1 27  ? 14.897  6.859   -10.368 1.00 49.30 ? 27  GLN A OE1 1 
ATOM   192 N NE2 . GLN A 1 27  ? 15.577  5.034   -11.568 1.00 52.43 ? 27  GLN A NE2 1 
ATOM   193 N N   . SER A 1 28  ? 14.921  6.527   -5.119  1.00 6.92  ? 28  SER A N   1 
ATOM   194 C CA  . SER A 1 28  ? 14.285  7.306   -4.074  1.00 6.76  ? 28  SER A CA  1 
ATOM   195 C C   . SER A 1 28  ? 13.076  8.091   -4.591  1.00 12.62 ? 28  SER A C   1 
ATOM   196 O O   . SER A 1 28  ? 13.121  8.533   -5.722  1.00 10.40 ? 28  SER A O   1 
ATOM   197 C CB  . SER A 1 28  ? 15.290  8.323   -3.486  1.00 6.63  ? 28  SER A CB  1 
ATOM   198 O OG  . SER A 1 28  ? 14.538  9.143   -2.621  1.00 7.25  ? 28  SER A OG  1 
ATOM   199 N N   . LEU A 1 29  ? 11.999  8.097   -3.844  1.00 12.11 ? 29  LEU A N   1 
ATOM   200 C CA  . LEU A 1 29  ? 10.719  8.728   -4.226  1.00 15.68 ? 29  LEU A CA  1 
ATOM   201 C C   . LEU A 1 29  ? 10.528  10.062  -3.462  1.00 16.26 ? 29  LEU A C   1 
ATOM   202 O O   . LEU A 1 29  ? 9.474   10.702  -3.487  1.00 10.52 ? 29  LEU A O   1 
ATOM   203 C CB  . LEU A 1 29  ? 9.537   7.770   -3.946  1.00 3.59  ? 29  LEU A CB  1 
ATOM   204 C CG  . LEU A 1 29  ? 9.555   6.470   -4.778  1.00 3.00  ? 29  LEU A CG  1 
ATOM   205 C CD1 . LEU A 1 29  ? 8.220   5.706   -4.582  1.00 3.00  ? 29  LEU A CD1 1 
ATOM   206 C CD2 . LEU A 1 29  ? 9.869   6.690   -6.281  1.00 4.80  ? 29  LEU A CD2 1 
ATOM   207 N N   . LEU A 1 30  ? 11.525  10.362  -2.625  1.00 14.21 ? 30  LEU A N   1 
ATOM   208 C CA  . LEU A 1 30  ? 11.525  11.522  -1.725  1.00 14.28 ? 30  LEU A CA  1 
ATOM   209 C C   . LEU A 1 30  ? 11.876  12.778  -2.564  1.00 25.03 ? 30  LEU A C   1 
ATOM   210 O O   . LEU A 1 30  ? 12.911  12.803  -3.219  1.00 24.64 ? 30  LEU A O   1 
ATOM   211 C CB  . LEU A 1 30  ? 12.685  11.271  -0.738  1.00 9.32  ? 30  LEU A CB  1 
ATOM   212 C CG  . LEU A 1 30  ? 12.852  12.477  0.216   1.00 13.85 ? 30  LEU A CG  1 
ATOM   213 C CD1 . LEU A 1 30  ? 11.562  12.876  0.949   1.00 14.33 ? 30  LEU A CD1 1 
ATOM   214 C CD2 . LEU A 1 30  ? 14.013  12.232  1.156   1.00 19.20 ? 30  LEU A CD2 1 
ATOM   215 N N   . TYR A 1 31  ? 11.085  13.797  -2.501  1.00 32.26 ? 31  TYR A N   1 
ATOM   216 C CA  . TYR A 1 31  ? 11.386  15.088  -3.200  1.00 51.48 ? 31  TYR A CA  1 
ATOM   217 C C   . TYR A 1 31  ? 11.746  16.198  -2.209  1.00 55.55 ? 31  TYR A C   1 
ATOM   218 O O   . TYR A 1 31  ? 11.536  16.026  -1.011  1.00 55.79 ? 31  TYR A O   1 
ATOM   219 C CB  . TYR A 1 31  ? 10.186  15.568  -4.070  1.00 49.89 ? 31  TYR A CB  1 
ATOM   220 C CG  . TYR A 1 31  ? 10.443  15.362  -5.578  1.00 50.42 ? 31  TYR A CG  1 
ATOM   221 C CD1 . TYR A 1 31  ? 11.020  14.200  -6.043  0.00 60.00 ? 31  TYR A CD1 1 
ATOM   222 C CD2 . TYR A 1 31  ? 10.062  16.343  -6.467  0.00 60.00 ? 31  TYR A CD2 1 
ATOM   223 C CE1 . TYR A 1 31  ? 11.213  14.013  -7.406  0.00 60.00 ? 31  TYR A CE1 1 
ATOM   224 C CE2 . TYR A 1 31  ? 10.250  16.168  -7.831  0.00 60.00 ? 31  TYR A CE2 1 
ATOM   225 C CZ  . TYR A 1 31  ? 10.822  14.998  -8.298  0.00 60.00 ? 31  TYR A CZ  1 
ATOM   226 O OH  . TYR A 1 31  ? 11.000  14.813  -9.639  0.00 60.00 ? 31  TYR A OH  1 
ATOM   227 N N   . LYS A 1 32  A 12.234  17.305  -2.770  1.00 74.25 ? 31  LYS A N   1 
ATOM   228 C CA  . LYS A 1 32  A 12.690  18.544  -2.075  1.00 80.12 ? 31  LYS A CA  1 
ATOM   229 C C   . LYS A 1 32  A 11.908  18.986  -0.835  1.00 81.27 ? 31  LYS A C   1 
ATOM   230 O O   . LYS A 1 32  A 12.539  19.358  0.158   1.00 84.97 ? 31  LYS A O   1 
ATOM   231 C CB  . LYS A 1 32  A 12.896  19.729  -3.032  0.00 60.00 ? 31  LYS A CB  1 
ATOM   232 C CG  . LYS A 1 32  A 14.383  19.874  -3.409  0.00 60.00 ? 31  LYS A CG  1 
ATOM   233 C CD  . LYS A 1 32  A 14.651  21.129  -4.259  0.00 60.00 ? 31  LYS A CD  1 
ATOM   234 C CE  . LYS A 1 32  A 16.154  21.316  -4.538  0.00 60.00 ? 31  LYS A CE  1 
ATOM   235 N NZ  . LYS A 1 32  A 16.372  22.519  -5.350  0.00 60.00 ? 31  LYS A NZ  1 
ATOM   236 N N   . ASP A 1 33  C 10.592  18.913  -0.890  1.00 74.72 ? 31  ASP A N   1 
ATOM   237 C CA  . ASP A 1 33  C 9.768   19.368  0.229   1.00 69.04 ? 31  ASP A CA  1 
ATOM   238 C C   . ASP A 1 33  C 9.525   18.351  1.341   1.00 66.12 ? 31  ASP A C   1 
ATOM   239 O O   . ASP A 1 33  C 8.756   18.632  2.268   1.00 68.80 ? 31  ASP A O   1 
ATOM   240 C CB  . ASP A 1 33  C 8.406   19.901  -0.280  1.00 65.63 ? 31  ASP A CB  1 
ATOM   241 C CG  . ASP A 1 33  C 8.249   19.585  -1.769  1.00 68.86 ? 31  ASP A CG  1 
ATOM   242 O OD1 . ASP A 1 33  C 8.872   20.292  -2.569  1.00 52.32 ? 31  ASP A OD1 1 
ATOM   243 O OD2 . ASP A 1 33  C 7.548   18.637  -2.185  1.00 51.59 ? 31  ASP A OD2 1 
ATOM   244 N N   . GLY A 1 34  D 10.222  17.241  1.335   1.00 58.90 ? 31  GLY A N   1 
ATOM   245 C CA  . GLY A 1 34  D 9.895   16.279  2.421   1.00 50.63 ? 31  GLY A CA  1 
ATOM   246 C C   . GLY A 1 34  D 8.807   15.304  1.924   1.00 39.74 ? 31  GLY A C   1 
ATOM   247 O O   . GLY A 1 34  D 8.276   14.486  2.676   1.00 40.03 ? 31  GLY A O   1 
ATOM   248 N N   . LYS A 1 35  E 8.430   15.520  0.684   1.00 41.03 ? 31  LYS A N   1 
ATOM   249 C CA  . LYS A 1 35  E 7.290   14.830  0.034   1.00 30.67 ? 31  LYS A CA  1 
ATOM   250 C C   . LYS A 1 35  E 7.727   13.470  -0.556  1.00 21.82 ? 31  LYS A C   1 
ATOM   251 O O   . LYS A 1 35  E 8.716   13.365  -1.277  1.00 19.56 ? 31  LYS A O   1 
ATOM   252 C CB  . LYS A 1 35  E 6.834   15.838  -1.035  1.00 43.46 ? 31  LYS A CB  1 
ATOM   253 C CG  . LYS A 1 35  E 6.038   15.277  -2.237  1.00 63.56 ? 31  LYS A CG  1 
ATOM   254 C CD  . LYS A 1 35  E 4.507   15.395  -2.110  1.00 74.73 ? 31  LYS A CD  1 
ATOM   255 C CE  . LYS A 1 35  E 3.896   14.324  -1.181  1.00 81.80 ? 31  LYS A CE  1 
ATOM   256 N NZ  . LYS A 1 35  E 2.449   14.544  -1.022  1.00 85.26 ? 31  LYS A NZ  1 
ATOM   257 N N   . ASN A 1 36  F 6.997   12.409  -0.272  1.00 12.43 ? 31  ASN A N   1 
ATOM   258 C CA  . ASN A 1 36  F 7.300   11.137  -0.937  1.00 8.59  ? 31  ASN A CA  1 
ATOM   259 C C   . ASN A 1 36  F 6.175   10.858  -1.921  1.00 6.11  ? 31  ASN A C   1 
ATOM   260 O O   . ASN A 1 36  F 5.006   10.906  -1.548  1.00 10.54 ? 31  ASN A O   1 
ATOM   261 C CB  . ASN A 1 36  F 7.415   9.973   0.075   1.00 5.64  ? 31  ASN A CB  1 
ATOM   262 C CG  . ASN A 1 36  F 8.721   10.071  0.873   1.00 3.80  ? 31  ASN A CG  1 
ATOM   263 O OD1 . ASN A 1 36  F 9.796   9.637   0.455   1.00 5.51  ? 31  ASN A OD1 1 
ATOM   264 N ND2 . ASN A 1 36  F 8.599   10.602  2.041   1.00 7.65  ? 31  ASN A ND2 1 
ATOM   265 N N   . PHE A 1 37  ? 6.549   10.658  -3.162  1.00 8.19  ? 32  PHE A N   1 
ATOM   266 C CA  . PHE A 1 37  ? 5.604   10.382  -4.289  1.00 6.94  ? 32  PHE A CA  1 
ATOM   267 C C   . PHE A 1 37  ? 5.313   8.877   -4.408  1.00 7.38  ? 32  PHE A C   1 
ATOM   268 O O   . PHE A 1 37  ? 5.815   8.202   -5.309  1.00 7.27  ? 32  PHE A O   1 
ATOM   269 C CB  . PHE A 1 37  ? 6.262   10.891  -5.588  1.00 11.92 ? 32  PHE A CB  1 
ATOM   270 C CG  . PHE A 1 37  ? 6.095   12.421  -5.662  1.00 13.84 ? 32  PHE A CG  1 
ATOM   271 C CD1 . PHE A 1 37  ? 4.841   12.961  -5.507  1.00 17.18 ? 32  PHE A CD1 1 
ATOM   272 C CD2 . PHE A 1 37  ? 7.170   13.229  -5.915  1.00 23.27 ? 32  PHE A CD2 1 
ATOM   273 C CE1 . PHE A 1 37  ? 4.640   14.316  -5.581  1.00 35.74 ? 32  PHE A CE1 1 
ATOM   274 C CE2 . PHE A 1 37  ? 6.978   14.593  -5.981  1.00 30.94 ? 32  PHE A CE2 1 
ATOM   275 C CZ  . PHE A 1 37  ? 5.727   15.141  -5.806  1.00 31.60 ? 32  PHE A CZ  1 
ATOM   276 N N   . LEU A 1 38  ? 4.435   8.458   -3.555  1.00 7.14  ? 33  LEU A N   1 
ATOM   277 C CA  . LEU A 1 38  ? 4.118   7.020   -3.338  1.00 6.40  ? 33  LEU A CA  1 
ATOM   278 C C   . LEU A 1 38  ? 2.627   6.919   -3.020  1.00 5.45  ? 33  LEU A C   1 
ATOM   279 O O   . LEU A 1 38  ? 2.123   7.657   -2.190  1.00 6.52  ? 33  LEU A O   1 
ATOM   280 C CB  . LEU A 1 38  ? 5.041   6.481   -2.162  1.00 6.20  ? 33  LEU A CB  1 
ATOM   281 C CG  . LEU A 1 38  ? 5.005   4.953   -1.901  1.00 6.59  ? 33  LEU A CG  1 
ATOM   282 C CD1 . LEU A 1 38  ? 3.813   4.547   -1.036  1.00 6.85  ? 33  LEU A CD1 1 
ATOM   283 C CD2 . LEU A 1 38  ? 5.218   4.035   -3.116  1.00 5.08  ? 33  LEU A CD2 1 
ATOM   284 N N   . ALA A 1 39  ? 1.883   6.085   -3.788  1.00 4.45  ? 34  ALA A N   1 
ATOM   285 C CA  . ALA A 1 39  ? 0.484   5.841   -3.484  1.00 6.18  ? 34  ALA A CA  1 
ATOM   286 C C   . ALA A 1 39  ? 0.254   4.350   -3.097  1.00 9.22  ? 34  ALA A C   1 
ATOM   287 O O   . ALA A 1 39  ? 0.991   3.445   -3.514  1.00 5.84  ? 34  ALA A O   1 
ATOM   288 C CB  . ALA A 1 39  ? -0.407  6.207   -4.699  1.00 3.00  ? 34  ALA A CB  1 
ATOM   289 N N   . TRP A 1 40  ? -0.845  4.083   -2.385  1.00 8.39  ? 35  TRP A N   1 
ATOM   290 C CA  . TRP A 1 40  ? -1.314  2.689   -2.115  1.00 3.78  ? 35  TRP A CA  1 
ATOM   291 C C   . TRP A 1 40  ? -2.745  2.628   -2.637  1.00 6.98  ? 35  TRP A C   1 
ATOM   292 O O   . TRP A 1 40  ? -3.530  3.554   -2.380  1.00 4.78  ? 35  TRP A O   1 
ATOM   293 C CB  . TRP A 1 40  ? -1.382  2.371   -0.602  1.00 3.51  ? 35  TRP A CB  1 
ATOM   294 C CG  . TRP A 1 40  ? 0.021   2.267   0.022   1.00 10.09 ? 35  TRP A CG  1 
ATOM   295 C CD1 . TRP A 1 40  ? 0.754   3.230   0.650   1.00 3.00  ? 35  TRP A CD1 1 
ATOM   296 C CD2 . TRP A 1 40  ? 0.771   1.080   0.079   1.00 4.41  ? 35  TRP A CD2 1 
ATOM   297 N NE1 . TRP A 1 40  ? 1.984   2.630   1.115   1.00 3.00  ? 35  TRP A NE1 1 
ATOM   298 C CE2 . TRP A 1 40  ? 1.986   1.368   0.752   1.00 6.21  ? 35  TRP A CE2 1 
ATOM   299 C CE3 . TRP A 1 40  ? 0.445   -0.222  -0.340  1.00 3.57  ? 35  TRP A CE3 1 
ATOM   300 C CZ2 . TRP A 1 40  ? 2.934   0.351   1.028   1.00 5.70  ? 35  TRP A CZ2 1 
ATOM   301 C CZ3 . TRP A 1 40  ? 1.410   -1.215  -0.063  1.00 7.09  ? 35  TRP A CZ3 1 
ATOM   302 C CH2 . TRP A 1 40  ? 2.630   -0.946  0.595   1.00 3.00  ? 35  TRP A CH2 1 
ATOM   303 N N   . TYR A 1 41  ? -2.994  1.544   -3.374  1.00 3.00  ? 36  TYR A N   1 
ATOM   304 C CA  . TYR A 1 41  ? -4.316  1.262   -3.893  1.00 4.60  ? 36  TYR A CA  1 
ATOM   305 C C   . TYR A 1 41  ? -4.809  -0.069  -3.320  1.00 8.19  ? 36  TYR A C   1 
ATOM   306 O O   . TYR A 1 41  ? -3.992  -0.949  -3.011  1.00 4.82  ? 36  TYR A O   1 
ATOM   307 C CB  . TYR A 1 41  ? -4.150  1.034   -5.419  1.00 3.00  ? 36  TYR A CB  1 
ATOM   308 C CG  . TYR A 1 41  ? -4.139  2.360   -6.208  1.00 3.81  ? 36  TYR A CG  1 
ATOM   309 C CD1 . TYR A 1 41  ? -2.968  3.046   -6.361  1.00 6.74  ? 36  TYR A CD1 1 
ATOM   310 C CD2 . TYR A 1 41  ? -5.313  2.878   -6.735  1.00 5.38  ? 36  TYR A CD2 1 
ATOM   311 C CE1 . TYR A 1 41  ? -2.945  4.267   -7.066  1.00 9.37  ? 36  TYR A CE1 1 
ATOM   312 C CE2 . TYR A 1 41  ? -5.306  4.097   -7.430  1.00 7.17  ? 36  TYR A CE2 1 
ATOM   313 C CZ  . TYR A 1 41  ? -4.104  4.775   -7.602  1.00 14.35 ? 36  TYR A CZ  1 
ATOM   314 O OH  . TYR A 1 41  ? -4.055  5.953   -8.282  1.00 9.10  ? 36  TYR A OH  1 
ATOM   315 N N   . GLN A 1 42  ? -6.114  -0.178  -3.227  1.00 3.00  ? 37  GLN A N   1 
ATOM   316 C CA  . GLN A 1 42  ? -6.739  -1.423  -2.775  1.00 3.00  ? 37  GLN A CA  1 
ATOM   317 C C   . GLN A 1 42  ? -7.585  -1.938  -3.937  1.00 10.16 ? 37  GLN A C   1 
ATOM   318 O O   . GLN A 1 42  ? -8.383  -1.165  -4.460  1.00 7.36  ? 37  GLN A O   1 
ATOM   319 C CB  . GLN A 1 42  ? -7.755  -1.032  -1.681  1.00 3.02  ? 37  GLN A CB  1 
ATOM   320 C CG  . GLN A 1 42  ? -8.516  -2.272  -1.132  1.00 4.72  ? 37  GLN A CG  1 
ATOM   321 C CD  . GLN A 1 42  ? -9.478  -1.725  -0.070  1.00 11.05 ? 37  GLN A CD  1 
ATOM   322 O OE1 . GLN A 1 42  ? -10.259 -0.869  -0.446  1.00 8.69  ? 37  GLN A OE1 1 
ATOM   323 N NE2 . GLN A 1 42  ? -9.397  -2.153  1.212   1.00 6.43  ? 37  GLN A NE2 1 
ATOM   324 N N   . GLN A 1 43  ? -7.436  -3.198  -4.266  1.00 5.17  ? 38  GLN A N   1 
ATOM   325 C CA  . GLN A 1 43  ? -8.230  -3.776  -5.356  1.00 3.00  ? 38  GLN A CA  1 
ATOM   326 C C   . GLN A 1 43  ? -9.013  -4.991  -4.850  1.00 10.20 ? 38  GLN A C   1 
ATOM   327 O O   . GLN A 1 43  ? -8.448  -6.056  -4.558  1.00 7.41  ? 38  GLN A O   1 
ATOM   328 C CB  . GLN A 1 43  ? -7.349  -4.150  -6.561  1.00 3.00  ? 38  GLN A CB  1 
ATOM   329 C CG  . GLN A 1 43  ? -8.302  -4.749  -7.670  1.00 3.00  ? 38  GLN A CG  1 
ATOM   330 C CD  . GLN A 1 43  ? -7.498  -4.936  -8.962  1.00 8.78  ? 38  GLN A CD  1 
ATOM   331 O OE1 . GLN A 1 43  ? -6.344  -5.350  -8.926  1.00 7.88  ? 38  GLN A OE1 1 
ATOM   332 N NE2 . GLN A 1 43  ? -8.151  -4.654  -10.076 1.00 5.04  ? 38  GLN A NE2 1 
ATOM   333 N N   . LYS A 1 44  ? -10.276 -4.780  -4.585  1.00 8.94  ? 39  LYS A N   1 
ATOM   334 C CA  . LYS A 1 44  ? -11.119 -5.925  -4.135  1.00 4.53  ? 39  LYS A CA  1 
ATOM   335 C C   . LYS A 1 44  ? -11.478 -6.763  -5.346  1.00 22.14 ? 39  LYS A C   1 
ATOM   336 O O   . LYS A 1 44  ? -11.390 -6.297  -6.497  1.00 12.82 ? 39  LYS A O   1 
ATOM   337 C CB  . LYS A 1 44  ? -12.433 -5.397  -3.514  1.00 4.72  ? 39  LYS A CB  1 
ATOM   338 C CG  . LYS A 1 44  ? -12.035 -4.595  -2.259  1.00 14.05 ? 39  LYS A CG  1 
ATOM   339 C CD  . LYS A 1 44  ? -13.303 -4.078  -1.613  1.00 20.83 ? 39  LYS A CD  1 
ATOM   340 C CE  . LYS A 1 44  ? -12.989 -3.353  -0.316  1.00 38.98 ? 39  LYS A CE  1 
ATOM   341 N NZ  . LYS A 1 44  ? -14.214 -2.682  0.145   1.00 47.21 ? 39  LYS A NZ  1 
ATOM   342 N N   . PRO A 1 45  ? -11.858 -7.972  -5.003  1.00 21.50 ? 40  PRO A N   1 
ATOM   343 C CA  . PRO A 1 45  ? -12.148 -8.992  -6.017  1.00 22.98 ? 40  PRO A CA  1 
ATOM   344 C C   . PRO A 1 45  ? -13.238 -8.541  -6.993  1.00 16.62 ? 40  PRO A C   1 
ATOM   345 O O   . PRO A 1 45  ? -14.215 -7.917  -6.567  1.00 15.77 ? 40  PRO A O   1 
ATOM   346 C CB  . PRO A 1 45  ? -12.555 -10.218 -5.203  1.00 27.54 ? 40  PRO A CB  1 
ATOM   347 C CG  . PRO A 1 45  ? -11.928 -10.008 -3.824  1.00 29.24 ? 40  PRO A CG  1 
ATOM   348 C CD  . PRO A 1 45  ? -11.908 -8.498  -3.611  1.00 28.41 ? 40  PRO A CD  1 
ATOM   349 N N   . GLY A 1 46  ? -12.838 -8.590  -8.256  1.00 24.15 ? 41  GLY A N   1 
ATOM   350 C CA  . GLY A 1 46  ? -13.694 -8.167  -9.363  1.00 33.85 ? 41  GLY A CA  1 
ATOM   351 C C   . GLY A 1 46  ? -13.863 -6.655  -9.524  1.00 32.58 ? 41  GLY A C   1 
ATOM   352 O O   . GLY A 1 46  ? -14.698 -6.230  -10.319 1.00 25.84 ? 41  GLY A O   1 
ATOM   353 N N   . GLN A 1 47  ? -13.109 -5.873  -8.747  1.00 18.12 ? 42  GLN A N   1 
ATOM   354 C CA  . GLN A 1 47  ? -13.247 -4.384  -8.795  1.00 9.77  ? 42  GLN A CA  1 
ATOM   355 C C   . GLN A 1 47  ? -11.988 -3.747  -9.352  1.00 18.26 ? 42  GLN A C   1 
ATOM   356 O O   . GLN A 1 47  ? -10.927 -4.388  -9.324  1.00 9.82  ? 42  GLN A O   1 
ATOM   357 C CB  . GLN A 1 47  ? -13.571 -3.795  -7.393  1.00 13.53 ? 42  GLN A CB  1 
ATOM   358 C CG  . GLN A 1 47  ? -14.887 -4.363  -6.816  1.00 22.01 ? 42  GLN A CG  1 
ATOM   359 C CD  . GLN A 1 47  ? -15.218 -3.637  -5.518  0.50 40.45 ? 42  GLN A CD  1 
ATOM   360 O OE1 . GLN A 1 47  ? -14.597 -2.625  -5.183  0.50 49.19 ? 42  GLN A OE1 1 
ATOM   361 N NE2 . GLN A 1 47  ? -16.182 -4.192  -4.835  0.50 45.66 ? 42  GLN A NE2 1 
ATOM   362 N N   . PRO A 1 48  ? -12.105 -2.481  -9.802  1.00 14.34 ? 43  PRO A N   1 
ATOM   363 C CA  . PRO A 1 48  ? -10.897 -1.710  -10.186 1.00 13.23 ? 43  PRO A CA  1 
ATOM   364 C C   . PRO A 1 48  ? -10.082 -1.339  -8.925  1.00 14.56 ? 43  PRO A C   1 
ATOM   365 O O   . PRO A 1 48  ? -10.623 -1.347  -7.803  1.00 10.53 ? 43  PRO A O   1 
ATOM   366 C CB  . PRO A 1 48  ? -11.487 -0.468  -10.905 1.00 8.25  ? 43  PRO A CB  1 
ATOM   367 C CG  . PRO A 1 48  ? -12.825 -0.250  -10.213 1.00 8.99  ? 43  PRO A CG  1 
ATOM   368 C CD  . PRO A 1 48  ? -13.335 -1.645  -9.836  1.00 10.83 ? 43  PRO A CD  1 
ATOM   369 N N   . PRO A 1 49  ? -8.816  -0.996  -9.093  1.00 8.60  ? 44  PRO A N   1 
ATOM   370 C CA  . PRO A 1 49  ? -8.073  -0.410  -7.934  1.00 6.46  ? 44  PRO A CA  1 
ATOM   371 C C   . PRO A 1 49  ? -8.722  0.876   -7.410  1.00 8.28  ? 44  PRO A C   1 
ATOM   372 O O   . PRO A 1 49  ? -9.264  1.663   -8.188  1.00 8.22  ? 44  PRO A O   1 
ATOM   373 C CB  . PRO A 1 49  ? -6.690  -0.122  -8.529  1.00 6.29  ? 44  PRO A CB  1 
ATOM   374 C CG  . PRO A 1 49  ? -6.597  -0.990  -9.806  1.00 6.56  ? 44  PRO A CG  1 
ATOM   375 C CD  . PRO A 1 49  ? -8.003  -0.962  -10.332 1.00 5.13  ? 44  PRO A CD  1 
ATOM   376 N N   . LYS A 1 50  ? -8.631  1.091   -6.104  1.00 9.61  ? 45  LYS A N   1 
ATOM   377 C CA  . LYS A 1 50  ? -9.128  2.337   -5.526  1.00 6.51  ? 45  LYS A CA  1 
ATOM   378 C C   . LYS A 1 50  ? -8.026  2.947   -4.651  1.00 4.68  ? 45  LYS A C   1 
ATOM   379 O O   . LYS A 1 50  ? -7.338  2.242   -3.911  1.00 5.14  ? 45  LYS A O   1 
ATOM   380 C CB  . LYS A 1 50  ? -10.345 1.997   -4.676  1.00 12.10 ? 45  LYS A CB  1 
ATOM   381 C CG  . LYS A 1 50  ? -10.649 3.149   -3.711  1.00 40.72 ? 45  LYS A CG  1 
ATOM   382 C CD  . LYS A 1 50  ? -11.576 2.778   -2.533  1.00 60.61 ? 45  LYS A CD  1 
ATOM   383 C CE  . LYS A 1 50  ? -11.262 3.631   -1.272  1.00 70.11 ? 45  LYS A CE  1 
ATOM   384 N NZ  . LYS A 1 50  ? -11.179 5.057   -1.605  1.00 70.67 ? 45  LYS A NZ  1 
ATOM   385 N N   . LEU A 1 51  ? -7.812  4.216   -4.866  1.00 4.70  ? 46  LEU A N   1 
ATOM   386 C CA  . LEU A 1 51  ? -6.700  4.967   -4.185  1.00 3.00  ? 46  LEU A CA  1 
ATOM   387 C C   . LEU A 1 51  ? -6.992  5.038   -2.694  1.00 8.13  ? 46  LEU A C   1 
ATOM   388 O O   . LEU A 1 51  ? -8.029  5.558   -2.286  1.00 5.30  ? 46  LEU A O   1 
ATOM   389 C CB  . LEU A 1 51  ? -6.721  6.425   -4.742  1.00 3.00  ? 46  LEU A CB  1 
ATOM   390 C CG  . LEU A 1 51  ? -5.624  7.324   -4.088  1.00 3.00  ? 46  LEU A CG  1 
ATOM   391 C CD1 . LEU A 1 51  ? -4.210  6.776   -4.385  1.00 3.00  ? 46  LEU A CD1 1 
ATOM   392 C CD2 . LEU A 1 51  ? -5.758  8.707   -4.730  1.00 3.07  ? 46  LEU A CD2 1 
ATOM   393 N N   . LEU A 1 52  ? -6.096  4.507   -1.892  1.00 5.42  ? 47  LEU A N   1 
ATOM   394 C CA  . LEU A 1 52  ? -6.333  4.612   -0.442  1.00 7.97  ? 47  LEU A CA  1 
ATOM   395 C C   . LEU A 1 52  ? -5.503  5.762   0.164   1.00 7.50  ? 47  LEU A C   1 
ATOM   396 O O   . LEU A 1 52  ? -5.958  6.405   1.099   1.00 9.74  ? 47  LEU A O   1 
ATOM   397 C CB  . LEU A 1 52  ? -5.811  3.383   0.328   1.00 15.84 ? 47  LEU A CB  1 
ATOM   398 C CG  . LEU A 1 52  ? -6.550  2.037   0.287   1.00 22.89 ? 47  LEU A CG  1 
ATOM   399 C CD1 . LEU A 1 52  ? -5.698  1.016   1.078   1.00 14.09 ? 47  LEU A CD1 1 
ATOM   400 C CD2 . LEU A 1 52  ? -7.974  2.109   0.847   1.00 17.15 ? 47  LEU A CD2 1 
ATOM   401 N N   . ILE A 1 53  ? -4.240  5.861   -0.206  1.00 7.98  ? 48  ILE A N   1 
ATOM   402 C CA  . ILE A 1 53  ? -3.215  6.753   0.423   1.00 11.46 ? 48  ILE A CA  1 
ATOM   403 C C   . ILE A 1 53  ? -2.379  7.385   -0.665  1.00 8.76  ? 48  ILE A C   1 
ATOM   404 O O   . ILE A 1 53  ? -1.971  6.628   -1.532  1.00 9.14  ? 48  ILE A O   1 
ATOM   405 C CB  . ILE A 1 53  ? -2.285  5.919   1.396   1.00 5.72  ? 48  ILE A CB  1 
ATOM   406 C CG1 . ILE A 1 53  ? -3.048  5.845   2.747   1.00 13.30 ? 48  ILE A CG1 1 
ATOM   407 C CG2 . ILE A 1 53  ? -0.980  6.664   1.708   1.00 5.04  ? 48  ILE A CG2 1 
ATOM   408 C CD1 . ILE A 1 53  ? -2.632  4.656   3.597   1.00 8.53  ? 48  ILE A CD1 1 
ATOM   409 N N   . TYR A 1 54  ? -2.041  8.654   -0.561  1.00 3.75  ? 49  TYR A N   1 
ATOM   410 C CA  . TYR A 1 54  ? -1.027  9.204   -1.466  1.00 3.00  ? 49  TYR A CA  1 
ATOM   411 C C   . TYR A 1 54  ? -0.089  10.079  -0.652  1.00 3.00  ? 49  TYR A C   1 
ATOM   412 O O   . TYR A 1 54  ? -0.257  10.218  0.575   1.00 4.06  ? 49  TYR A O   1 
ATOM   413 C CB  . TYR A 1 54  ? -1.670  9.970   -2.639  1.00 3.91  ? 49  TYR A CB  1 
ATOM   414 C CG  . TYR A 1 54  ? -2.503  11.136  -2.087  1.00 11.47 ? 49  TYR A CG  1 
ATOM   415 C CD1 . TYR A 1 54  ? -3.812  10.931  -1.692  1.00 18.83 ? 49  TYR A CD1 1 
ATOM   416 C CD2 . TYR A 1 54  ? -1.892  12.365  -1.857  1.00 22.94 ? 49  TYR A CD2 1 
ATOM   417 C CE1 . TYR A 1 54  ? -4.527  11.971  -1.083  1.00 23.17 ? 49  TYR A CE1 1 
ATOM   418 C CE2 . TYR A 1 54  ? -2.581  13.403  -1.240  1.00 22.03 ? 49  TYR A CE2 1 
ATOM   419 C CZ  . TYR A 1 54  ? -3.909  13.212  -0.854  1.00 27.97 ? 49  TYR A CZ  1 
ATOM   420 O OH  . TYR A 1 54  ? -4.575  14.223  -0.161  1.00 31.00 ? 49  TYR A OH  1 
ATOM   421 N N   . GLY A 1 55  ? 1.065   10.353  -1.257  1.00 5.18  ? 50  GLY A N   1 
ATOM   422 C CA  . GLY A 1 55  ? 2.066   11.098  -0.463  1.00 7.15  ? 50  GLY A CA  1 
ATOM   423 C C   . GLY A 1 55  ? 2.628   10.234  0.675   1.00 16.11 ? 50  GLY A C   1 
ATOM   424 O O   . GLY A 1 55  ? 3.002   10.742  1.729   1.00 9.89  ? 50  GLY A O   1 
ATOM   425 N N   . ALA A 1 56  ? 2.664   8.943   0.436   1.00 9.12  ? 51  ALA A N   1 
ATOM   426 C CA  . ALA A 1 56  ? 3.126   7.918   1.405   1.00 7.52  ? 51  ALA A CA  1 
ATOM   427 C C   . ALA A 1 56  ? 2.259   7.740   2.644   1.00 8.11  ? 51  ALA A C   1 
ATOM   428 O O   . ALA A 1 56  ? 2.037   6.613   3.080   1.00 5.86  ? 51  ALA A O   1 
ATOM   429 C CB  . ALA A 1 56  ? 4.619   8.045   1.728   1.00 3.00  ? 51  ALA A CB  1 
ATOM   430 N N   . SER A 1 57  ? 1.670   8.803   3.166   1.00 6.71  ? 52  SER A N   1 
ATOM   431 C CA  . SER A 1 57  ? 0.899   8.655   4.419   1.00 6.11  ? 52  SER A CA  1 
ATOM   432 C C   . SER A 1 57  ? -0.368  9.498   4.468   1.00 8.94  ? 52  SER A C   1 
ATOM   433 O O   . SER A 1 57  ? -1.001  9.450   5.507   1.00 13.09 ? 52  SER A O   1 
ATOM   434 C CB  . SER A 1 57  ? 1.774   9.219   5.578   1.00 11.08 ? 52  SER A CB  1 
ATOM   435 O OG  . SER A 1 57  ? 2.224   10.533  5.168   1.00 18.54 ? 52  SER A OG  1 
ATOM   436 N N   . THR A 1 58  ? -0.779  10.190  3.389   1.00 6.31  ? 53  THR A N   1 
ATOM   437 C CA  . THR A 1 58  ? -2.103  10.863  3.492   1.00 5.49  ? 53  THR A CA  1 
ATOM   438 C C   . THR A 1 58  ? -3.259  9.953   3.071   1.00 8.58  ? 53  THR A C   1 
ATOM   439 O O   . THR A 1 58  ? -3.280  9.529   1.922   1.00 11.78 ? 53  THR A O   1 
ATOM   440 C CB  . THR A 1 58  ? -2.104  12.094  2.586   1.00 8.30  ? 53  THR A CB  1 
ATOM   441 O OG1 . THR A 1 58  ? -1.088  12.949  3.056   1.00 11.11 ? 53  THR A OG1 1 
ATOM   442 C CG2 . THR A 1 58  ? -3.440  12.836  2.682   1.00 7.68  ? 53  THR A CG2 1 
ATOM   443 N N   . ARG A 1 59  ? -4.165  9.655   3.996   1.00 9.19  ? 54  ARG A N   1 
ATOM   444 C CA  . ARG A 1 59  ? -5.349  8.867   3.635   1.00 12.69 ? 54  ARG A CA  1 
ATOM   445 C C   . ARG A 1 59  ? -6.322  9.694   2.813   1.00 18.86 ? 54  ARG A C   1 
ATOM   446 O O   . ARG A 1 59  ? -6.586  10.852  3.149   1.00 14.09 ? 54  ARG A O   1 
ATOM   447 C CB  . ARG A 1 59  ? -6.098  8.333   4.880   1.00 13.12 ? 54  ARG A CB  1 
ATOM   448 C CG  . ARG A 1 59  ? -5.236  7.287   5.570   1.00 18.10 ? 54  ARG A CG  1 
ATOM   449 C CD  . ARG A 1 59  ? -5.984  6.469   6.624   1.00 28.83 ? 54  ARG A CD  1 
ATOM   450 N NE  . ARG A 1 59  ? -6.302  7.333   7.712   1.00 31.41 ? 54  ARG A NE  1 
ATOM   451 C CZ  . ARG A 1 59  ? -5.413  7.675   8.611   1.00 40.85 ? 54  ARG A CZ  1 
ATOM   452 N NH1 . ARG A 1 59  ? -4.169  7.161   8.729   1.00 32.14 ? 54  ARG A NH1 1 
ATOM   453 N NH2 . ARG A 1 59  ? -5.827  8.639   9.414   1.00 51.38 ? 54  ARG A NH2 1 
ATOM   454 N N   . GLU A 1 60  ? -6.859  9.042   1.795   1.00 16.05 ? 55  GLU A N   1 
ATOM   455 C CA  . GLU A 1 60  ? -8.026  9.600   1.118   1.00 12.99 ? 55  GLU A CA  1 
ATOM   456 C C   . GLU A 1 60  ? -9.223  9.718   2.050   1.00 24.74 ? 55  GLU A C   1 
ATOM   457 O O   . GLU A 1 60  ? -9.482  8.911   2.949   1.00 16.46 ? 55  GLU A O   1 
ATOM   458 C CB  . GLU A 1 60  ? -8.495  8.744   -0.102  1.00 9.39  ? 55  GLU A CB  1 
ATOM   459 C CG  . GLU A 1 60  ? -7.773  9.204   -1.368  1.00 19.63 ? 55  GLU A CG  1 
ATOM   460 C CD  . GLU A 1 60  ? -8.099  10.641  -1.782  1.00 23.66 ? 55  GLU A CD  1 
ATOM   461 O OE1 . GLU A 1 60  ? -9.102  11.207  -1.370  1.00 32.91 ? 55  GLU A OE1 1 
ATOM   462 O OE2 . GLU A 1 60  ? -7.374  11.237  -2.576  1.00 29.37 ? 55  GLU A OE2 1 
ATOM   463 N N   . SER A 1 61  ? -10.073 10.623  1.601   1.00 27.86 ? 56  SER A N   1 
ATOM   464 C CA  . SER A 1 61  ? -11.365 10.790  2.251   1.00 30.68 ? 56  SER A CA  1 
ATOM   465 C C   . SER A 1 61  ? -12.200 9.498   2.400   1.00 28.84 ? 56  SER A C   1 
ATOM   466 O O   . SER A 1 61  ? -12.335 8.670   1.500   1.00 26.45 ? 56  SER A O   1 
ATOM   467 C CB  . SER A 1 61  ? -12.117 11.947  1.557   1.00 33.25 ? 56  SER A CB  1 
ATOM   468 O OG  . SER A 1 61  ? -13.351 12.122  2.264   1.00 85.00 ? 56  SER A OG  1 
ATOM   469 N N   . GLY A 1 62  ? -12.645 9.230   3.592   1.00 25.27 ? 57  GLY A N   1 
ATOM   470 C CA  . GLY A 1 62  ? -13.419 7.989   3.743   1.00 25.19 ? 57  GLY A CA  1 
ATOM   471 C C   . GLY A 1 62  ? -12.568 6.742   4.051   1.00 34.69 ? 57  GLY A C   1 
ATOM   472 O O   . GLY A 1 62  ? -13.120 5.657   4.140   1.00 32.28 ? 57  GLY A O   1 
ATOM   473 N N   . VAL A 1 63  ? -11.249 6.823   4.032   1.00 28.84 ? 58  VAL A N   1 
ATOM   474 C CA  . VAL A 1 63  ? -10.464 5.612   4.320   1.00 19.23 ? 58  VAL A CA  1 
ATOM   475 C C   . VAL A 1 63  ? -10.301 5.535   5.826   1.00 16.33 ? 58  VAL A C   1 
ATOM   476 O O   . VAL A 1 63  ? -9.879  6.535   6.391   1.00 19.84 ? 58  VAL A O   1 
ATOM   477 C CB  . VAL A 1 63  ? -9.060  5.770   3.676   1.00 7.71  ? 58  VAL A CB  1 
ATOM   478 C CG1 . VAL A 1 63  ? -8.132  4.635   4.165   1.00 7.76  ? 58  VAL A CG1 1 
ATOM   479 C CG2 . VAL A 1 63  ? -9.237  5.737   2.156   1.00 3.00  ? 58  VAL A CG2 1 
ATOM   480 N N   . PRO A 1 64  ? -10.644 4.441   6.485   1.00 14.64 ? 59  PRO A N   1 
ATOM   481 C CA  . PRO A 1 64  ? -10.558 4.443   7.959   1.00 11.26 ? 59  PRO A CA  1 
ATOM   482 C C   . PRO A 1 64  ? -9.129  4.500   8.506   1.00 11.31 ? 59  PRO A C   1 
ATOM   483 O O   . PRO A 1 64  ? -8.159  4.214   7.818   1.00 13.14 ? 59  PRO A O   1 
ATOM   484 C CB  . PRO A 1 64  ? -11.232 3.170   8.355   1.00 14.59 ? 59  PRO A CB  1 
ATOM   485 C CG  . PRO A 1 64  ? -11.274 2.302   7.134   1.00 15.23 ? 59  PRO A CG  1 
ATOM   486 C CD  . PRO A 1 64  ? -11.218 3.231   5.942   1.00 10.13 ? 59  PRO A CD  1 
ATOM   487 N N   . ASP A 1 65  ? -9.024  4.928   9.736   1.00 20.68 ? 60  ASP A N   1 
ATOM   488 C CA  . ASP A 1 65  ? -7.755  5.169   10.423  1.00 28.23 ? 60  ASP A CA  1 
ATOM   489 C C   . ASP A 1 65  ? -7.014  3.876   10.756  1.00 24.72 ? 60  ASP A C   1 
ATOM   490 O O   . ASP A 1 65  ? -5.848  3.923   11.137  1.00 23.81 ? 60  ASP A O   1 
ATOM   491 C CB  . ASP A 1 65  ? -7.884  6.101   11.693  1.00 44.67 ? 60  ASP A CB  1 
ATOM   492 C CG  . ASP A 1 65  ? -8.709  5.476   12.826  0.50 70.06 ? 60  ASP A CG  1 
ATOM   493 O OD1 . ASP A 1 65  ? -8.760  4.270   13.066  0.50 85.45 ? 60  ASP A OD1 1 
ATOM   494 O OD2 . ASP A 1 65  ? -9.358  6.223   13.546  0.50 86.93 ? 60  ASP A OD2 1 
ATOM   495 N N   . ARG A 1 66  ? -7.686  2.758   10.579  1.00 16.29 ? 61  ARG A N   1 
ATOM   496 C CA  . ARG A 1 66  ? -6.975  1.507   10.755  1.00 13.48 ? 61  ARG A CA  1 
ATOM   497 C C   . ARG A 1 66  ? -5.991  1.220   9.615   1.00 10.27 ? 61  ARG A C   1 
ATOM   498 O O   . ARG A 1 66  ? -5.084  0.453   9.873   1.00 11.52 ? 61  ARG A O   1 
ATOM   499 C CB  . ARG A 1 66  ? -7.921  0.315   11.043  1.00 7.01  ? 61  ARG A CB  1 
ATOM   500 C CG  . ARG A 1 66  ? -8.720  -0.081  9.798   1.00 10.67 ? 61  ARG A CG  1 
ATOM   501 C CD  . ARG A 1 66  ? -9.338  -1.488  9.949   1.00 17.67 ? 61  ARG A CD  1 
ATOM   502 N NE  . ARG A 1 66  ? -10.080 -1.817  8.714   1.00 12.64 ? 61  ARG A NE  1 
ATOM   503 C CZ  . ARG A 1 66  ? -11.327 -1.351  8.507   1.00 22.78 ? 61  ARG A CZ  1 
ATOM   504 N NH1 . ARG A 1 66  ? -11.969 -0.687  9.460   1.00 26.20 ? 61  ARG A NH1 1 
ATOM   505 N NH2 . ARG A 1 66  ? -12.004 -1.610  7.382   1.00 21.85 ? 61  ARG A NH2 1 
ATOM   506 N N   . PHE A 1 67  ? -5.970  2.057   8.553   1.00 4.63  ? 62  PHE A N   1 
ATOM   507 C CA  . PHE A 1 67  ? -4.899  2.031   7.538   1.00 3.00  ? 62  PHE A CA  1 
ATOM   508 C C   . PHE A 1 67  ? -3.851  3.089   7.842   1.00 14.53 ? 62  PHE A C   1 
ATOM   509 O O   . PHE A 1 67  ? -4.199  4.244   8.025   1.00 16.95 ? 62  PHE A O   1 
ATOM   510 C CB  . PHE A 1 67  ? -5.524  2.368   6.174   1.00 4.37  ? 62  PHE A CB  1 
ATOM   511 C CG  . PHE A 1 67  ? -6.369  1.175   5.701   1.00 8.03  ? 62  PHE A CG  1 
ATOM   512 C CD1 . PHE A 1 67  ? -5.764  0.166   5.006   1.00 8.97  ? 62  PHE A CD1 1 
ATOM   513 C CD2 . PHE A 1 67  ? -7.724  1.122   5.955   1.00 19.35 ? 62  PHE A CD2 1 
ATOM   514 C CE1 . PHE A 1 67  ? -6.497  -0.930  4.575   1.00 6.80  ? 62  PHE A CE1 1 
ATOM   515 C CE2 . PHE A 1 67  ? -8.489  0.052   5.477   1.00 13.25 ? 62  PHE A CE2 1 
ATOM   516 C CZ  . PHE A 1 67  ? -7.872  -0.971  4.785   1.00 6.34  ? 62  PHE A CZ  1 
ATOM   517 N N   . THR A 1 68  ? -2.594  2.746   7.972   1.00 6.77  ? 63  THR A N   1 
ATOM   518 C CA  . THR A 1 68  ? -1.586  3.788   8.078   1.00 6.83  ? 63  THR A CA  1 
ATOM   519 C C   . THR A 1 68  ? -0.484  3.533   7.041   1.00 10.46 ? 63  THR A C   1 
ATOM   520 O O   . THR A 1 68  ? 0.135   2.476   7.144   1.00 9.14  ? 63  THR A O   1 
ATOM   521 C CB  . THR A 1 68  ? -0.937  3.653   9.512   1.00 17.18 ? 63  THR A CB  1 
ATOM   522 O OG1 . THR A 1 68  ? -1.969  3.883   10.419  1.00 21.63 ? 63  THR A OG1 1 
ATOM   523 C CG2 . THR A 1 68  ? 0.139   4.720   9.772   1.00 24.67 ? 63  THR A CG2 1 
ATOM   524 N N   . GLY A 1 69  ? -0.084  4.539   6.248   1.00 3.46  ? 64  GLY A N   1 
ATOM   525 C CA  . GLY A 1 69  ? 1.079   4.359   5.366   1.00 3.00  ? 64  GLY A CA  1 
ATOM   526 C C   . GLY A 1 69  ? 2.225   5.118   6.018   1.00 9.65  ? 64  GLY A C   1 
ATOM   527 O O   . GLY A 1 69  ? 1.952   6.127   6.653   1.00 7.74  ? 64  GLY A O   1 
ATOM   528 N N   . SER A 1 70  ? 3.448   4.600   5.935   1.00 7.99  ? 65  SER A N   1 
ATOM   529 C CA  . SER A 1 70  ? 4.602   5.296   6.471   1.00 6.83  ? 65  SER A CA  1 
ATOM   530 C C   . SER A 1 70  ? 5.812   4.972   5.636   1.00 11.00 ? 65  SER A C   1 
ATOM   531 O O   . SER A 1 70  ? 5.764   4.113   4.755   1.00 6.20  ? 65  SER A O   1 
ATOM   532 C CB  . SER A 1 70  ? 4.864   4.926   7.968   1.00 16.57 ? 65  SER A CB  1 
ATOM   533 O OG  . SER A 1 70  ? 4.919   3.528   8.106   1.00 16.05 ? 65  SER A OG  1 
ATOM   534 N N   . GLY A 1 71  ? 6.863   5.638   6.000   1.00 6.55  ? 66  GLY A N   1 
ATOM   535 C CA  . GLY A 1 71  ? 8.209   5.404   5.472   1.00 8.21  ? 66  GLY A CA  1 
ATOM   536 C C   . GLY A 1 71  ? 8.626   6.540   4.534   1.00 9.56  ? 66  GLY A C   1 
ATOM   537 O O   . GLY A 1 71  ? 7.924   7.539   4.440   1.00 10.55 ? 66  GLY A O   1 
ATOM   538 N N   . SER A 1 72  ? 9.821   6.463   3.992   1.00 6.65  ? 67  SER A N   1 
ATOM   539 C CA  . SER A 1 72  ? 10.356  7.629   3.273   1.00 7.49  ? 67  SER A CA  1 
ATOM   540 C C   . SER A 1 72  ? 11.506  7.161   2.394   1.00 9.75  ? 67  SER A C   1 
ATOM   541 O O   . SER A 1 72  ? 12.116  6.145   2.745   1.00 9.89  ? 67  SER A O   1 
ATOM   542 C CB  . SER A 1 72  ? 11.008  8.578   4.355   1.00 9.62  ? 67  SER A CB  1 
ATOM   543 O OG  . SER A 1 72  ? 11.631  9.626   3.642   1.00 24.12 ? 67  SER A OG  1 
ATOM   544 N N   . GLY A 1 73  ? 11.780  7.900   1.322   1.00 5.03  ? 68  GLY A N   1 
ATOM   545 C CA  . GLY A 1 73  ? 12.947  7.577   0.456   1.00 3.00  ? 68  GLY A CA  1 
ATOM   546 C C   . GLY A 1 73  ? 12.641  6.392   -0.470  1.00 10.23 ? 68  GLY A C   1 
ATOM   547 O O   . GLY A 1 73  ? 11.982  6.525   -1.509  1.00 5.10  ? 68  GLY A O   1 
ATOM   548 N N   . THR A 1 74  ? 13.068  5.215   -0.021  1.00 10.68 ? 69  THR A N   1 
ATOM   549 C CA  . THR A 1 74  ? 12.844  3.978   -0.774  1.00 6.73  ? 69  THR A CA  1 
ATOM   550 C C   . THR A 1 74  ? 11.940  3.010   -0.022  1.00 8.80  ? 69  THR A C   1 
ATOM   551 O O   . THR A 1 74  ? 11.569  1.986   -0.597  1.00 4.54  ? 69  THR A O   1 
ATOM   552 C CB  . THR A 1 74  ? 14.178  3.276   -1.185  1.00 8.39  ? 69  THR A CB  1 
ATOM   553 O OG1 . THR A 1 74  ? 14.914  3.003   0.016   1.00 6.44  ? 69  THR A OG1 1 
ATOM   554 C CG2 . THR A 1 74  ? 14.999  4.153   -2.172  1.00 3.10  ? 69  THR A CG2 1 
ATOM   555 N N   . ASP A 1 75  ? 11.795  3.183   1.308   1.00 3.85  ? 70  ASP A N   1 
ATOM   556 C CA  . ASP A 1 75  ? 11.271  2.013   2.102   1.00 4.59  ? 70  ASP A CA  1 
ATOM   557 C C   . ASP A 1 75  ? 9.953   2.423   2.705   1.00 6.24  ? 70  ASP A C   1 
ATOM   558 O O   . ASP A 1 75  ? 9.924   3.394   3.462   1.00 4.58  ? 70  ASP A O   1 
ATOM   559 C CB  . ASP A 1 75  ? 12.241  1.641   3.286   1.00 4.46  ? 70  ASP A CB  1 
ATOM   560 C CG  . ASP A 1 75  ? 13.638  1.256   2.764   1.00 14.53 ? 70  ASP A CG  1 
ATOM   561 O OD1 . ASP A 1 75  ? 13.844  0.914   1.600   1.00 10.84 ? 70  ASP A OD1 1 
ATOM   562 O OD2 . ASP A 1 75  ? 14.615  1.288   3.515   1.00 14.78 ? 70  ASP A OD2 1 
ATOM   563 N N   . PHE A 1 76  ? 8.878   1.761   2.262   1.00 3.15  ? 71  PHE A N   1 
ATOM   564 C CA  . PHE A 1 76  ? 7.557   2.179   2.711   1.00 3.00  ? 71  PHE A CA  1 
ATOM   565 C C   . PHE A 1 76  ? 6.827   0.962   3.311   1.00 5.60  ? 71  PHE A C   1 
ATOM   566 O O   . PHE A 1 76  ? 7.119   -0.197  3.006   1.00 3.00  ? 71  PHE A O   1 
ATOM   567 C CB  . PHE A 1 76  ? 6.767   2.748   1.503   1.00 5.82  ? 71  PHE A CB  1 
ATOM   568 C CG  . PHE A 1 76  ? 7.496   3.962   0.891   1.00 9.28  ? 71  PHE A CG  1 
ATOM   569 C CD1 . PHE A 1 76  ? 7.244   5.233   1.405   1.00 3.00  ? 71  PHE A CD1 1 
ATOM   570 C CD2 . PHE A 1 76  ? 8.420   3.755   -0.144  1.00 6.71  ? 71  PHE A CD2 1 
ATOM   571 C CE1 . PHE A 1 76  ? 7.942   6.338   0.889   1.00 4.02  ? 71  PHE A CE1 1 
ATOM   572 C CE2 . PHE A 1 76  ? 9.127   4.837   -0.660  1.00 3.48  ? 71  PHE A CE2 1 
ATOM   573 C CZ  . PHE A 1 76  ? 8.897   6.131   -0.138  1.00 5.11  ? 71  PHE A CZ  1 
ATOM   574 N N   . THR A 1 77  ? 5.821   1.294   4.076   1.00 3.39  ? 72  THR A N   1 
ATOM   575 C CA  . THR A 1 77  ? 5.040   0.278   4.839   1.00 12.29 ? 72  THR A CA  1 
ATOM   576 C C   . THR A 1 77  ? 3.578   0.676   4.747   1.00 6.41  ? 72  THR A C   1 
ATOM   577 O O   . THR A 1 77  ? 3.259   1.855   4.892   1.00 8.01  ? 72  THR A O   1 
ATOM   578 C CB  . THR A 1 77  ? 5.538   0.338   6.341   1.00 3.00  ? 72  THR A CB  1 
ATOM   579 O OG1 . THR A 1 77  ? 6.878   -0.178  6.206   1.00 13.07 ? 72  THR A OG1 1 
ATOM   580 C CG2 . THR A 1 77  ? 4.803   -0.615  7.203   1.00 9.63  ? 72  THR A CG2 1 
ATOM   581 N N   . LEU A 1 78  ? 2.717   -0.316  4.676   1.00 6.66  ? 73  LEU A N   1 
ATOM   582 C CA  . LEU A 1 78  ? 1.285   -0.130  4.933   1.00 7.09  ? 73  LEU A CA  1 
ATOM   583 C C   . LEU A 1 78  ? 0.916   -1.106  6.064   1.00 10.15 ? 73  LEU A C   1 
ATOM   584 O O   . LEU A 1 78  ? 1.232   -2.298  5.990   1.00 6.24  ? 73  LEU A O   1 
ATOM   585 C CB  . LEU A 1 78  ? 0.408   -0.404  3.672   1.00 3.85  ? 73  LEU A CB  1 
ATOM   586 C CG  . LEU A 1 78  ? -1.117  -0.294  3.921   1.00 3.00  ? 73  LEU A CG  1 
ATOM   587 C CD1 . LEU A 1 78  ? -1.493  1.147   4.123   1.00 3.00  ? 73  LEU A CD1 1 
ATOM   588 C CD2 . LEU A 1 78  ? -1.821  -0.897  2.692   1.00 3.00  ? 73  LEU A CD2 1 
ATOM   589 N N   . THR A 1 79  ? 0.368   -0.528  7.123   1.00 4.96  ? 74  THR A N   1 
ATOM   590 C CA  . THR A 1 79  ? -0.098  -1.320  8.279   1.00 3.00  ? 74  THR A CA  1 
ATOM   591 C C   . THR A 1 79  ? -1.611  -1.211  8.362   1.00 11.07 ? 74  THR A C   1 
ATOM   592 O O   . THR A 1 79  ? -2.152  -0.124  8.168   1.00 8.47  ? 74  THR A O   1 
ATOM   593 C CB  . THR A 1 79  ? 0.508   -0.663  9.551   1.00 3.99  ? 74  THR A CB  1 
ATOM   594 O OG1 . THR A 1 79  ? 1.903   -0.994  9.425   1.00 11.35 ? 74  THR A OG1 1 
ATOM   595 C CG2 . THR A 1 79  ? 0.048   -1.423  10.823  1.00 7.67  ? 74  THR A CG2 1 
ATOM   596 N N   . ILE A 1 80  ? -2.263  -2.337  8.630   1.00 8.88  ? 75  ILE A N   1 
ATOM   597 C CA  . ILE A 1 80  ? -3.703  -2.351  8.962   1.00 6.84  ? 75  ILE A CA  1 
ATOM   598 C C   . ILE A 1 80  ? -3.803  -2.889  10.397  1.00 6.67  ? 75  ILE A C   1 
ATOM   599 O O   . ILE A 1 80  ? -3.270  -3.961  10.731  1.00 7.44  ? 75  ILE A O   1 
ATOM   600 C CB  . ILE A 1 80  ? -4.529  -3.246  8.048   1.00 3.00  ? 75  ILE A CB  1 
ATOM   601 C CG1 . ILE A 1 80  ? -4.285  -2.962  6.536   1.00 7.92  ? 75  ILE A CG1 1 
ATOM   602 C CG2 . ILE A 1 80  ? -6.002  -3.091  8.415   1.00 3.94  ? 75  ILE A CG2 1 
ATOM   603 C CD1 . ILE A 1 80  ? -4.832  -4.090  5.653   1.00 5.44  ? 75  ILE A CD1 1 
ATOM   604 N N   . SER A 1 81  ? -4.221  -2.022  11.264  1.00 11.00 ? 76  SER A N   1 
ATOM   605 C CA  . SER A 1 81  ? -4.090  -2.340  12.720  1.00 9.03  ? 76  SER A CA  1 
ATOM   606 C C   . SER A 1 81  ? -5.120  -3.338  13.202  1.00 10.79 ? 76  SER A C   1 
ATOM   607 O O   . SER A 1 81  ? -4.892  -4.018  14.190  1.00 14.05 ? 76  SER A O   1 
ATOM   608 C CB  . SER A 1 81  ? -4.248  -1.051  13.557  1.00 12.88 ? 76  SER A CB  1 
ATOM   609 O OG  . SER A 1 81  ? -5.512  -0.431  13.268  1.00 19.22 ? 76  SER A OG  1 
ATOM   610 N N   . SER A 1 82  ? -6.243  -3.395  12.556  1.00 9.63  ? 77  SER A N   1 
ATOM   611 C CA  . SER A 1 82  ? -7.281  -4.373  12.971  1.00 5.22  ? 77  SER A CA  1 
ATOM   612 C C   . SER A 1 82  ? -8.067  -4.791  11.701  1.00 11.60 ? 77  SER A C   1 
ATOM   613 O O   . SER A 1 82  ? -9.005  -4.135  11.269  1.00 9.06  ? 77  SER A O   1 
ATOM   614 C CB  . SER A 1 82  ? -8.210  -3.612  13.942  1.00 3.00  ? 77  SER A CB  1 
ATOM   615 O OG  . SER A 1 82  ? -9.268  -4.503  14.296  1.00 9.87  ? 77  SER A OG  1 
ATOM   616 N N   . VAL A 1 83  ? -7.612  -5.827  11.040  1.00 7.34  ? 78  VAL A N   1 
ATOM   617 C CA  . VAL A 1 83  ? -8.168  -6.213  9.732   1.00 9.79  ? 78  VAL A CA  1 
ATOM   618 C C   . VAL A 1 83  ? -9.625  -6.686  9.831   1.00 19.49 ? 78  VAL A C   1 
ATOM   619 O O   . VAL A 1 83  ? -10.000 -7.533  10.646  1.00 14.03 ? 78  VAL A O   1 
ATOM   620 C CB  . VAL A 1 83  ? -7.332  -7.401  9.157   1.00 8.80  ? 78  VAL A CB  1 
ATOM   621 C CG1 . VAL A 1 83  ? -8.050  -7.972  7.928   1.00 8.17  ? 78  VAL A CG1 1 
ATOM   622 C CG2 . VAL A 1 83  ? -5.880  -6.912  8.858   1.00 9.03  ? 78  VAL A CG2 1 
ATOM   623 N N   . GLN A 1 84  ? -10.447 -6.136  8.975   1.00 13.99 ? 79  GLN A N   1 
ATOM   624 C CA  . GLN A 1 84  ? -11.856 -6.535  8.972   1.00 11.26 ? 79  GLN A CA  1 
ATOM   625 C C   . GLN A 1 84  ? -12.215 -7.194  7.648   1.00 15.76 ? 79  GLN A C   1 
ATOM   626 O O   . GLN A 1 84  ? -11.426 -7.191  6.697   1.00 9.51  ? 79  GLN A O   1 
ATOM   627 C CB  . GLN A 1 84  ? -12.734 -5.263  9.190   1.00 8.71  ? 79  GLN A CB  1 
ATOM   628 C CG  . GLN A 1 84  ? -12.555 -4.557  10.561  1.00 6.07  ? 79  GLN A CG  1 
ATOM   629 C CD  . GLN A 1 84  ? -12.734 -5.497  11.773  1.00 19.10 ? 79  GLN A CD  1 
ATOM   630 O OE1 . GLN A 1 84  ? -11.955 -5.406  12.745  1.00 16.67 ? 79  GLN A OE1 1 
ATOM   631 N NE2 . GLN A 1 84  ? -13.682 -6.410  11.716  1.00 11.14 ? 79  GLN A NE2 1 
ATOM   632 N N   . ALA A 1 85  ? -13.384 -7.800  7.633   1.00 12.09 ? 80  ALA A N   1 
ATOM   633 C CA  . ALA A 1 85  ? -13.795 -8.621  6.479   1.00 11.37 ? 80  ALA A CA  1 
ATOM   634 C C   . ALA A 1 85  ? -13.844 -7.800  5.184   1.00 13.42 ? 80  ALA A C   1 
ATOM   635 O O   . ALA A 1 85  ? -13.499 -8.272  4.106   1.00 15.82 ? 80  ALA A O   1 
ATOM   636 C CB  . ALA A 1 85  ? -15.219 -9.170  6.742   1.00 16.59 ? 80  ALA A CB  1 
ATOM   637 N N   . GLU A 1 86  ? -14.115 -6.562  5.282   1.00 10.62 ? 81  GLU A N   1 
ATOM   638 C CA  . GLU A 1 86  ? -14.179 -5.871  4.023   1.00 14.38 ? 81  GLU A CA  1 
ATOM   639 C C   . GLU A 1 86  ? -12.786 -5.443  3.530   1.00 18.27 ? 81  GLU A C   1 
ATOM   640 O O   . GLU A 1 86  ? -12.708 -4.824  2.484   1.00 19.76 ? 81  GLU A O   1 
ATOM   641 C CB  . GLU A 1 86  ? -15.046 -4.630  4.264   1.00 16.64 ? 81  GLU A CB  1 
ATOM   642 C CG  . GLU A 1 86  ? -14.182 -3.556  4.903   1.00 31.85 ? 81  GLU A CG  1 
ATOM   643 C CD  . GLU A 1 86  ? -14.963 -2.988  6.029   1.00 50.60 ? 81  GLU A CD  1 
ATOM   644 O OE1 . GLU A 1 86  ? -15.052 -3.633  7.056   1.00 57.29 ? 81  GLU A OE1 1 
ATOM   645 O OE2 . GLU A 1 86  ? -15.510 -1.900  5.909   1.00 62.40 ? 81  GLU A OE2 1 
ATOM   646 N N   . ASP A 1 87  ? -11.727 -5.708  4.286   1.00 11.31 ? 82  ASP A N   1 
ATOM   647 C CA  . ASP A 1 87  ? -10.381 -5.329  3.825   1.00 5.63  ? 82  ASP A CA  1 
ATOM   648 C C   . ASP A 1 87  ? -9.814  -6.418  2.932   1.00 10.13 ? 82  ASP A C   1 
ATOM   649 O O   . ASP A 1 87  ? -8.689  -6.298  2.486   1.00 6.91  ? 82  ASP A O   1 
ATOM   650 C CB  . ASP A 1 87  ? -9.415  -5.149  5.013   1.00 3.50  ? 82  ASP A CB  1 
ATOM   651 C CG  . ASP A 1 87  ? -9.942  -4.059  5.911   1.00 9.88  ? 82  ASP A CG  1 
ATOM   652 O OD1 . ASP A 1 87  ? -10.621 -3.120  5.486   1.00 8.72  ? 82  ASP A OD1 1 
ATOM   653 O OD2 . ASP A 1 87  ? -9.666  -4.106  7.106   1.00 10.87 ? 82  ASP A OD2 1 
ATOM   654 N N   . LEU A 1 88  ? -10.559 -7.494  2.682   1.00 8.02  ? 83  LEU A N   1 
ATOM   655 C CA  . LEU A 1 88  ? -10.055 -8.548  1.793   1.00 10.23 ? 83  LEU A CA  1 
ATOM   656 C C   . LEU A 1 88  ? -9.764  -7.946  0.391   1.00 15.84 ? 83  LEU A C   1 
ATOM   657 O O   . LEU A 1 88  ? -10.680 -7.445  -0.231  1.00 8.84  ? 83  LEU A O   1 
ATOM   658 C CB  . LEU A 1 88  ? -11.189 -9.600  1.722   1.00 24.65 ? 83  LEU A CB  1 
ATOM   659 C CG  . LEU A 1 88  ? -11.092 -10.859 0.778   1.00 39.56 ? 83  LEU A CG  1 
ATOM   660 C CD1 . LEU A 1 88  ? -11.193 -10.639 -0.729  1.00 58.14 ? 83  LEU A CD1 1 
ATOM   661 C CD2 . LEU A 1 88  ? -9.994  -11.831 1.103   1.00 57.44 ? 83  LEU A CD2 1 
ATOM   662 N N   . ALA A 1 89  ? -8.537  -7.995  -0.113  1.00 5.41  ? 84  ALA A N   1 
ATOM   663 C CA  . ALA A 1 89  ? -8.201  -7.293  -1.364  1.00 3.00  ? 84  ALA A CA  1 
ATOM   664 C C   . ALA A 1 89  ? -6.731  -7.576  -1.649  1.00 6.82  ? 84  ALA A C   1 
ATOM   665 O O   . ALA A 1 89  ? -5.995  -8.142  -0.825  1.00 8.05  ? 84  ALA A O   1 
ATOM   666 C CB  . ALA A 1 89  ? -8.321  -5.779  -1.126  1.00 3.00  ? 84  ALA A CB  1 
ATOM   667 N N   . VAL A 1 90  ? -6.324  -7.098  -2.803  1.00 7.52  ? 85  VAL A N   1 
ATOM   668 C CA  . VAL A 1 90  ? -4.894  -7.034  -3.137  1.00 6.48  ? 85  VAL A CA  1 
ATOM   669 C C   . VAL A 1 90  ? -4.483  -5.573  -2.895  1.00 10.58 ? 85  VAL A C   1 
ATOM   670 O O   . VAL A 1 90  ? -5.177  -4.663  -3.337  1.00 8.71  ? 85  VAL A O   1 
ATOM   671 C CB  . VAL A 1 90  ? -4.608  -7.432  -4.625  1.00 3.97  ? 85  VAL A CB  1 
ATOM   672 C CG1 . VAL A 1 90  ? -3.108  -7.299  -4.923  1.00 3.00  ? 85  VAL A CG1 1 
ATOM   673 C CG2 . VAL A 1 90  ? -4.879  -8.937  -4.852  1.00 5.85  ? 85  VAL A CG2 1 
ATOM   674 N N   . TYR A 1 91  ? -3.340  -5.354  -2.262  1.00 5.01  ? 86  TYR A N   1 
ATOM   675 C CA  . TYR A 1 91  ? -2.882  -3.989  -2.017  1.00 3.83  ? 86  TYR A CA  1 
ATOM   676 C C   . TYR A 1 91  ? -1.676  -3.718  -2.913  1.00 4.90  ? 86  TYR A C   1 
ATOM   677 O O   . TYR A 1 91  ? -0.787  -4.546  -2.946  1.00 6.30  ? 86  TYR A O   1 
ATOM   678 C CB  . TYR A 1 91  ? -2.516  -3.779  -0.495  1.00 3.00  ? 86  TYR A CB  1 
ATOM   679 C CG  . TYR A 1 91  ? -3.805  -3.868  0.338   1.00 7.43  ? 86  TYR A CG  1 
ATOM   680 C CD1 . TYR A 1 91  ? -4.329  -5.108  0.754   1.00 5.60  ? 86  TYR A CD1 1 
ATOM   681 C CD2 . TYR A 1 91  ? -4.508  -2.687  0.577   1.00 4.88  ? 86  TYR A CD2 1 
ATOM   682 C CE1 . TYR A 1 91  ? -5.564  -5.179  1.480   1.00 4.24  ? 86  TYR A CE1 1 
ATOM   683 C CE2 . TYR A 1 91  ? -5.742  -2.739  1.288   1.00 10.28 ? 86  TYR A CE2 1 
ATOM   684 C CZ  . TYR A 1 91  ? -6.254  -3.982  1.749   1.00 10.58 ? 86  TYR A CZ  1 
ATOM   685 O OH  . TYR A 1 91  ? -7.502  -4.025  2.291   1.00 5.26  ? 86  TYR A OH  1 
ATOM   686 N N   . TYR A 1 92  ? -1.655  -2.582  -3.592  1.00 3.00  ? 87  TYR A N   1 
ATOM   687 C CA  . TYR A 1 92  ? -0.519  -2.290  -4.461  1.00 5.28  ? 87  TYR A CA  1 
ATOM   688 C C   . TYR A 1 92  ? 0.110   -0.962  -4.018  1.00 6.85  ? 87  TYR A C   1 
ATOM   689 O O   . TYR A 1 92  ? -0.596  -0.029  -3.654  1.00 7.92  ? 87  TYR A O   1 
ATOM   690 C CB  . TYR A 1 92  ? -1.081  -2.060  -5.879  1.00 4.67  ? 87  TYR A CB  1 
ATOM   691 C CG  . TYR A 1 92  ? -1.585  -3.326  -6.587  1.00 6.17  ? 87  TYR A CG  1 
ATOM   692 C CD1 . TYR A 1 92  ? -0.694  -4.253  -7.085  1.00 4.14  ? 87  TYR A CD1 1 
ATOM   693 C CD2 . TYR A 1 92  ? -2.940  -3.468  -6.816  1.00 6.45  ? 87  TYR A CD2 1 
ATOM   694 C CE1 . TYR A 1 92  ? -1.169  -5.367  -7.798  1.00 3.83  ? 87  TYR A CE1 1 
ATOM   695 C CE2 . TYR A 1 92  ? -3.407  -4.563  -7.490  1.00 4.14  ? 87  TYR A CE2 1 
ATOM   696 C CZ  . TYR A 1 92  ? -2.534  -5.494  -7.971  1.00 5.69  ? 87  TYR A CZ  1 
ATOM   697 O OH  . TYR A 1 92  ? -3.072  -6.579  -8.568  1.00 12.25 ? 87  TYR A OH  1 
ATOM   698 N N   . CYS A 1 93  ? 1.414   -0.861  -4.067  1.00 3.00  ? 88  CYS A N   1 
ATOM   699 C CA  . CYS A 1 93  ? 1.974   0.460   -3.918  1.00 3.00  ? 88  CYS A CA  1 
ATOM   700 C C   . CYS A 1 93  ? 2.401   0.893   -5.337  1.00 9.57  ? 88  CYS A C   1 
ATOM   701 O O   . CYS A 1 93  ? 2.611   0.037   -6.196  1.00 5.57  ? 88  CYS A O   1 
ATOM   702 C CB  . CYS A 1 93  ? 3.208   0.475   -2.981  1.00 3.00  ? 88  CYS A CB  1 
ATOM   703 S SG  . CYS A 1 93  ? 4.533   -0.625  -3.587  1.00 6.97  ? 88  CYS A SG  1 
ATOM   704 N N   . GLN A 1 94  ? 2.480   2.210   -5.592  1.00 3.00  ? 89  GLN A N   1 
ATOM   705 C CA  . GLN A 1 94  ? 2.732   2.701   -6.920  1.00 3.00  ? 89  GLN A CA  1 
ATOM   706 C C   . GLN A 1 94  ? 3.675   3.876   -6.849  1.00 3.69  ? 89  GLN A C   1 
ATOM   707 O O   . GLN A 1 94  ? 3.442   4.757   -6.047  1.00 4.50  ? 89  GLN A O   1 
ATOM   708 C CB  . GLN A 1 94  ? 1.375   3.184   -7.463  1.00 3.00  ? 89  GLN A CB  1 
ATOM   709 C CG  . GLN A 1 94  ? 1.484   3.549   -8.995  1.00 3.00  ? 89  GLN A CG  1 
ATOM   710 C CD  . GLN A 1 94  ? 0.450   4.616   -9.338  1.00 7.74  ? 89  GLN A CD  1 
ATOM   711 O OE1 . GLN A 1 94  ? 0.001   4.711   -10.490 1.00 11.80 ? 89  GLN A OE1 1 
ATOM   712 N NE2 . GLN A 1 94  ? 0.081   5.400   -8.345  1.00 4.49  ? 89  GLN A NE2 1 
ATOM   713 N N   . ASN A 1 95  ? 4.644   3.909   -7.741  1.00 5.05  ? 90  ASN A N   1 
ATOM   714 C CA  . ASN A 1 95  ? 5.410   5.126   -8.018  1.00 4.91  ? 90  ASN A CA  1 
ATOM   715 C C   . ASN A 1 95  ? 4.500   6.050   -8.827  1.00 8.74  ? 90  ASN A C   1 
ATOM   716 O O   . ASN A 1 95  ? 4.074   5.675   -9.920  1.00 3.93  ? 90  ASN A O   1 
ATOM   717 C CB  . ASN A 1 95  ? 6.651   4.696   -8.845  1.00 8.00  ? 90  ASN A CB  1 
ATOM   718 C CG  . ASN A 1 95  ? 7.051   5.695   -9.943  1.00 7.50  ? 90  ASN A CG  1 
ATOM   719 O OD1 . ASN A 1 95  ? 7.128   6.901   -9.705  1.00 8.16  ? 90  ASN A OD1 1 
ATOM   720 N ND2 . ASN A 1 95  ? 7.283   5.142   -11.127 1.00 5.20  ? 90  ASN A ND2 1 
ATOM   721 N N   . ASP A 1 96  ? 4.043   7.148   -8.208  1.00 8.39  ? 91  ASP A N   1 
ATOM   722 C CA  . ASP A 1 96  ? 2.969   7.871   -8.874  1.00 7.17  ? 91  ASP A CA  1 
ATOM   723 C C   . ASP A 1 96  ? 3.373   9.225   -9.466  1.00 13.32 ? 91  ASP A C   1 
ATOM   724 O O   . ASP A 1 96  ? 2.483   9.950   -9.887  1.00 13.34 ? 91  ASP A O   1 
ATOM   725 C CB  . ASP A 1 96  ? 1.829   8.050   -7.872  1.00 4.94  ? 91  ASP A CB  1 
ATOM   726 C CG  . ASP A 1 96  ? 2.204   9.013   -6.731  1.00 14.14 ? 91  ASP A CG  1 
ATOM   727 O OD1 . ASP A 1 96  ? 3.299   9.587   -6.660  1.00 11.49 ? 91  ASP A OD1 1 
ATOM   728 O OD2 . ASP A 1 96  ? 1.355   9.253   -5.866  1.00 10.65 ? 91  ASP A OD2 1 
ATOM   729 N N   . HIS A 1 97  ? 4.659   9.467   -9.632  1.00 5.59  ? 92  HIS A N   1 
ATOM   730 C CA  . HIS A 1 97  ? 5.047   10.740  -10.211 1.00 9.10  ? 92  HIS A CA  1 
ATOM   731 C C   . HIS A 1 97  ? 6.146   10.602  -11.270 1.00 17.95 ? 92  HIS A C   1 
ATOM   732 O O   . HIS A 1 97  ? 6.375   11.520  -12.049 1.00 19.91 ? 92  HIS A O   1 
ATOM   733 C CB  . HIS A 1 97  ? 5.515   11.614  -9.028  1.00 12.87 ? 92  HIS A CB  1 
ATOM   734 C CG  . HIS A 1 97  ? 5.641   13.110  -9.356  1.00 38.43 ? 92  HIS A CG  1 
ATOM   735 N ND1 . HIS A 1 97  ? 4.506   13.941  -9.347  1.00 39.75 ? 92  HIS A ND1 1 
ATOM   736 C CD2 . HIS A 1 97  ? 6.740   13.852  -9.609  1.00 37.91 ? 92  HIS A CD2 1 
ATOM   737 C CE1 . HIS A 1 97  ? 4.930   15.244  -9.641  1.00 61.73 ? 92  HIS A CE1 1 
ATOM   738 N NE2 . HIS A 1 97  ? 6.327   15.179  -9.799  1.00 63.87 ? 92  HIS A NE2 1 
ATOM   739 N N   . SER A 1 98  ? 6.829   9.484   -11.343 1.00 10.51 ? 93  SER A N   1 
ATOM   740 C CA  . SER A 1 98  ? 7.941   9.422   -12.293 1.00 3.00  ? 93  SER A CA  1 
ATOM   741 C C   . SER A 1 98  ? 7.684   8.449   -13.415 1.00 7.44  ? 93  SER A C   1 
ATOM   742 O O   . SER A 1 98  ? 7.461   7.250   -13.212 1.00 9.30  ? 93  SER A O   1 
ATOM   743 C CB  . SER A 1 98  ? 9.239   9.191   -11.443 1.00 15.33 ? 93  SER A CB  1 
ATOM   744 O OG  . SER A 1 98  ? 10.358  8.894   -12.269 1.00 24.94 ? 93  SER A OG  1 
ATOM   745 N N   . TYR A 1 99  ? 7.457   8.991   -14.598 1.00 4.90  ? 94  TYR A N   1 
ATOM   746 C CA  . TYR A 1 99  ? 6.967   8.072   -15.674 1.00 5.05  ? 94  TYR A CA  1 
ATOM   747 C C   . TYR A 1 99  ? 8.032   7.171   -16.264 1.00 12.73 ? 94  TYR A C   1 
ATOM   748 O O   . TYR A 1 99  ? 9.195   7.556   -16.358 1.00 16.61 ? 94  TYR A O   1 
ATOM   749 C CB  . TYR A 1 99  ? 6.430   8.848   -16.877 1.00 9.12  ? 94  TYR A CB  1 
ATOM   750 C CG  . TYR A 1 99  ? 5.027   9.341   -16.557 1.00 12.35 ? 94  TYR A CG  1 
ATOM   751 C CD1 . TYR A 1 99  ? 4.821   10.267  -15.563 1.00 13.58 ? 94  TYR A CD1 1 
ATOM   752 C CD2 . TYR A 1 99  ? 3.968   8.826   -17.280 1.00 13.17 ? 94  TYR A CD2 1 
ATOM   753 C CE1 . TYR A 1 99  ? 3.515   10.693  -15.275 1.00 18.30 ? 94  TYR A CE1 1 
ATOM   754 C CE2 . TYR A 1 99  ? 2.680   9.225   -16.991 1.00 17.71 ? 94  TYR A CE2 1 
ATOM   755 C CZ  . TYR A 1 99  ? 2.447   10.144  -15.998 1.00 22.43 ? 94  TYR A CZ  1 
ATOM   756 O OH  . TYR A 1 99  ? 1.162   10.537  -15.764 1.00 23.05 ? 94  TYR A OH  1 
ATOM   757 N N   . PRO A 1 100 ? 7.640   5.978   -16.669 1.00 8.87  ? 95  PRO A N   1 
ATOM   758 C CA  . PRO A 1 100 ? 6.271   5.468   -16.541 1.00 10.74 ? 95  PRO A CA  1 
ATOM   759 C C   . PRO A 1 100 ? 5.931   5.095   -15.087 1.00 14.38 ? 95  PRO A C   1 
ATOM   760 O O   . PRO A 1 100 ? 6.759   4.531   -14.351 1.00 11.28 ? 95  PRO A O   1 
ATOM   761 C CB  . PRO A 1 100 ? 6.314   4.152   -17.372 1.00 13.51 ? 95  PRO A CB  1 
ATOM   762 C CG  . PRO A 1 100 ? 7.743   3.704   -17.283 1.00 15.46 ? 95  PRO A CG  1 
ATOM   763 C CD  . PRO A 1 100 ? 8.580   4.972   -17.203 1.00 13.47 ? 95  PRO A CD  1 
ATOM   764 N N   . LEU A 1 101 ? 4.709   5.439   -14.756 1.00 3.00  ? 96  LEU A N   1 
ATOM   765 C CA  . LEU A 1 101 ? 4.231   5.159   -13.434 1.00 9.39  ? 96  LEU A CA  1 
ATOM   766 C C   . LEU A 1 101 ? 4.078   3.649   -13.267 1.00 13.03 ? 96  LEU A C   1 
ATOM   767 O O   . LEU A 1 101 ? 3.847   2.989   -14.280 1.00 14.99 ? 96  LEU A O   1 
ATOM   768 C CB  . LEU A 1 101 ? 2.854   5.795   -13.200 1.00 4.25  ? 96  LEU A CB  1 
ATOM   769 C CG  . LEU A 1 101 ? 2.787   7.276   -13.484 1.00 5.63  ? 96  LEU A CG  1 
ATOM   770 C CD1 . LEU A 1 101 ? 1.353   7.702   -13.046 1.00 5.94  ? 96  LEU A CD1 1 
ATOM   771 C CD2 . LEU A 1 101 ? 3.876   7.994   -12.683 1.00 3.00  ? 96  LEU A CD2 1 
ATOM   772 N N   . THR A 1 102 ? 4.531   3.127   -12.124 1.00 8.07  ? 97  THR A N   1 
ATOM   773 C CA  . THR A 1 102 ? 4.774   1.662   -11.935 1.00 4.10  ? 97  THR A CA  1 
ATOM   774 C C   . THR A 1 102 ? 4.157   1.172   -10.627 1.00 10.11 ? 97  THR A C   1 
ATOM   775 O O   . THR A 1 102 ? 4.286   1.823   -9.601  1.00 4.89  ? 97  THR A O   1 
ATOM   776 C CB  . THR A 1 102 ? 6.270   1.226   -12.067 1.00 6.97  ? 97  THR A CB  1 
ATOM   777 O OG1 . THR A 1 102 ? 7.078   2.075   -11.211 1.00 6.44  ? 97  THR A OG1 1 
ATOM   778 C CG2 . THR A 1 102 ? 6.847   1.259   -13.532 1.00 3.00  ? 97  THR A CG2 1 
ATOM   779 N N   . PHE A 1 103 ? 3.460   0.056   -10.707 1.00 9.86  ? 98  PHE A N   1 
ATOM   780 C CA  . PHE A 1 103 ? 2.893   -0.646  -9.545  1.00 6.33  ? 98  PHE A CA  1 
ATOM   781 C C   . PHE A 1 103 ? 3.883   -1.735  -9.095  1.00 11.53 ? 98  PHE A C   1 
ATOM   782 O O   . PHE A 1 103 ? 4.520   -2.381  -9.951  1.00 6.45  ? 98  PHE A O   1 
ATOM   783 C CB  . PHE A 1 103 ? 1.581   -1.336  -9.963  1.00 3.00  ? 98  PHE A CB  1 
ATOM   784 C CG  . PHE A 1 103 ? 0.434   -0.305  -9.986  1.00 5.85  ? 98  PHE A CG  1 
ATOM   785 C CD1 . PHE A 1 103 ? -0.281  -0.086  -8.815  1.00 5.33  ? 98  PHE A CD1 1 
ATOM   786 C CD2 . PHE A 1 103 ? 0.101   0.430   -11.123 1.00 5.17  ? 98  PHE A CD2 1 
ATOM   787 C CE1 . PHE A 1 103 ? -1.388  0.775   -8.790  1.00 3.74  ? 98  PHE A CE1 1 
ATOM   788 C CE2 . PHE A 1 103 ? -1.017  1.319   -11.115 1.00 8.43  ? 98  PHE A CE2 1 
ATOM   789 C CZ  . PHE A 1 103 ? -1.795  1.462   -9.958  1.00 6.86  ? 98  PHE A CZ  1 
ATOM   790 N N   . GLY A 1 104 ? 3.791   -2.086  -7.796  1.00 4.65  ? 99  GLY A N   1 
ATOM   791 C CA  . GLY A 1 104 ? 4.460   -3.318  -7.388  1.00 7.44  ? 99  GLY A CA  1 
ATOM   792 C C   . GLY A 1 104 ? 3.568   -4.522  -7.721  1.00 11.98 ? 99  GLY A C   1 
ATOM   793 O O   . GLY A 1 104 ? 2.437   -4.339  -8.147  1.00 7.76  ? 99  GLY A O   1 
ATOM   794 N N   . ALA A 1 105 ? 3.986   -5.717  -7.364  1.00 5.56  ? 100 ALA A N   1 
ATOM   795 C CA  . ALA A 1 105 ? 3.209   -6.885  -7.789  1.00 3.00  ? 100 ALA A CA  1 
ATOM   796 C C   . ALA A 1 105 ? 2.065   -7.187  -6.817  1.00 9.71  ? 100 ALA A C   1 
ATOM   797 O O   . ALA A 1 105 ? 1.252   -8.065  -7.082  1.00 12.25 ? 100 ALA A O   1 
ATOM   798 C CB  . ALA A 1 105 ? 4.187   -8.073  -7.793  1.00 3.38  ? 100 ALA A CB  1 
ATOM   799 N N   . GLY A 1 106 ? 1.967   -6.455  -5.737  1.00 3.00  ? 101 GLY A N   1 
ATOM   800 C CA  . GLY A 1 106 ? 0.755   -6.607  -4.885  1.00 4.47  ? 101 GLY A CA  1 
ATOM   801 C C   . GLY A 1 106 ? 0.956   -7.516  -3.660  1.00 14.03 ? 101 GLY A C   1 
ATOM   802 O O   . GLY A 1 106 ? 1.827   -8.388  -3.668  1.00 11.59 ? 101 GLY A O   1 
ATOM   803 N N   . THR A 1 107 ? 0.194   -7.241  -2.607  1.00 3.27  ? 102 THR A N   1 
ATOM   804 C CA  . THR A 1 107 ? 0.086   -8.151  -1.449  1.00 4.61  ? 102 THR A CA  1 
ATOM   805 C C   . THR A 1 107 ? -1.373  -8.568  -1.377  1.00 10.11 ? 102 THR A C   1 
ATOM   806 O O   . THR A 1 107 ? -2.221  -7.703  -1.202  1.00 4.70  ? 102 THR A O   1 
ATOM   807 C CB  . THR A 1 107 ? 0.490   -7.498  -0.120  1.00 7.55  ? 102 THR A CB  1 
ATOM   808 O OG1 . THR A 1 107 ? 1.890   -7.193  -0.259  1.00 8.54  ? 102 THR A OG1 1 
ATOM   809 C CG2 . THR A 1 107 ? 0.263   -8.501  1.059   1.00 3.00  ? 102 THR A CG2 1 
ATOM   810 N N   . LYS A 1 108 ? -1.622  -9.857  -1.556  1.00 7.05  ? 103 LYS A N   1 
ATOM   811 C CA  . LYS A 1 108 ? -2.998  -10.353 -1.395  1.00 12.00 ? 103 LYS A CA  1 
ATOM   812 C C   . LYS A 1 108 ? -3.320  -10.637 0.082   1.00 7.62  ? 103 LYS A C   1 
ATOM   813 O O   . LYS A 1 108 ? -2.596  -11.353 0.769   1.00 9.99  ? 103 LYS A O   1 
ATOM   814 C CB  . LYS A 1 108 ? -3.152  -11.627 -2.302  1.00 5.55  ? 103 LYS A CB  1 
ATOM   815 C CG  . LYS A 1 108 ? -4.607  -12.157 -2.324  1.00 18.00 ? 103 LYS A CG  1 
ATOM   816 C CD  . LYS A 1 108 ? -4.665  -13.409 -3.283  1.00 18.13 ? 103 LYS A CD  1 
ATOM   817 C CE  . LYS A 1 108 ? -5.983  -14.196 -3.139  0.00 60.00 ? 103 LYS A CE  1 
ATOM   818 N NZ  . LYS A 1 108 ? -7.137  -13.346 -3.452  0.00 60.00 ? 103 LYS A NZ  1 
ATOM   819 N N   . LEU A 1 109 ? -4.349  -10.014 0.574   1.00 3.00  ? 104 LEU A N   1 
ATOM   820 C CA  . LEU A 1 109 ? -4.706  -10.233 2.018   1.00 3.00  ? 104 LEU A CA  1 
ATOM   821 C C   . LEU A 1 109 ? -5.935  -11.135 2.071   1.00 16.10 ? 104 LEU A C   1 
ATOM   822 O O   . LEU A 1 109 ? -6.976  -10.810 1.491   1.00 14.89 ? 104 LEU A O   1 
ATOM   823 C CB  . LEU A 1 109 ? -5.052  -8.870  2.618   1.00 3.00  ? 104 LEU A CB  1 
ATOM   824 C CG  . LEU A 1 109 ? -5.387  -8.824  4.161   1.00 10.52 ? 104 LEU A CG  1 
ATOM   825 C CD1 . LEU A 1 109 ? -5.449  -7.345  4.583   1.00 19.35 ? 104 LEU A CD1 1 
ATOM   826 C CD2 . LEU A 1 109 ? -6.855  -9.324  4.410   1.00 28.91 ? 104 LEU A CD2 1 
ATOM   827 N N   . GLU A 1 110 ? -5.819  -12.234 2.776   1.00 10.73 ? 105 GLU A N   1 
ATOM   828 C CA  . GLU A 1 110 ? -6.944  -13.191 2.860   1.00 11.46 ? 105 GLU A CA  1 
ATOM   829 C C   . GLU A 1 110 ? -7.267  -13.399 4.324   1.00 15.90 ? 105 GLU A C   1 
ATOM   830 O O   . GLU A 1 110 ? -6.413  -13.143 5.158   1.00 14.19 ? 105 GLU A O   1 
ATOM   831 C CB  . GLU A 1 110 ? -6.508  -14.555 2.327   1.00 16.98 ? 105 GLU A CB  1 
ATOM   832 C CG  . GLU A 1 110 ? -5.749  -14.384 0.994   1.00 40.21 ? 105 GLU A CG  1 
ATOM   833 C CD  . GLU A 1 110 ? -5.107  -15.715 0.636   1.00 66.77 ? 105 GLU A CD  1 
ATOM   834 O OE1 . GLU A 1 110 ? -4.086  -16.111 1.207   1.00 74.04 ? 105 GLU A OE1 1 
ATOM   835 O OE2 . GLU A 1 110 ? -5.629  -16.406 -0.233  1.00 76.02 ? 105 GLU A OE2 1 
ATOM   836 N N   . LEU A 1 111 ? -8.532  -13.584 4.591   1.00 12.79 ? 106 LEU A N   1 
ATOM   837 C CA  . LEU A 1 111 ? -9.081  -13.741 5.948   1.00 29.04 ? 106 LEU A CA  1 
ATOM   838 C C   . LEU A 1 111 ? -9.085  -15.207 6.266   1.00 33.96 ? 106 LEU A C   1 
ATOM   839 O O   . LEU A 1 111 ? -9.466  -16.014 5.418   1.00 31.75 ? 106 LEU A O   1 
ATOM   840 C CB  . LEU A 1 111 ? -10.530 -13.246 6.110   1.00 37.75 ? 106 LEU A CB  1 
ATOM   841 C CG  . LEU A 1 111 ? -10.520 -11.743 6.324   1.00 38.31 ? 106 LEU A CG  1 
ATOM   842 C CD1 . LEU A 1 111 ? -11.647 -11.050 5.581   1.00 54.36 ? 106 LEU A CD1 1 
ATOM   843 C CD2 . LEU A 1 111 ? -10.368 -11.395 7.812   1.00 25.09 ? 106 LEU A CD2 1 
ATOM   844 N N   . LYS A 1 112 ? -8.668  -15.437 7.459   1.00 38.96 ? 107 LYS A N   1 
ATOM   845 C CA  . LYS A 1 112 ? -8.691  -16.782 8.071   1.00 51.15 ? 107 LYS A CA  1 
ATOM   846 C C   . LYS A 1 112 ? -10.014 -17.001 8.842   1.00 47.95 ? 107 LYS A C   1 
ATOM   847 O O   . LYS A 1 112 ? -10.411 -16.154 9.622   1.00 46.32 ? 107 LYS A O   1 
ATOM   848 C CB  . LYS A 1 112 ? -7.486  -16.831 9.034   1.00 41.22 ? 107 LYS A CB  1 
ATOM   849 C CG  . LYS A 1 112 ? -7.182  -18.211 9.595   1.00 50.63 ? 107 LYS A CG  1 
ATOM   850 C CD  . LYS A 1 112 ? -6.139  -18.069 10.708  1.00 65.66 ? 107 LYS A CD  1 
ATOM   851 C CE  . LYS A 1 112 ? -5.788  -19.412 11.388  1.00 78.81 ? 107 LYS A CE  1 
ATOM   852 N NZ  . LYS A 1 112 ? -5.256  -20.392 10.419  1.00 83.16 ? 107 LYS A NZ  1 
ATOM   853 N N   . ARG A 1 113 ? -10.716 -18.088 8.604   1.00 50.57 ? 108 ARG A N   1 
ATOM   854 C CA  . ARG A 1 113 ? -11.905 -18.478 9.374   0.00 60.00 ? 108 ARG A CA  1 
ATOM   855 C C   . ARG A 1 113 ? -11.513 -19.192 10.667  0.00 60.00 ? 108 ARG A C   1 
ATOM   856 O O   . ARG A 1 113 ? -12.271 -20.037 11.138  0.00 60.00 ? 108 ARG A O   1 
ATOM   857 C CB  . ARG A 1 113 ? -12.730 -19.476 8.544   0.00 60.00 ? 108 ARG A CB  1 
ATOM   858 C CG  . ARG A 1 113 ? -13.402 -18.820 7.326   0.00 60.00 ? 108 ARG A CG  1 
ATOM   859 C CD  . ARG A 1 113 ? -14.118 -19.869 6.453   0.00 60.00 ? 108 ARG A CD  1 
ATOM   860 N NE  . ARG A 1 113 ? -15.013 -19.208 5.496   0.00 60.00 ? 108 ARG A NE  1 
ATOM   861 C CZ  . ARG A 1 113 ? -14.799 -19.190 4.195   0.00 60.00 ? 108 ARG A CZ  1 
ATOM   862 N NH1 . ARG A 1 113 ? -13.726 -19.762 3.684   0.00 60.00 ? 108 ARG A NH1 1 
ATOM   863 N NH2 . ARG A 1 113 ? -15.667 -18.596 3.402   0.00 60.00 ? 108 ARG A NH2 1 
ATOM   864 O OXT . ARG A 1 113 ? -10.603 -18.756 11.373  0.00 60.00 ? 108 ARG A OXT 1 
HETATM 865 S S   . SO4 B 2 .   ? -2.466  9.169   11.090  0.50 81.74 ? 318 SO4 A S   1 
HETATM 866 O O1  . SO4 B 2 .   ? -3.145  10.529  11.173  0.50 84.75 ? 318 SO4 A O1  1 
HETATM 867 O O2  . SO4 B 2 .   ? -3.518  8.102   11.172  0.50 87.17 ? 318 SO4 A O2  1 
HETATM 868 O O3  . SO4 B 2 .   ? -1.675  9.005   9.789   0.50 84.95 ? 318 SO4 A O3  1 
HETATM 869 O O4  . SO4 B 2 .   ? -1.558  9.064   12.288  0.50 86.78 ? 318 SO4 A O4  1 
HETATM 870 C C   . ACT C 3 .   ? 1.541   12.010  -4.168  1.00 33.27 ? 319 ACT A C   1 
HETATM 871 O O   . ACT C 3 .   ? 1.878   10.842  -3.895  1.00 15.96 ? 319 ACT A O   1 
HETATM 872 O OXT . ACT C 3 .   ? 1.684   12.887  -3.326  1.00 41.84 ? 319 ACT A OXT 1 
HETATM 873 C CH3 . ACT C 3 .   ? 0.984   12.484  -5.506  1.00 34.54 ? 319 ACT A CH3 1 
HETATM 874 O O   . HOH D 4 .   ? 3.607   4.341   2.653   1.00 3.00  ? 320 HOH A O   1 
HETATM 875 O O   . HOH D 4 .   ? 3.174   -4.795  0.096   1.00 5.92  ? 321 HOH A O   1 
HETATM 876 O O   . HOH D 4 .   ? 3.195   0.658   -15.556 1.00 5.54  ? 322 HOH A O   1 
HETATM 877 O O   . HOH D 4 .   ? 7.055   8.696   -7.718  1.00 7.32  ? 323 HOH A O   1 
HETATM 878 O O   . HOH D 4 .   ? 9.389   -5.220  0.022   1.00 7.59  ? 324 HOH A O   1 
HETATM 879 O O   . HOH D 4 .   ? 9.356   4.401   -13.818 1.00 8.27  ? 325 HOH A O   1 
HETATM 880 O O   . HOH D 4 .   ? -9.668  -9.833  17.146  1.00 8.71  ? 326 HOH A O   1 
HETATM 881 O O   . HOH D 4 .   ? -1.785  7.314   -8.258  1.00 8.97  ? 327 HOH A O   1 
HETATM 882 O O   . HOH D 4 .   ? -10.798 4.018   -8.517  1.00 9.40  ? 328 HOH A O   1 
HETATM 883 O O   . HOH D 4 .   ? 7.320   -2.417  -10.309 1.00 9.65  ? 329 HOH A O   1 
HETATM 884 O O   . HOH D 4 .   ? -11.464 -2.266  -5.236  1.00 9.88  ? 330 HOH A O   1 
HETATM 885 O O   . HOH D 4 .   ? 6.642   -6.227  -6.334  1.00 10.12 ? 331 HOH A O   1 
HETATM 886 O O   . HOH D 4 .   ? 11.777  -6.462  0.448   1.00 10.57 ? 332 HOH A O   1 
HETATM 887 O O   . HOH D 4 .   ? -15.049 -7.952  10.035  1.00 10.72 ? 333 HOH A O   1 
HETATM 888 O O   . HOH D 4 .   ? 2.690   1.975   8.516   1.00 10.91 ? 334 HOH A O   1 
HETATM 889 O O   . HOH D 4 .   ? -1.369  9.346   -6.404  1.00 11.00 ? 335 HOH A O   1 
HETATM 890 O O   . HOH D 4 .   ? -11.523 -1.852  3.244   1.00 11.98 ? 336 HOH A O   1 
HETATM 891 O O   . HOH D 4 .   ? -1.629  6.997   6.778   1.00 12.00 ? 337 HOH A O   1 
HETATM 892 O O   . HOH D 4 .   ? 6.998   -11.565 -1.675  1.00 12.82 ? 338 HOH A O   1 
HETATM 893 O O   . HOH D 4 .   ? 18.365  4.017   -5.516  1.00 12.91 ? 339 HOH A O   1 
HETATM 894 O O   . HOH D 4 .   ? -1.389  -16.751 2.523   0.50 13.50 ? 340 HOH A O   1 
HETATM 895 O O   . HOH D 4 .   ? 12.623  -2.532  -5.828  1.00 13.71 ? 341 HOH A O   1 
HETATM 896 O O   . HOH D 4 .   ? -1.560  7.065   -11.595 0.50 15.24 ? 342 HOH A O   1 
HETATM 897 O O   . HOH D 4 .   ? 13.208  5.345   5.311   1.00 15.46 ? 343 HOH A O   1 
HETATM 898 O O   . HOH D 4 .   ? 4.384   -9.194  -4.175  1.00 17.81 ? 344 HOH A O   1 
HETATM 899 O O   . HOH D 4 .   ? 11.008  6.793   -14.094 1.00 18.15 ? 345 HOH A O   1 
HETATM 900 O O   . HOH D 4 .   ? 17.576  6.784   -5.878  1.00 19.04 ? 346 HOH A O   1 
HETATM 901 O O   . HOH D 4 .   ? 9.828   -1.306  3.400   1.00 19.42 ? 347 HOH A O   1 
HETATM 902 O O   . HOH D 4 .   ? 9.088   10.497  -7.976  1.00 20.23 ? 348 HOH A O   1 
HETATM 903 O O   . HOH D 4 .   ? -2.561  1.248   11.312  1.00 20.36 ? 349 HOH A O   1 
HETATM 904 O O   . HOH D 4 .   ? 6.343   -6.914  5.827   1.00 20.92 ? 350 HOH A O   1 
HETATM 905 O O   . HOH D 4 .   ? 1.659   7.822   9.033   1.00 21.61 ? 351 HOH A O   1 
HETATM 906 O O   . HOH D 4 .   ? 15.268  1.680   -10.873 1.00 22.84 ? 352 HOH A O   1 
HETATM 907 O O   . HOH D 4 .   ? 16.504  9.920   -1.015  1.00 23.12 ? 353 HOH A O   1 
HETATM 908 O O   . HOH D 4 .   ? -11.566 -13.951 10.896  1.00 23.56 ? 354 HOH A O   1 
HETATM 909 O O   . HOH D 4 .   ? -13.346 -7.026  0.304   1.00 24.00 ? 355 HOH A O   1 
HETATM 910 O O   . HOH D 4 .   ? -4.048  10.878  6.737   1.00 24.90 ? 356 HOH A O   1 
HETATM 911 O O   . HOH D 4 .   ? 8.266   11.686  -15.082 1.00 25.41 ? 357 HOH A O   1 
HETATM 912 O O   . HOH D 4 .   ? -10.327 -7.176  -9.719  1.00 27.03 ? 358 HOH A O   1 
HETATM 913 O O   . HOH D 4 .   ? -5.251  -8.087  18.094  1.00 27.40 ? 359 HOH A O   1 
HETATM 914 O O   . HOH D 4 .   ? 15.174  -5.834  -8.099  1.00 27.59 ? 360 HOH A O   1 
HETATM 915 O O   . HOH D 4 .   ? 14.832  3.005   5.671   1.00 27.81 ? 361 HOH A O   1 
HETATM 916 O O   . HOH D 4 .   ? -11.613 -0.986  -2.932  1.00 28.07 ? 362 HOH A O   1 
HETATM 917 O O   . HOH D 4 .   ? -8.617  -8.634  -5.796  1.00 29.10 ? 363 HOH A O   1 
HETATM 918 O O   . HOH D 4 .   ? 13.501  -4.213  2.084   1.00 29.17 ? 364 HOH A O   1 
HETATM 919 O O   . HOH D 4 .   ? 17.388  -1.417  -4.064  1.00 29.54 ? 365 HOH A O   1 
HETATM 920 O O   . HOH D 4 .   ? -9.840  -14.912 2.250   1.00 30.85 ? 366 HOH A O   1 
HETATM 921 O O   . HOH D 4 .   ? 8.325   -2.427  5.920   1.00 30.97 ? 367 HOH A O   1 
HETATM 922 O O   . HOH D 4 .   ? 8.680   -1.837  -12.916 1.00 31.20 ? 368 HOH A O   1 
HETATM 923 O O   . HOH D 4 .   ? 11.953  9.555   -8.298  1.00 32.20 ? 369 HOH A O   1 
HETATM 924 O O   . HOH D 4 .   ? -0.993  -8.705  -8.645  1.00 32.47 ? 370 HOH A O   1 
HETATM 925 O O   . HOH D 4 .   ? -5.252  -5.238  16.610  1.00 32.90 ? 371 HOH A O   1 
HETATM 926 O O   . HOH D 4 .   ? 7.732   -5.405  -9.489  1.00 33.41 ? 372 HOH A O   1 
HETATM 927 O O   . HOH D 4 .   ? -2.827  -3.001  16.109  1.00 33.79 ? 373 HOH A O   1 
HETATM 928 O O   . HOH D 4 .   ? -5.554  -8.107  -8.328  1.00 33.86 ? 374 HOH A O   1 
HETATM 929 O O   . HOH D 4 .   ? 5.724   8.914   5.261   1.00 33.88 ? 375 HOH A O   1 
HETATM 930 O O   . HOH D 4 .   ? 9.202   1.945   6.045   1.00 33.93 ? 376 HOH A O   1 
HETATM 931 O O   . HOH D 4 .   ? -7.671  -11.640 -1.157  1.00 34.54 ? 377 HOH A O   1 
HETATM 932 O O   . HOH D 4 .   ? -10.285 7.155   -2.989  1.00 35.03 ? 378 HOH A O   1 
HETATM 933 O O   . HOH D 4 .   ? 5.261   0.061   -17.043 1.00 35.68 ? 379 HOH A O   1 
HETATM 934 O O   . HOH D 4 .   ? 12.814  -6.940  -10.301 1.00 35.87 ? 380 HOH A O   1 
HETATM 935 O O   . HOH D 4 .   ? 14.538  9.193   3.544   1.00 36.55 ? 381 HOH A O   1 
HETATM 936 O O   . HOH D 4 .   ? 10.684  -3.386  1.776   1.00 36.66 ? 382 HOH A O   1 
HETATM 937 O O   . HOH D 4 .   ? -7.409  13.452  1.594   1.00 36.95 ? 383 HOH A O   1 
HETATM 938 O O   . HOH D 4 .   ? -3.195  -0.992  17.615  1.00 37.29 ? 384 HOH A O   1 
HETATM 939 O O   . HOH D 4 .   ? 7.566   2.614   8.413   1.00 37.48 ? 385 HOH A O   1 
HETATM 940 O O   . HOH D 4 .   ? 0.416   -10.819 -5.064  1.00 37.79 ? 386 HOH A O   1 
HETATM 941 O O   . HOH D 4 .   ? 0.764   12.084  -13.630 1.00 37.83 ? 387 HOH A O   1 
HETATM 942 O O   . HOH D 4 .   ? -15.742 -2.992  9.598   1.00 37.93 ? 388 HOH A O   1 
HETATM 943 O O   . HOH D 4 .   ? 1.693   13.053  2.567   1.00 37.99 ? 389 HOH A O   1 
HETATM 944 O O   . HOH D 4 .   ? 10.959  -0.845  5.637   1.00 38.17 ? 390 HOH A O   1 
HETATM 945 O O   . HOH D 4 .   ? -10.313 -0.637  16.047  1.00 38.55 ? 391 HOH A O   1 
HETATM 946 O O   . HOH D 4 .   ? -8.230  13.853  -2.406  1.00 38.70 ? 392 HOH A O   1 
HETATM 947 O O   . HOH D 4 .   ? -2.723  5.374   13.020  0.50 38.72 ? 393 HOH A O   1 
HETATM 948 O O   . HOH D 4 .   ? 7.597   -9.353  -4.853  1.00 38.82 ? 394 HOH A O   1 
HETATM 949 O O   . HOH D 4 .   ? -12.511 6.225   0.376   1.00 38.94 ? 395 HOH A O   1 
HETATM 950 O O   . HOH D 4 .   ? -14.953 -0.216  -1.961  1.00 40.61 ? 396 HOH A O   1 
HETATM 951 O O   . HOH D 4 .   ? -16.065 -5.868  7.246   1.00 40.94 ? 397 HOH A O   1 
HETATM 952 O O   . HOH D 4 .   ? -3.300  -3.090  19.417  1.00 41.15 ? 398 HOH A O   1 
HETATM 953 O O   . HOH D 4 .   ? -13.746 -12.868 9.355   1.00 41.35 ? 399 HOH A O   1 
HETATM 954 O O   . HOH D 4 .   ? -0.295  9.698   -10.327 1.00 41.37 ? 400 HOH A O   1 
HETATM 955 O O   . HOH D 4 .   ? 4.089   -3.376  12.575  1.00 41.38 ? 401 HOH A O   1 
HETATM 956 O O   . HOH D 4 .   ? 16.584  -6.784  -5.246  1.00 41.75 ? 402 HOH A O   1 
HETATM 957 O O   . HOH D 4 .   ? -15.237 -9.441  1.928   1.00 42.58 ? 403 HOH A O   1 
HETATM 958 O O   . HOH D 4 .   ? 7.010   1.445   -20.714 1.00 44.19 ? 404 HOH A O   1 
HETATM 959 O O   . HOH D 4 .   ? 13.702  -6.751  -6.083  1.00 44.40 ? 405 HOH A O   1 
HETATM 960 O O   . HOH D 4 .   ? 12.526  -9.502  -5.730  1.00 44.58 ? 406 HOH A O   1 
HETATM 961 O O   . HOH D 4 .   ? 4.951   13.500  -13.349 1.00 44.67 ? 407 HOH A O   1 
HETATM 962 O O   . HOH D 4 .   ? -2.214  1.226   15.761  1.00 45.37 ? 408 HOH A O   1 
HETATM 963 O O   . HOH D 4 .   ? 7.924   -8.371  -7.319  1.00 45.41 ? 409 HOH A O   1 
HETATM 964 O O   . HOH D 4 .   ? 16.692  13.140  -1.237  1.00 46.41 ? 410 HOH A O   1 
HETATM 965 O O   . HOH D 4 .   ? 5.004   13.011  1.672   1.00 47.30 ? 411 HOH A O   1 
HETATM 966 O O   . HOH D 4 .   ? -11.585 1.298   3.230   1.00 47.59 ? 412 HOH A O   1 
HETATM 967 O O   . HOH D 4 .   ? 5.869   11.206  3.376   1.00 47.71 ? 413 HOH A O   1 
HETATM 968 O O   . HOH D 4 .   ? -8.352  -10.797 -3.640  1.00 48.02 ? 414 HOH A O   1 
HETATM 969 O O   . HOH D 4 .   ? 5.295   -5.203  -10.687 1.00 48.10 ? 415 HOH A O   1 
HETATM 970 O O   . HOH D 4 .   ? -1.051  11.211  7.977   1.00 48.18 ? 416 HOH A O   1 
HETATM 971 O O   . HOH D 4 .   ? 6.792   -2.058  11.145  0.50 48.32 ? 417 HOH A O   1 
HETATM 972 O O   . HOH D 4 .   ? -14.444 0.835   9.001   1.00 48.56 ? 418 HOH A O   1 
HETATM 973 O O   . HOH D 4 .   ? -7.845  -0.039  14.851  1.00 49.03 ? 419 HOH A O   1 
HETATM 974 O O   . HOH D 4 .   ? 2.553   -8.737  8.525   1.00 49.09 ? 420 HOH A O   1 
HETATM 975 O O   . HOH D 4 .   ? 4.255   -0.394  11.265  1.00 49.44 ? 421 HOH A O   1 
HETATM 976 O O   . HOH D 4 .   ? -4.116  -19.915 6.949   1.00 49.95 ? 422 HOH A O   1 
HETATM 977 O O   . HOH D 4 .   ? -11.852 1.150   0.431   1.00 50.78 ? 423 HOH A O   1 
HETATM 978 O O   . HOH D 4 .   ? 0.197   -4.942  18.672  1.00 50.83 ? 424 HOH A O   1 
HETATM 979 O O   . HOH D 4 .   ? 11.317  11.684  -12.861 1.00 51.35 ? 425 HOH A O   1 
HETATM 980 O O   . HOH D 4 .   ? -9.037  -14.120 -1.054  1.00 51.69 ? 426 HOH A O   1 
HETATM 981 O O   . HOH D 4 .   ? -7.051  -18.003 4.637   1.00 52.01 ? 427 HOH A O   1 
HETATM 982 O O   . HOH D 4 .   ? 4.860   -3.162  -13.084 1.00 52.52 ? 428 HOH A O   1 
HETATM 983 O O   . HOH D 4 .   ? 2.291   1.788   11.468  1.00 53.36 ? 429 HOH A O   1 
HETATM 984 O O   . HOH D 4 .   ? 14.464  4.741   -14.177 1.00 53.36 ? 430 HOH A O   1 
HETATM 985 O O   . HOH D 4 .   ? 5.529   -5.984  -13.286 1.00 53.81 ? 431 HOH A O   1 
HETATM 986 O O   . HOH D 4 .   ? 9.031   -5.143  -12.365 1.00 54.70 ? 432 HOH A O   1 
HETATM 987 O O   . HOH D 4 .   ? 15.698  1.969   8.466   1.00 55.51 ? 433 HOH A O   1 
HETATM 988 O O   . HOH D 4 .   ? 2.138   12.756  -8.635  1.00 57.28 ? 434 HOH A O   1 
HETATM 989 O O   . HOH D 4 .   ? -15.283 -8.030  -12.548 1.00 57.32 ? 435 HOH A O   1 
HETATM 990 O O   . HOH D 4 .   ? 16.880  -4.877  -1.135  0.50 59.52 ? 436 HOH A O   1 
HETATM 991 O O   . HOH D 4 .   ? 12.917  5.692   -16.651 1.00 61.62 ? 437 HOH A O   1 
HETATM 992 O O   . HOH D 4 .   ? -2.059  -10.691 -6.836  1.00 62.94 ? 438 HOH A O   1 
HETATM 993 O O   . HOH D 4 .   ? -6.538  -12.454 -6.315  1.00 64.97 ? 439 HOH A O   1 
# 
